data_1K0K
# 
_entry.id   1K0K 
# 
_audit_conform.dict_name       mmcif_pdbx.dic 
_audit_conform.dict_version    5.376 
_audit_conform.dict_location   http://mmcif.pdb.org/dictionaries/ascii/mmcif_pdbx.dic 
# 
loop_
_database_2.database_id 
_database_2.database_code 
_database_2.pdbx_database_accession 
_database_2.pdbx_DOI 
PDB   1K0K         pdb_00001k0k 10.2210/pdb1k0k/pdb 
RCSB  RCSB014408   ?            ?                   
WWPDB D_1000014408 ?            ?                   
# 
_pdbx_database_related.db_name        PDB 
_pdbx_database_related.db_id          1YPR 
_pdbx_database_related.details        '1YPR contains the same protein crystallized in hexagonal space group' 
_pdbx_database_related.content_type   unspecified 
# 
_pdbx_database_status.status_code                     REL 
_pdbx_database_status.entry_id                        1K0K 
_pdbx_database_status.recvd_initial_deposition_date   2001-09-19 
_pdbx_database_status.deposit_site                    RCSB 
_pdbx_database_status.process_site                    RCSB 
_pdbx_database_status.SG_entry                        . 
_pdbx_database_status.pdb_format_compatible           Y 
_pdbx_database_status.status_code_mr                  ? 
_pdbx_database_status.status_code_sf                  ? 
_pdbx_database_status.status_code_cs                  ? 
_pdbx_database_status.status_code_nmr_data            ? 
_pdbx_database_status.methods_development_category    ? 
# 
loop_
_audit_author.name 
_audit_author.pdbx_ordinal 
'Vorobiev, S.'  1 
'Fedorov, A.A.' 2 
'Almo, S.C.'    3 
# 
loop_
_citation.id 
_citation.title 
_citation.journal_abbrev 
_citation.journal_volume 
_citation.page_first 
_citation.page_last 
_citation.year 
_citation.journal_id_ASTM 
_citation.country 
_citation.journal_id_ISSN 
_citation.journal_id_CSD 
_citation.book_publisher 
_citation.pdbx_database_id_PubMed 
_citation.pdbx_database_id_DOI 
primary 'A Comparative Structural Analysis of Profilins' 'To be Published'      ?   ?     ?     ?    ?      ?  ?         0353 ? ? 
?                               
1       'Structure Determination and Characterization of Saccharomyces Cerevisae Profilin' Biochemistry           37  11171 11181 
1998 BICHAW US 0006-2960 0033 ? ? 10.1021/bi9720033               
2       
;X-Ray Structures of Isoforms of the Actin-Binding Protein Profilin That Differ in their Affinity for Phosphatidylinositol Phosphates
;
Proc.Natl.Acad.Sci.USA 91  8636  8640  1994 PNASA6 US 0027-8424 0040 ? ? ?                               
3       'Purification, Characterization and Crystallization of Human Platelet Profilin Expressed in Escherichia Coli' J.Mol.Biol. 
241 480   482   1994 JMOBAK UK 0022-2836 0070 ? ? 10.1006/jmbi.1994.1522          
4       'The Molecular Basis for Allergen Cross-Reactivity: Crystal Structure and Ige-Epitope Mapping of Birch Pollen Profilin' 
Structure              5   33    45    1997 STRUE6 UK 0969-2126 2005 ? ? '10.1016/S0969-2126(97)00164-0' 
# 
loop_
_citation_author.citation_id 
_citation_author.name 
_citation_author.ordinal 
_citation_author.identifier_ORCID 
primary 'Vorobiev, S.'     1  ? 
primary 'Fedorov, A.A.'    2  ? 
primary 'Almo, S.C.'       3  ? 
1       'Eads, J.C.'       4  ? 
1       'Mahoney, N.M.'    5  ? 
1       'Vorobiev, S.'     6  ? 
1       'Bresnick, A.R.'   7  ? 
1       'Wen, K.K.'        8  ? 
1       'Rubenstein, P.A.' 9  ? 
1       'Haarer, B.K.'     10 ? 
1       'Almo, S.C.'       11 ? 
2       'Fedorov, A.A.'    12 ? 
2       'Magnus, K.A.'     13 ? 
2       'Graupe, M.H.'     14 ? 
2       'Lattman, E.E.'    15 ? 
2       'Pollard, T.D.'    16 ? 
2       'Almo, S.C.'       17 ? 
3       'Fedorov, A.A.'    18 ? 
3       'Pollard, T.D.'    19 ? 
3       'Almo, S.C.'       20 ? 
4       'Fedorov, A.A.'    21 ? 
4       'Ball, T.'         22 ? 
4       'Mahoney, N.M.'    23 ? 
4       'Valenta, R.'      24 ? 
4       'Almo, S.C.'       25 ? 
# 
_cell.entry_id           1K0K 
_cell.length_a           126.682 
_cell.length_b           126.682 
_cell.length_c           126.682 
_cell.angle_alpha        90.0 
_cell.angle_beta         90.0 
_cell.angle_gamma        90.0 
_cell.Z_PDB              24 
_cell.pdbx_unique_axis   ? 
# 
_symmetry.entry_id                         1K0K 
_symmetry.space_group_name_H-M             'P 43 3 2' 
_symmetry.pdbx_full_space_group_name_H-M   ? 
_symmetry.cell_setting                     ? 
_symmetry.Int_Tables_number                212 
# 
loop_
_entity.id 
_entity.type 
_entity.src_method 
_entity.pdbx_description 
_entity.formula_weight 
_entity.pdbx_number_of_molecules 
_entity.pdbx_ec 
_entity.pdbx_mutation 
_entity.pdbx_fragment 
_entity.details 
1 polymer     man PROFILIN 13559.190 1  ? ? ? ? 
2 non-polymer syn GLYCEROL 92.094    1  ? ? ? ? 
3 water       nat water    18.015    81 ? ? ? ? 
# 
_entity_poly.entity_id                      1 
_entity_poly.type                           'polypeptide(L)' 
_entity_poly.nstd_linkage                   no 
_entity_poly.nstd_monomer                   no 
_entity_poly.pdbx_seq_one_letter_code       
;SWQAYTDNLIGTGKVDKAVIYSRAGDAVWATSGGLSLQPNEIGEIVQGFDNPAGLQSNGLHIQGQKFMLLRADDRSIYGR
HDAEGVVCVRTKQTVIIAHYPPTVQAGEATKIVEQLADYLIGVQY
;
_entity_poly.pdbx_seq_one_letter_code_can   
;SWQAYTDNLIGTGKVDKAVIYSRAGDAVWATSGGLSLQPNEIGEIVQGFDNPAGLQSNGLHIQGQKFMLLRADDRSIYGR
HDAEGVVCVRTKQTVIIAHYPPTVQAGEATKIVEQLADYLIGVQY
;
_entity_poly.pdbx_strand_id                 A 
_entity_poly.pdbx_target_identifier         ? 
# 
loop_
_entity_poly_seq.entity_id 
_entity_poly_seq.num 
_entity_poly_seq.mon_id 
_entity_poly_seq.hetero 
1 1   SER n 
1 2   TRP n 
1 3   GLN n 
1 4   ALA n 
1 5   TYR n 
1 6   THR n 
1 7   ASP n 
1 8   ASN n 
1 9   LEU n 
1 10  ILE n 
1 11  GLY n 
1 12  THR n 
1 13  GLY n 
1 14  LYS n 
1 15  VAL n 
1 16  ASP n 
1 17  LYS n 
1 18  ALA n 
1 19  VAL n 
1 20  ILE n 
1 21  TYR n 
1 22  SER n 
1 23  ARG n 
1 24  ALA n 
1 25  GLY n 
1 26  ASP n 
1 27  ALA n 
1 28  VAL n 
1 29  TRP n 
1 30  ALA n 
1 31  THR n 
1 32  SER n 
1 33  GLY n 
1 34  GLY n 
1 35  LEU n 
1 36  SER n 
1 37  LEU n 
1 38  GLN n 
1 39  PRO n 
1 40  ASN n 
1 41  GLU n 
1 42  ILE n 
1 43  GLY n 
1 44  GLU n 
1 45  ILE n 
1 46  VAL n 
1 47  GLN n 
1 48  GLY n 
1 49  PHE n 
1 50  ASP n 
1 51  ASN n 
1 52  PRO n 
1 53  ALA n 
1 54  GLY n 
1 55  LEU n 
1 56  GLN n 
1 57  SER n 
1 58  ASN n 
1 59  GLY n 
1 60  LEU n 
1 61  HIS n 
1 62  ILE n 
1 63  GLN n 
1 64  GLY n 
1 65  GLN n 
1 66  LYS n 
1 67  PHE n 
1 68  MET n 
1 69  LEU n 
1 70  LEU n 
1 71  ARG n 
1 72  ALA n 
1 73  ASP n 
1 74  ASP n 
1 75  ARG n 
1 76  SER n 
1 77  ILE n 
1 78  TYR n 
1 79  GLY n 
1 80  ARG n 
1 81  HIS n 
1 82  ASP n 
1 83  ALA n 
1 84  GLU n 
1 85  GLY n 
1 86  VAL n 
1 87  VAL n 
1 88  CYS n 
1 89  VAL n 
1 90  ARG n 
1 91  THR n 
1 92  LYS n 
1 93  GLN n 
1 94  THR n 
1 95  VAL n 
1 96  ILE n 
1 97  ILE n 
1 98  ALA n 
1 99  HIS n 
1 100 TYR n 
1 101 PRO n 
1 102 PRO n 
1 103 THR n 
1 104 VAL n 
1 105 GLN n 
1 106 ALA n 
1 107 GLY n 
1 108 GLU n 
1 109 ALA n 
1 110 THR n 
1 111 LYS n 
1 112 ILE n 
1 113 VAL n 
1 114 GLU n 
1 115 GLN n 
1 116 LEU n 
1 117 ALA n 
1 118 ASP n 
1 119 TYR n 
1 120 LEU n 
1 121 ILE n 
1 122 GLY n 
1 123 VAL n 
1 124 GLN n 
1 125 TYR n 
# 
_entity_src_gen.entity_id                          1 
_entity_src_gen.pdbx_src_id                        1 
_entity_src_gen.pdbx_alt_source_flag               sample 
_entity_src_gen.pdbx_seq_type                      ? 
_entity_src_gen.pdbx_beg_seq_num                   ? 
_entity_src_gen.pdbx_end_seq_num                   ? 
_entity_src_gen.gene_src_common_name               
;baker's yeast
;
_entity_src_gen.gene_src_genus                     Saccharomyces 
_entity_src_gen.pdbx_gene_src_gene                 ? 
_entity_src_gen.gene_src_species                   ? 
_entity_src_gen.gene_src_strain                    ? 
_entity_src_gen.gene_src_tissue                    ? 
_entity_src_gen.gene_src_tissue_fraction           ? 
_entity_src_gen.gene_src_details                   ? 
_entity_src_gen.pdbx_gene_src_fragment             ? 
_entity_src_gen.pdbx_gene_src_scientific_name      'Saccharomyces cerevisiae' 
_entity_src_gen.pdbx_gene_src_ncbi_taxonomy_id     4932 
_entity_src_gen.pdbx_gene_src_variant              ? 
_entity_src_gen.pdbx_gene_src_cell_line            ? 
_entity_src_gen.pdbx_gene_src_atcc                 ? 
_entity_src_gen.pdbx_gene_src_organ                ? 
_entity_src_gen.pdbx_gene_src_organelle            ? 
_entity_src_gen.pdbx_gene_src_cell                 ? 
_entity_src_gen.pdbx_gene_src_cellular_location    ? 
_entity_src_gen.host_org_common_name               ? 
_entity_src_gen.pdbx_host_org_scientific_name      'Escherichia coli' 
_entity_src_gen.pdbx_host_org_ncbi_taxonomy_id     562 
_entity_src_gen.host_org_genus                     Escherichia 
_entity_src_gen.pdbx_host_org_gene                 ? 
_entity_src_gen.pdbx_host_org_organ                ? 
_entity_src_gen.host_org_species                   ? 
_entity_src_gen.pdbx_host_org_tissue               ? 
_entity_src_gen.pdbx_host_org_tissue_fraction      ? 
_entity_src_gen.pdbx_host_org_strain               ? 
_entity_src_gen.pdbx_host_org_variant              ? 
_entity_src_gen.pdbx_host_org_cell_line            ? 
_entity_src_gen.pdbx_host_org_atcc                 ? 
_entity_src_gen.pdbx_host_org_culture_collection   ? 
_entity_src_gen.pdbx_host_org_cell                 ? 
_entity_src_gen.pdbx_host_org_organelle            ? 
_entity_src_gen.pdbx_host_org_cellular_location    ? 
_entity_src_gen.pdbx_host_org_vector_type          ? 
_entity_src_gen.pdbx_host_org_vector               ? 
_entity_src_gen.host_org_details                   ? 
_entity_src_gen.expression_system_id               ? 
_entity_src_gen.plasmid_name                       ? 
_entity_src_gen.plasmid_details                    ? 
_entity_src_gen.pdbx_description                   ? 
# 
_struct_ref.id                         1 
_struct_ref.db_name                    UNP 
_struct_ref.db_code                    PROF_YEAST 
_struct_ref.entity_id                  1 
_struct_ref.pdbx_seq_one_letter_code   
;SWQAYTDNLIGTGKVDKAVIYSRAGDAVWATSGGLSLQPNEIGEIVQGFDNPAGLQSNGLHIQGQKFMLLRADDRSIYGR
HDAEGVVCVRTKQTVIIAHYPPTVQAGEATKIVEQLADYLIGVQY
;
_struct_ref.pdbx_align_begin           2 
_struct_ref.pdbx_db_accession          P07274 
_struct_ref.pdbx_db_isoform            ? 
# 
_struct_ref_seq.align_id                      1 
_struct_ref_seq.ref_id                        1 
_struct_ref_seq.pdbx_PDB_id_code              1K0K 
_struct_ref_seq.pdbx_strand_id                A 
_struct_ref_seq.seq_align_beg                 1 
_struct_ref_seq.pdbx_seq_align_beg_ins_code   ? 
_struct_ref_seq.seq_align_end                 125 
_struct_ref_seq.pdbx_seq_align_end_ins_code   ? 
_struct_ref_seq.pdbx_db_accession             P07274 
_struct_ref_seq.db_align_beg                  2 
_struct_ref_seq.pdbx_db_align_beg_ins_code    ? 
_struct_ref_seq.db_align_end                  126 
_struct_ref_seq.pdbx_db_align_end_ins_code    ? 
_struct_ref_seq.pdbx_auth_seq_align_beg       1 
_struct_ref_seq.pdbx_auth_seq_align_end       125 
# 
loop_
_chem_comp.id 
_chem_comp.type 
_chem_comp.mon_nstd_flag 
_chem_comp.name 
_chem_comp.pdbx_synonyms 
_chem_comp.formula 
_chem_comp.formula_weight 
ALA 'L-peptide linking' y ALANINE         ?                               'C3 H7 N O2'     89.093  
ARG 'L-peptide linking' y ARGININE        ?                               'C6 H15 N4 O2 1' 175.209 
ASN 'L-peptide linking' y ASPARAGINE      ?                               'C4 H8 N2 O3'    132.118 
ASP 'L-peptide linking' y 'ASPARTIC ACID' ?                               'C4 H7 N O4'     133.103 
CYS 'L-peptide linking' y CYSTEINE        ?                               'C3 H7 N O2 S'   121.158 
GLN 'L-peptide linking' y GLUTAMINE       ?                               'C5 H10 N2 O3'   146.144 
GLU 'L-peptide linking' y 'GLUTAMIC ACID' ?                               'C5 H9 N O4'     147.129 
GLY 'peptide linking'   y GLYCINE         ?                               'C2 H5 N O2'     75.067  
GOL non-polymer         . GLYCEROL        'GLYCERIN; PROPANE-1,2,3-TRIOL' 'C3 H8 O3'       92.094  
HIS 'L-peptide linking' y HISTIDINE       ?                               'C6 H10 N3 O2 1' 156.162 
HOH non-polymer         . WATER           ?                               'H2 O'           18.015  
ILE 'L-peptide linking' y ISOLEUCINE      ?                               'C6 H13 N O2'    131.173 
LEU 'L-peptide linking' y LEUCINE         ?                               'C6 H13 N O2'    131.173 
LYS 'L-peptide linking' y LYSINE          ?                               'C6 H15 N2 O2 1' 147.195 
MET 'L-peptide linking' y METHIONINE      ?                               'C5 H11 N O2 S'  149.211 
PHE 'L-peptide linking' y PHENYLALANINE   ?                               'C9 H11 N O2'    165.189 
PRO 'L-peptide linking' y PROLINE         ?                               'C5 H9 N O2'     115.130 
SER 'L-peptide linking' y SERINE          ?                               'C3 H7 N O3'     105.093 
THR 'L-peptide linking' y THREONINE       ?                               'C4 H9 N O3'     119.119 
TRP 'L-peptide linking' y TRYPTOPHAN      ?                               'C11 H12 N2 O2'  204.225 
TYR 'L-peptide linking' y TYROSINE        ?                               'C9 H11 N O3'    181.189 
VAL 'L-peptide linking' y VALINE          ?                               'C5 H11 N O2'    117.146 
# 
_exptl.entry_id          1K0K 
_exptl.method            'X-RAY DIFFRACTION' 
_exptl.crystals_number   1 
# 
_exptl_crystal.id                    1 
_exptl_crystal.density_meas          ? 
_exptl_crystal.density_Matthews      6.165 
_exptl_crystal.density_percent_sol   79.28 
_exptl_crystal.description           ? 
# 
_exptl_crystal_grow.crystal_id      1 
_exptl_crystal_grow.method          'VAPOR DIFFUSION, HANGING DROP' 
_exptl_crystal_grow.temp            293.0 
_exptl_crystal_grow.temp_details    ? 
_exptl_crystal_grow.pH              4.6 
_exptl_crystal_grow.pdbx_details    'sodium format, sodium acetate, pH 4.6, VAPOR DIFFUSION, HANGING DROP, temperature 293.0K' 
_exptl_crystal_grow.pdbx_pH_range   . 
# 
_diffrn.id                     1 
_diffrn.ambient_temp           100.0 
_diffrn.ambient_temp_details   ? 
_diffrn.crystal_id             1 
# 
_diffrn_detector.diffrn_id              1 
_diffrn_detector.detector               CCD 
_diffrn_detector.type                   'ADSC QUANTUM 4' 
_diffrn_detector.pdbx_collection_date   2001-07-05 
_diffrn_detector.details                ? 
# 
_diffrn_radiation.diffrn_id                        1 
_diffrn_radiation.wavelength_id                    1 
_diffrn_radiation.pdbx_monochromatic_or_laue_m_l   M 
_diffrn_radiation.monochromator                    ? 
_diffrn_radiation.pdbx_diffrn_protocol             'SINGLE WAVELENGTH' 
_diffrn_radiation.pdbx_scattering_type             x-ray 
# 
_diffrn_radiation_wavelength.id           1 
_diffrn_radiation_wavelength.wavelength   0.98 
_diffrn_radiation_wavelength.wt           1.0 
# 
_diffrn_source.diffrn_id                   1 
_diffrn_source.source                      SYNCHROTRON 
_diffrn_source.type                        'NSLS BEAMLINE X9A' 
_diffrn_source.pdbx_synchrotron_site       NSLS 
_diffrn_source.pdbx_synchrotron_beamline   X9A 
_diffrn_source.pdbx_wavelength             ? 
_diffrn_source.pdbx_wavelength_list        0.98 
# 
_reflns.entry_id                     1K0K 
_reflns.observed_criterion_sigma_I   0.0 
_reflns.observed_criterion_sigma_F   0.0 
_reflns.d_resolution_low             20.0 
_reflns.d_resolution_high            2.35 
_reflns.number_obs                   14401 
_reflns.number_all                   14401 
_reflns.percent_possible_obs         96.0 
_reflns.pdbx_Rmerge_I_obs            0.0500000 
_reflns.pdbx_Rsym_value              ? 
_reflns.pdbx_netI_over_sigmaI        45.3 
_reflns.B_iso_Wilson_estimate        34.5 
_reflns.pdbx_redundancy              ? 
_reflns.R_free_details               ? 
_reflns.limit_h_max                  ? 
_reflns.limit_h_min                  ? 
_reflns.limit_k_max                  ? 
_reflns.limit_k_min                  ? 
_reflns.limit_l_max                  ? 
_reflns.limit_l_min                  ? 
_reflns.observed_criterion_F_max     ? 
_reflns.observed_criterion_F_min     ? 
_reflns.pdbx_ordinal                 1 
_reflns.pdbx_diffrn_id               1 
# 
_reflns_shell.d_res_high             2.35 
_reflns_shell.d_res_low              2.43 
_reflns_shell.percent_possible_all   92.0 
_reflns_shell.Rmerge_I_obs           0.2650000 
_reflns_shell.pdbx_Rsym_value        ? 
_reflns_shell.meanI_over_sigI_obs    12.900 
_reflns_shell.pdbx_redundancy        ? 
_reflns_shell.percent_possible_obs   ? 
_reflns_shell.number_unique_all      ? 
_reflns_shell.pdbx_ordinal           1 
_reflns_shell.pdbx_diffrn_id         1 
# 
_refine.entry_id                                 1K0K 
_refine.ls_number_reflns_obs                     14013 
_refine.ls_number_reflns_all                     14401 
_refine.pdbx_ls_sigma_I                          ? 
_refine.pdbx_ls_sigma_F                          1.0 
_refine.pdbx_data_cutoff_high_absF               ? 
_refine.pdbx_data_cutoff_low_absF                ? 
_refine.ls_d_res_low                             20.0 
_refine.ls_d_res_high                            2.35 
_refine.ls_percent_reflns_obs                    93.5 
_refine.ls_R_factor_obs                          0.2140000 
_refine.ls_R_factor_all                          0.2220000 
_refine.ls_R_factor_R_work                       0.2110000 
_refine.ls_R_factor_R_free                       0.2300000 
_refine.ls_R_factor_R_free_error                 0.006 
_refine.ls_R_factor_R_free_error_details         ? 
_refine.ls_percent_reflns_R_free                 10.2 
_refine.ls_number_reflns_R_free                  1427 
_refine.ls_number_parameters                     ? 
_refine.ls_number_restraints                     ? 
_refine.occupancy_min                            ? 
_refine.occupancy_max                            ? 
_refine.B_iso_mean                               48.2 
_refine.aniso_B[1][1]                            ? 
_refine.aniso_B[2][2]                            ? 
_refine.aniso_B[3][3]                            ? 
_refine.aniso_B[1][2]                            ? 
_refine.aniso_B[1][3]                            ? 
_refine.aniso_B[2][3]                            ? 
_refine.solvent_model_details                    'flat model' 
_refine.solvent_model_param_ksol                 0.391558 
_refine.solvent_model_param_bsol                 76.5199 
_refine.pdbx_ls_cross_valid_method               THROUGHOUT 
_refine.details                                  ? 
_refine.pdbx_starting_model                      'PDB ENTRY 1YPR' 
_refine.pdbx_method_to_determine_struct          'MOLECULAR REPLACEMENT' 
_refine.pdbx_isotropic_thermal_model             ? 
_refine.pdbx_stereochemistry_target_values       'Engh & Huber' 
_refine.pdbx_stereochem_target_val_spec_case     ? 
_refine.pdbx_R_Free_selection_details            RANDOM 
_refine.pdbx_overall_ESU_R_Free                  ? 
_refine.overall_SU_B                             ? 
_refine.ls_redundancy_reflns_obs                 ? 
_refine.B_iso_min                                ? 
_refine.B_iso_max                                ? 
_refine.correlation_coeff_Fo_to_Fc               ? 
_refine.correlation_coeff_Fo_to_Fc_free          ? 
_refine.overall_SU_R_Cruickshank_DPI             ? 
_refine.overall_SU_R_free                        ? 
_refine.overall_SU_ML                            ? 
_refine.pdbx_overall_ESU_R                       ? 
_refine.pdbx_data_cutoff_high_rms_absF           ? 
_refine.pdbx_refine_id                           'X-RAY DIFFRACTION' 
_refine.pdbx_diffrn_id                           1 
_refine.pdbx_TLS_residual_ADP_flag               ? 
_refine.pdbx_solvent_vdw_probe_radii             ? 
_refine.pdbx_solvent_ion_probe_radii             ? 
_refine.pdbx_solvent_shrinkage_radii             ? 
_refine.pdbx_overall_phase_error                 ? 
_refine.pdbx_overall_SU_R_free_Cruickshank_DPI   ? 
_refine.pdbx_overall_SU_R_Blow_DPI               ? 
_refine.pdbx_overall_SU_R_free_Blow_DPI          ? 
# 
_refine_analyze.entry_id                        1K0K 
_refine_analyze.Luzzati_coordinate_error_obs    0.28 
_refine_analyze.Luzzati_sigma_a_obs             0.23 
_refine_analyze.Luzzati_d_res_low_obs           5.00 
_refine_analyze.Luzzati_coordinate_error_free   0.32 
_refine_analyze.Luzzati_sigma_a_free            0.27 
_refine_analyze.Luzzati_d_res_low_free          ? 
_refine_analyze.number_disordered_residues      ? 
_refine_analyze.occupancy_sum_hydrogen          ? 
_refine_analyze.occupancy_sum_non_hydrogen      ? 
_refine_analyze.pdbx_Luzzati_d_res_high_obs     ? 
_refine_analyze.pdbx_refine_id                  'X-RAY DIFFRACTION' 
# 
_refine_hist.pdbx_refine_id                   'X-RAY DIFFRACTION' 
_refine_hist.cycle_id                         LAST 
_refine_hist.pdbx_number_atoms_protein        956 
_refine_hist.pdbx_number_atoms_nucleic_acid   0 
_refine_hist.pdbx_number_atoms_ligand         6 
_refine_hist.number_atoms_solvent             81 
_refine_hist.number_atoms_total               1043 
_refine_hist.d_res_high                       2.35 
_refine_hist.d_res_low                        20.0 
# 
loop_
_refine_ls_restr.type 
_refine_ls_restr.dev_ideal 
_refine_ls_restr.dev_ideal_target 
_refine_ls_restr.weight 
_refine_ls_restr.number 
_refine_ls_restr.pdbx_refine_id 
_refine_ls_restr.pdbx_restraint_function 
c_bond_d           0.005 ?    ? ? 'X-RAY DIFFRACTION' ? 
c_angle_deg        1.2   ?    ? ? 'X-RAY DIFFRACTION' ? 
c_dihedral_angle_d 23.7  ?    ? ? 'X-RAY DIFFRACTION' ? 
c_improper_angle_d 0.72  ?    ? ? 'X-RAY DIFFRACTION' ? 
c_mcbond_it        3.26  1.50 ? ? 'X-RAY DIFFRACTION' ? 
c_mcangle_it       5.30  2.00 ? ? 'X-RAY DIFFRACTION' ? 
c_scbond_it        5.09  2.00 ? ? 'X-RAY DIFFRACTION' ? 
c_scangle_it       7.87  2.50 ? ? 'X-RAY DIFFRACTION' ? 
# 
_refine_ls_shell.pdbx_total_number_of_bins_used   6 
_refine_ls_shell.d_res_high                       2.35 
_refine_ls_shell.d_res_low                        2.50 
_refine_ls_shell.number_reflns_R_work             1901 
_refine_ls_shell.R_factor_R_work                  0.2550000 
_refine_ls_shell.percent_reflns_obs               86.5 
_refine_ls_shell.R_factor_R_free                  0.2720000 
_refine_ls_shell.R_factor_R_free_error            0.019 
_refine_ls_shell.percent_reflns_R_free            9.3 
_refine_ls_shell.number_reflns_R_free             196 
_refine_ls_shell.number_reflns_obs                2097 
_refine_ls_shell.redundancy_reflns_obs            ? 
_refine_ls_shell.number_reflns_all                ? 
_refine_ls_shell.pdbx_refine_id                   'X-RAY DIFFRACTION' 
_refine_ls_shell.R_factor_all                     ? 
# 
loop_
_pdbx_xplor_file.serial_no 
_pdbx_xplor_file.param_file 
_pdbx_xplor_file.topol_file 
_pdbx_xplor_file.pdbx_refine_id 
1 protein_rep.param protein.top       'X-RAY DIFFRACTION' 
2 water_rep.param   water.top         'X-RAY DIFFRACTION' 
3 ion.param         ion.top           'X-RAY DIFFRACTION' 
4 gol_xplor_par.txt gol_xplor_top.txt 'X-RAY DIFFRACTION' 
# 
_struct.entry_id                  1K0K 
_struct.title                     'Yeast Profilin, Cubic Crystal Form' 
_struct.pdbx_model_details        ? 
_struct.pdbx_CASP_flag            ? 
_struct.pdbx_model_type_details   ? 
# 
_struct_keywords.entry_id        1K0K 
_struct_keywords.pdbx_keywords   'CONTRACTILE PROTEIN' 
_struct_keywords.text            'ACTIN-BINDING PROTEIN, PIP2 BINDING PROTEIN, POLY-L-PROLINE BINDING PROTEIN, CONTRACTILE PROTEIN' 
# 
loop_
_struct_asym.id 
_struct_asym.pdbx_blank_PDB_chainid_flag 
_struct_asym.pdbx_modified 
_struct_asym.entity_id 
_struct_asym.details 
A N N 1 ? 
B N N 2 ? 
C N N 3 ? 
# 
_struct_biol.id                    1 
_struct_biol.details               'The biological assembly is a monomer' 
_struct_biol.pdbx_parent_biol_id   ? 
# 
loop_
_struct_conf.conf_type_id 
_struct_conf.id 
_struct_conf.pdbx_PDB_helix_id 
_struct_conf.beg_label_comp_id 
_struct_conf.beg_label_asym_id 
_struct_conf.beg_label_seq_id 
_struct_conf.pdbx_beg_PDB_ins_code 
_struct_conf.end_label_comp_id 
_struct_conf.end_label_asym_id 
_struct_conf.end_label_seq_id 
_struct_conf.pdbx_end_PDB_ins_code 
_struct_conf.beg_auth_comp_id 
_struct_conf.beg_auth_asym_id 
_struct_conf.beg_auth_seq_id 
_struct_conf.end_auth_comp_id 
_struct_conf.end_auth_asym_id 
_struct_conf.end_auth_seq_id 
_struct_conf.pdbx_PDB_helix_class 
_struct_conf.details 
_struct_conf.pdbx_PDB_helix_length 
HELX_P HELX_P1 1 SER A 1   ? THR A 12  ? SER A 1   THR A 12  1 ? 12 
HELX_P HELX_P2 2 ASN A 40  ? ASN A 51  ? ASN A 40  ASN A 51  1 ? 12 
HELX_P HELX_P3 3 ASN A 51  ? SER A 57  ? ASN A 51  SER A 57  1 ? 7  
HELX_P HELX_P4 4 GLN A 105 ? VAL A 123 ? GLN A 105 VAL A 123 1 ? 19 
# 
_struct_conf_type.id          HELX_P 
_struct_conf_type.criteria    ? 
_struct_conf_type.reference   ? 
# 
_struct_sheet.id               A 
_struct_sheet.type             ? 
_struct_sheet.number_strands   7 
_struct_sheet.details          ? 
# 
loop_
_struct_sheet_order.sheet_id 
_struct_sheet_order.range_id_1 
_struct_sheet_order.range_id_2 
_struct_sheet_order.offset 
_struct_sheet_order.sense 
A 1 2 ? anti-parallel 
A 2 3 ? anti-parallel 
A 3 4 ? anti-parallel 
A 4 5 ? anti-parallel 
A 5 6 ? anti-parallel 
A 6 7 ? anti-parallel 
# 
loop_
_struct_sheet_range.sheet_id 
_struct_sheet_range.id 
_struct_sheet_range.beg_label_comp_id 
_struct_sheet_range.beg_label_asym_id 
_struct_sheet_range.beg_label_seq_id 
_struct_sheet_range.pdbx_beg_PDB_ins_code 
_struct_sheet_range.end_label_comp_id 
_struct_sheet_range.end_label_asym_id 
_struct_sheet_range.end_label_seq_id 
_struct_sheet_range.pdbx_end_PDB_ins_code 
_struct_sheet_range.beg_auth_comp_id 
_struct_sheet_range.beg_auth_asym_id 
_struct_sheet_range.beg_auth_seq_id 
_struct_sheet_range.end_auth_comp_id 
_struct_sheet_range.end_auth_asym_id 
_struct_sheet_range.end_auth_seq_id 
A 1 VAL A 28 ? SER A 32  ? VAL A 28 SER A 32  
A 2 LYS A 17 ? SER A 22  ? LYS A 17 SER A 22  
A 3 THR A 94 ? TYR A 100 ? THR A 94 TYR A 100 
A 4 GLU A 84 ? ARG A 90  ? GLU A 84 ARG A 90  
A 5 SER A 76 ? HIS A 81  ? SER A 76 HIS A 81  
A 6 GLN A 65 ? ALA A 72  ? GLN A 65 ALA A 72  
A 7 LEU A 60 ? ILE A 62  ? LEU A 60 ILE A 62  
# 
loop_
_pdbx_struct_sheet_hbond.sheet_id 
_pdbx_struct_sheet_hbond.range_id_1 
_pdbx_struct_sheet_hbond.range_id_2 
_pdbx_struct_sheet_hbond.range_1_label_atom_id 
_pdbx_struct_sheet_hbond.range_1_label_comp_id 
_pdbx_struct_sheet_hbond.range_1_label_asym_id 
_pdbx_struct_sheet_hbond.range_1_label_seq_id 
_pdbx_struct_sheet_hbond.range_1_PDB_ins_code 
_pdbx_struct_sheet_hbond.range_1_auth_atom_id 
_pdbx_struct_sheet_hbond.range_1_auth_comp_id 
_pdbx_struct_sheet_hbond.range_1_auth_asym_id 
_pdbx_struct_sheet_hbond.range_1_auth_seq_id 
_pdbx_struct_sheet_hbond.range_2_label_atom_id 
_pdbx_struct_sheet_hbond.range_2_label_comp_id 
_pdbx_struct_sheet_hbond.range_2_label_asym_id 
_pdbx_struct_sheet_hbond.range_2_label_seq_id 
_pdbx_struct_sheet_hbond.range_2_PDB_ins_code 
_pdbx_struct_sheet_hbond.range_2_auth_atom_id 
_pdbx_struct_sheet_hbond.range_2_auth_comp_id 
_pdbx_struct_sheet_hbond.range_2_auth_asym_id 
_pdbx_struct_sheet_hbond.range_2_auth_seq_id 
A 1 2 O ALA A 30 ? O ALA A 30 N ILE A 20 ? N ILE A 20 
A 2 3 N TYR A 21 ? N TYR A 21 O VAL A 95 ? O VAL A 95 
A 3 4 O ILE A 96 ? O ILE A 96 N VAL A 89 ? N VAL A 89 
A 4 5 O VAL A 86 ? O VAL A 86 N GLY A 79 ? N GLY A 79 
A 5 6 O ARG A 80 ? O ARG A 80 N MET A 68 ? N MET A 68 
A 6 7 O PHE A 67 ? O PHE A 67 N LEU A 60 ? N LEU A 60 
# 
_struct_site.id                   AC1 
_struct_site.pdbx_evidence_code   Software 
_struct_site.pdbx_auth_asym_id    A 
_struct_site.pdbx_auth_comp_id    GOL 
_struct_site.pdbx_auth_seq_id     301 
_struct_site.pdbx_auth_ins_code   ? 
_struct_site.pdbx_num_residues    6 
_struct_site.details              'BINDING SITE FOR RESIDUE GOL A 301' 
# 
loop_
_struct_site_gen.id 
_struct_site_gen.site_id 
_struct_site_gen.pdbx_num_res 
_struct_site_gen.label_comp_id 
_struct_site_gen.label_asym_id 
_struct_site_gen.label_seq_id 
_struct_site_gen.pdbx_auth_ins_code 
_struct_site_gen.auth_comp_id 
_struct_site_gen.auth_asym_id 
_struct_site_gen.auth_seq_id 
_struct_site_gen.label_atom_id 
_struct_site_gen.label_alt_id 
_struct_site_gen.symmetry 
_struct_site_gen.details 
1 AC1 6 SER A 1   ? SER A 1   . ? 1_555  ? 
2 AC1 6 TRP A 2   ? TRP A 2   . ? 1_555  ? 
3 AC1 6 TYR A 5   ? TYR A 5   . ? 1_555  ? 
4 AC1 6 ASN A 8   ? ASN A 8   . ? 18_654 ? 
5 AC1 6 TYR A 125 ? TYR A 125 . ? 1_555  ? 
6 AC1 6 HOH C .   ? HOH A 288 . ? 1_555  ? 
# 
_atom_sites.entry_id                    1K0K 
_atom_sites.fract_transf_matrix[1][1]   0.00044411 
_atom_sites.fract_transf_matrix[1][2]   0.00788131 
_atom_sites.fract_transf_matrix[1][3]   -0.00005439 
_atom_sites.fract_transf_matrix[2][1]   0.00541414 
_atom_sites.fract_transf_matrix[2][2]   -0.00034466 
_atom_sites.fract_transf_matrix[2][3]   -0.00573442 
_atom_sites.fract_transf_matrix[3][1]   -0.00572758 
_atom_sites.fract_transf_matrix[3][2]   0.00028531 
_atom_sites.fract_transf_matrix[3][3]   -0.00542482 
_atom_sites.fract_transf_vector[1]      0.752907 
_atom_sites.fract_transf_vector[2]      0.967509 
_atom_sites.fract_transf_vector[3]      0.731597 
# 
loop_
_atom_type.symbol 
C 
N 
O 
S 
# 
loop_
_atom_site.group_PDB 
_atom_site.id 
_atom_site.type_symbol 
_atom_site.label_atom_id 
_atom_site.label_alt_id 
_atom_site.label_comp_id 
_atom_site.label_asym_id 
_atom_site.label_entity_id 
_atom_site.label_seq_id 
_atom_site.pdbx_PDB_ins_code 
_atom_site.Cartn_x 
_atom_site.Cartn_y 
_atom_site.Cartn_z 
_atom_site.occupancy 
_atom_site.B_iso_or_equiv 
_atom_site.pdbx_formal_charge 
_atom_site.auth_seq_id 
_atom_site.auth_comp_id 
_atom_site.auth_asym_id 
_atom_site.auth_atom_id 
_atom_site.pdbx_PDB_model_num 
ATOM   1    N N   . SER A 1 1   ? 4.860   12.642  12.858  1.00 71.76  ? 1   SER A N   1 
ATOM   2    C CA  . SER A 1 1   ? 3.382   12.459  12.830  1.00 69.74  ? 1   SER A CA  1 
ATOM   3    C C   . SER A 1 1   ? 2.969   11.562  11.667  1.00 66.52  ? 1   SER A C   1 
ATOM   4    O O   . SER A 1 1   ? 2.197   11.965  10.798  1.00 66.98  ? 1   SER A O   1 
ATOM   5    C CB  . SER A 1 1   ? 2.687   13.817  12.712  1.00 70.87  ? 1   SER A CB  1 
ATOM   6    O OG  . SER A 1 1   ? 3.124   14.506  11.554  1.00 73.60  ? 1   SER A OG  1 
ATOM   7    N N   . TRP A 1 2   ? 3.499   10.344  11.653  1.00 46.98  ? 2   TRP A N   1 
ATOM   8    C CA  . TRP A 1 2   ? 3.167   9.395   10.605  1.00 42.52  ? 2   TRP A CA  1 
ATOM   9    C C   . TRP A 1 2   ? 1.710   8.977   10.753  1.00 39.98  ? 2   TRP A C   1 
ATOM   10   O O   . TRP A 1 2   ? 1.035   8.712   9.765   1.00 39.68  ? 2   TRP A O   1 
ATOM   11   C CB  . TRP A 1 2   ? 4.078   8.166   10.687  1.00 38.79  ? 2   TRP A CB  1 
ATOM   12   C CG  . TRP A 1 2   ? 5.525   8.489   10.464  1.00 38.14  ? 2   TRP A CG  1 
ATOM   13   C CD1 . TRP A 1 2   ? 6.509   8.554   11.413  1.00 38.13  ? 2   TRP A CD1 1 
ATOM   14   C CD2 . TRP A 1 2   ? 6.146   8.832   9.219   1.00 36.34  ? 2   TRP A CD2 1 
ATOM   15   N NE1 . TRP A 1 2   ? 7.703   8.919   10.833  1.00 37.33  ? 2   TRP A NE1 1 
ATOM   16   C CE2 . TRP A 1 2   ? 7.508   9.095   9.489   1.00 36.44  ? 2   TRP A CE2 1 
ATOM   17   C CE3 . TRP A 1 2   ? 5.683   8.945   7.901   1.00 34.96  ? 2   TRP A CE3 1 
ATOM   18   C CZ2 . TRP A 1 2   ? 8.411   9.464   8.490   1.00 35.22  ? 2   TRP A CZ2 1 
ATOM   19   C CZ3 . TRP A 1 2   ? 6.578   9.310   6.909   1.00 33.67  ? 2   TRP A CZ3 1 
ATOM   20   C CH2 . TRP A 1 2   ? 7.930   9.566   7.209   1.00 34.41  ? 2   TRP A CH2 1 
ATOM   21   N N   . GLN A 1 3   ? 1.227   8.937   11.991  1.00 38.88  ? 3   GLN A N   1 
ATOM   22   C CA  . GLN A 1 3   ? -0.150  8.546   12.263  1.00 38.24  ? 3   GLN A CA  1 
ATOM   23   C C   . GLN A 1 3   ? -1.133  9.508   11.605  1.00 35.63  ? 3   GLN A C   1 
ATOM   24   O O   . GLN A 1 3   ? -2.204  9.100   11.159  1.00 35.56  ? 3   GLN A O   1 
ATOM   25   C CB  . GLN A 1 3   ? -0.408  8.495   13.770  1.00 40.63  ? 3   GLN A CB  1 
ATOM   26   C CG  . GLN A 1 3   ? -1.772  7.916   14.142  1.00 41.13  ? 3   GLN A CG  1 
ATOM   27   C CD  . GLN A 1 3   ? -2.014  6.553   13.511  1.00 43.50  ? 3   GLN A CD  1 
ATOM   28   O OE1 . GLN A 1 3   ? -1.140  5.683   13.526  1.00 42.53  ? 3   GLN A OE1 1 
ATOM   29   N NE2 . GLN A 1 3   ? -3.209  6.357   12.961  1.00 40.92  ? 3   GLN A NE2 1 
ATOM   30   N N   . ALA A 1 4   ? -0.769  10.782  11.542  1.00 34.40  ? 4   ALA A N   1 
ATOM   31   C CA  . ALA A 1 4   ? -1.637  11.765  10.916  1.00 34.09  ? 4   ALA A CA  1 
ATOM   32   C C   . ALA A 1 4   ? -1.814  11.451  9.433   1.00 34.24  ? 4   ALA A C   1 
ATOM   33   O O   . ALA A 1 4   ? -2.865  11.722  8.858   1.00 36.66  ? 4   ALA A O   1 
ATOM   34   C CB  . ALA A 1 4   ? -1.065  13.165  11.088  1.00 23.78  ? 4   ALA A CB  1 
ATOM   35   N N   . TYR A 1 5   ? -0.792  10.879  8.808   1.00 30.54  ? 5   TYR A N   1 
ATOM   36   C CA  . TYR A 1 5   ? -0.898  10.554  7.392   1.00 29.06  ? 5   TYR A CA  1 
ATOM   37   C C   . TYR A 1 5   ? -1.949  9.481   7.141   1.00 30.17  ? 5   TYR A C   1 
ATOM   38   O O   . TYR A 1 5   ? -2.804  9.633   6.269   1.00 29.33  ? 5   TYR A O   1 
ATOM   39   C CB  . TYR A 1 5   ? 0.449   10.093  6.834   1.00 28.49  ? 5   TYR A CB  1 
ATOM   40   C CG  . TYR A 1 5   ? 1.442   11.221  6.664   1.00 30.74  ? 5   TYR A CG  1 
ATOM   41   C CD1 . TYR A 1 5   ? 1.090   12.385  5.982   1.00 31.69  ? 5   TYR A CD1 1 
ATOM   42   C CD2 . TYR A 1 5   ? 2.734   11.124  7.179   1.00 31.65  ? 5   TYR A CD2 1 
ATOM   43   C CE1 . TYR A 1 5   ? 1.998   13.428  5.816   1.00 35.41  ? 5   TYR A CE1 1 
ATOM   44   C CE2 . TYR A 1 5   ? 3.654   12.160  7.021   1.00 35.75  ? 5   TYR A CE2 1 
ATOM   45   C CZ  . TYR A 1 5   ? 3.279   13.307  6.340   1.00 36.69  ? 5   TYR A CZ  1 
ATOM   46   O OH  . TYR A 1 5   ? 4.179   14.335  6.188   1.00 37.50  ? 5   TYR A OH  1 
ATOM   47   N N   . THR A 1 6   ? -1.893  8.395   7.904   1.00 29.01  ? 6   THR A N   1 
ATOM   48   C CA  . THR A 1 6   ? -2.863  7.338   7.703   1.00 31.63  ? 6   THR A CA  1 
ATOM   49   C C   . THR A 1 6   ? -4.263  7.812   8.105   1.00 33.61  ? 6   THR A C   1 
ATOM   50   O O   . THR A 1 6   ? -5.253  7.436   7.474   1.00 33.03  ? 6   THR A O   1 
ATOM   51   C CB  . THR A 1 6   ? -2.455  6.048   8.460   1.00 30.30  ? 6   THR A CB  1 
ATOM   52   O OG1 . THR A 1 6   ? -2.268  6.327   9.853   1.00 30.47  ? 6   THR A OG1 1 
ATOM   53   C CG2 . THR A 1 6   ? -1.156  5.490   7.870   1.00 27.15  ? 6   THR A CG2 1 
ATOM   54   N N   . ASP A 1 7   ? -4.352  8.653   9.132   1.00 33.50  ? 7   ASP A N   1 
ATOM   55   C CA  . ASP A 1 7   ? -5.653  9.169   9.533   1.00 35.66  ? 7   ASP A CA  1 
ATOM   56   C C   . ASP A 1 7   ? -6.188  10.066  8.418   1.00 35.12  ? 7   ASP A C   1 
ATOM   57   O O   . ASP A 1 7   ? -7.379  10.026  8.105   1.00 35.82  ? 7   ASP A O   1 
ATOM   58   C CB  . ASP A 1 7   ? -5.563  9.956   10.849  1.00 36.35  ? 7   ASP A CB  1 
ATOM   59   C CG  . ASP A 1 7   ? -5.334  9.057   12.049  1.00 40.51  ? 7   ASP A CG  1 
ATOM   60   O OD1 . ASP A 1 7   ? -5.512  7.824   11.928  1.00 41.63  ? 7   ASP A OD1 1 
ATOM   61   O OD2 . ASP A 1 7   ? -4.987  9.583   13.124  1.00 42.03  ? 7   ASP A OD2 1 
ATOM   62   N N   . ASN A 1 8   ? -5.311  10.875  7.825   1.00 35.82  ? 8   ASN A N   1 
ATOM   63   C CA  . ASN A 1 8   ? -5.703  11.761  6.724   1.00 33.86  ? 8   ASN A CA  1 
ATOM   64   C C   . ASN A 1 8   ? -6.289  10.933  5.572   1.00 33.21  ? 8   ASN A C   1 
ATOM   65   O O   . ASN A 1 8   ? -7.332  11.274  5.016   1.00 33.20  ? 8   ASN A O   1 
ATOM   66   C CB  . ASN A 1 8   ? -4.497  12.527  6.167   1.00 32.61  ? 8   ASN A CB  1 
ATOM   67   C CG  . ASN A 1 8   ? -4.071  13.698  7.034   1.00 33.15  ? 8   ASN A CG  1 
ATOM   68   O OD1 . ASN A 1 8   ? -4.771  14.104  7.964   1.00 33.79  ? 8   ASN A OD1 1 
ATOM   69   N ND2 . ASN A 1 8   ? -2.914  14.265  6.709   1.00 31.39  ? 8   ASN A ND2 1 
ATOM   70   N N   . LEU A 1 9   ? -5.600  9.853   5.211   1.00 29.05  ? 9   LEU A N   1 
ATOM   71   C CA  . LEU A 1 9   ? -6.048  9.000   4.112   1.00 30.77  ? 9   LEU A CA  1 
ATOM   72   C C   . LEU A 1 9   ? -7.439  8.404   4.320   1.00 31.56  ? 9   LEU A C   1 
ATOM   73   O O   . LEU A 1 9   ? -8.328  8.605   3.488   1.00 31.03  ? 9   LEU A O   1 
ATOM   74   C CB  . LEU A 1 9   ? -5.045  7.867   3.853   1.00 28.68  ? 9   LEU A CB  1 
ATOM   75   C CG  . LEU A 1 9   ? -3.660  8.236   3.300   1.00 29.69  ? 9   LEU A CG  1 
ATOM   76   C CD1 . LEU A 1 9   ? -2.874  6.960   3.028   1.00 29.11  ? 9   LEU A CD1 1 
ATOM   77   C CD2 . LEU A 1 9   ? -3.798  9.034   2.011   1.00 27.15  ? 9   LEU A CD2 1 
ATOM   78   N N   . ILE A 1 10  ? -7.643  7.678   5.416   1.00 34.28  ? 10  ILE A N   1 
ATOM   79   C CA  . ILE A 1 10  ? -8.951  7.075   5.634   1.00 36.61  ? 10  ILE A CA  1 
ATOM   80   C C   . ILE A 1 10  ? -10.026 8.119   5.914   1.00 36.17  ? 10  ILE A C   1 
ATOM   81   O O   . ILE A 1 10  ? -11.208 7.866   5.707   1.00 38.07  ? 10  ILE A O   1 
ATOM   82   C CB  . ILE A 1 10  ? -8.943  6.033   6.783   1.00 33.82  ? 10  ILE A CB  1 
ATOM   83   C CG1 . ILE A 1 10  ? -8.793  6.732   8.131   1.00 35.87  ? 10  ILE A CG1 1 
ATOM   84   C CG2 . ILE A 1 10  ? -7.830  5.013   6.559   1.00 29.93  ? 10  ILE A CG2 1 
ATOM   85   C CD1 . ILE A 1 10  ? -9.057  5.800   9.301   1.00 37.67  ? 10  ILE A CD1 1 
ATOM   86   N N   . GLY A 1 11  ? -9.611  9.296   6.365   1.00 34.72  ? 11  GLY A N   1 
ATOM   87   C CA  . GLY A 1 11  ? -10.568 10.353  6.647   1.00 33.60  ? 11  GLY A CA  1 
ATOM   88   C C   . GLY A 1 11  ? -11.261 10.843  5.387   1.00 35.07  ? 11  GLY A C   1 
ATOM   89   O O   . GLY A 1 11  ? -12.346 11.423  5.445   1.00 35.95  ? 11  GLY A O   1 
ATOM   90   N N   . THR A 1 12  ? -10.631 10.618  4.240   1.00 30.64  ? 12  THR A N   1 
ATOM   91   C CA  . THR A 1 12  ? -11.201 11.036  2.960   1.00 31.44  ? 12  THR A CA  1 
ATOM   92   C C   . THR A 1 12  ? -12.314 10.084  2.519   1.00 32.62  ? 12  THR A C   1 
ATOM   93   O O   . THR A 1 12  ? -13.151 10.441  1.692   1.00 32.10  ? 12  THR A O   1 
ATOM   94   C CB  . THR A 1 12  ? -10.160 10.996  1.837   1.00 30.08  ? 12  THR A CB  1 
ATOM   95   O OG1 . THR A 1 12  ? -9.788  9.629   1.607   1.00 23.11  ? 12  THR A OG1 1 
ATOM   96   C CG2 . THR A 1 12  ? -8.922  11.822  2.204   1.00 27.75  ? 12  THR A CG2 1 
ATOM   97   N N   . GLY A 1 13  ? -12.295 8.864   3.047   1.00 39.21  ? 13  GLY A N   1 
ATOM   98   C CA  . GLY A 1 13  ? -13.293 7.882   2.666   1.00 40.00  ? 13  GLY A CA  1 
ATOM   99   C C   . GLY A 1 13  ? -12.913 7.131   1.396   1.00 41.93  ? 13  GLY A C   1 
ATOM   100  O O   . GLY A 1 13  ? -13.581 6.163   1.024   1.00 43.10  ? 13  GLY A O   1 
ATOM   101  N N   . LYS A 1 14  ? -11.843 7.565   0.729   1.00 35.55  ? 14  LYS A N   1 
ATOM   102  C CA  . LYS A 1 14  ? -11.395 6.908   -0.503  1.00 36.38  ? 14  LYS A CA  1 
ATOM   103  C C   . LYS A 1 14  ? -10.533 5.687   -0.198  1.00 36.31  ? 14  LYS A C   1 
ATOM   104  O O   . LYS A 1 14  ? -10.294 4.837   -1.057  1.00 35.14  ? 14  LYS A O   1 
ATOM   105  C CB  . LYS A 1 14  ? -10.621 7.893   -1.373  1.00 36.38  ? 14  LYS A CB  1 
ATOM   106  C CG  . LYS A 1 14  ? -11.462 9.064   -1.829  1.00 39.51  ? 14  LYS A CG  1 
ATOM   107  C CD  . LYS A 1 14  ? -10.625 10.056  -2.602  1.00 45.89  ? 14  LYS A CD  1 
ATOM   108  C CE  . LYS A 1 14  ? -11.447 11.264  -3.028  1.00 48.08  ? 14  LYS A CE  1 
ATOM   109  N NZ  . LYS A 1 14  ? -10.602 12.289  -3.712  1.00 49.20  ? 14  LYS A NZ  1 
ATOM   110  N N   . VAL A 1 15  ? -10.064 5.619   1.041   1.00 33.86  ? 15  VAL A N   1 
ATOM   111  C CA  . VAL A 1 15  ? -9.253  4.508   1.522   1.00 33.96  ? 15  VAL A CA  1 
ATOM   112  C C   . VAL A 1 15  ? -9.846  4.191   2.892   1.00 34.14  ? 15  VAL A C   1 
ATOM   113  O O   . VAL A 1 15  ? -10.164 5.105   3.649   1.00 34.31  ? 15  VAL A O   1 
ATOM   114  C CB  . VAL A 1 15  ? -7.766  4.925   1.658   1.00 40.96  ? 15  VAL A CB  1 
ATOM   115  C CG1 . VAL A 1 15  ? -7.002  3.919   2.498   1.00 41.20  ? 15  VAL A CG1 1 
ATOM   116  C CG2 . VAL A 1 15  ? -7.141  5.021   0.282   1.00 40.86  ? 15  VAL A CG2 1 
ATOM   117  N N   . ASP A 1 16  ? -10.027 2.918   3.213   1.00 32.76  ? 16  ASP A N   1 
ATOM   118  C CA  . ASP A 1 16  ? -10.603 2.592   4.513   1.00 35.96  ? 16  ASP A CA  1 
ATOM   119  C C   . ASP A 1 16  ? -9.589  2.005   5.485   1.00 35.16  ? 16  ASP A C   1 
ATOM   120  O O   . ASP A 1 16  ? -9.850  1.912   6.680   1.00 34.19  ? 16  ASP A O   1 
ATOM   121  C CB  . ASP A 1 16  ? -11.801 1.645   4.342   1.00 46.84  ? 16  ASP A CB  1 
ATOM   122  C CG  . ASP A 1 16  ? -11.421 0.313   3.730   1.00 51.18  ? 16  ASP A CG  1 
ATOM   123  O OD1 . ASP A 1 16  ? -10.486 0.270   2.904   1.00 54.55  ? 16  ASP A OD1 1 
ATOM   124  O OD2 . ASP A 1 16  ? -12.075 -0.696  4.064   1.00 53.79  ? 16  ASP A OD2 1 
ATOM   125  N N   . LYS A 1 17  ? -8.427  1.625   4.966   1.00 37.30  ? 17  LYS A N   1 
ATOM   126  C CA  . LYS A 1 17  ? -7.358  1.052   5.779   1.00 38.38  ? 17  LYS A CA  1 
ATOM   127  C C   . LYS A 1 17  ? -6.029  1.460   5.171   1.00 36.12  ? 17  LYS A C   1 
ATOM   128  O O   . LYS A 1 17  ? -5.825  1.322   3.967   1.00 33.84  ? 17  LYS A O   1 
ATOM   129  C CB  . LYS A 1 17  ? -7.445  -0.475  5.790   1.00 51.05  ? 17  LYS A CB  1 
ATOM   130  C CG  . LYS A 1 17  ? -8.745  -1.012  6.305   1.00 56.14  ? 17  LYS A CG  1 
ATOM   131  C CD  . LYS A 1 17  ? -8.794  -2.518  6.195   1.00 60.09  ? 17  LYS A CD  1 
ATOM   132  C CE  . LYS A 1 17  ? -10.147 -3.038  6.647   1.00 63.30  ? 17  LYS A CE  1 
ATOM   133  N NZ  . LYS A 1 17  ? -10.204 -4.526  6.620   1.00 67.83  ? 17  LYS A NZ  1 
ATOM   134  N N   . ALA A 1 18  ? -5.121  1.955   6.002   1.00 37.49  ? 18  ALA A N   1 
ATOM   135  C CA  . ALA A 1 18  ? -3.817  2.372   5.512   1.00 37.18  ? 18  ALA A CA  1 
ATOM   136  C C   . ALA A 1 18  ? -2.747  2.137   6.557   1.00 37.84  ? 18  ALA A C   1 
ATOM   137  O O   . ALA A 1 18  ? -2.969  2.336   7.752   1.00 38.15  ? 18  ALA A O   1 
ATOM   138  C CB  . ALA A 1 18  ? -3.848  3.839   5.123   1.00 24.62  ? 18  ALA A CB  1 
ATOM   139  N N   . VAL A 1 19  ? -1.579  1.715   6.096   1.00 34.54  ? 19  VAL A N   1 
ATOM   140  C CA  . VAL A 1 19  ? -0.474  1.450   6.992   1.00 35.15  ? 19  VAL A CA  1 
ATOM   141  C C   . VAL A 1 19  ? 0.820   1.988   6.411   1.00 34.71  ? 19  VAL A C   1 
ATOM   142  O O   . VAL A 1 19  ? 1.025   1.962   5.196   1.00 32.67  ? 19  VAL A O   1 
ATOM   143  C CB  . VAL A 1 19  ? -0.293  -0.066  7.228   1.00 44.28  ? 19  VAL A CB  1 
ATOM   144  C CG1 . VAL A 1 19  ? 0.878   -0.312  8.164   1.00 45.40  ? 19  VAL A CG1 1 
ATOM   145  C CG2 . VAL A 1 19  ? -1.553  -0.649  7.821   1.00 48.35  ? 19  VAL A CG2 1 
ATOM   146  N N   . ILE A 1 20  ? 1.683   2.493   7.284   1.00 32.30  ? 20  ILE A N   1 
ATOM   147  C CA  . ILE A 1 20  ? 2.980   2.981   6.849   1.00 32.33  ? 20  ILE A CA  1 
ATOM   148  C C   . ILE A 1 20  ? 4.049   2.117   7.515   1.00 33.15  ? 20  ILE A C   1 
ATOM   149  O O   . ILE A 1 20  ? 4.106   2.000   8.743   1.00 32.84  ? 20  ILE A O   1 
ATOM   150  C CB  . ILE A 1 20  ? 3.183   4.463   7.209   1.00 33.40  ? 20  ILE A CB  1 
ATOM   151  C CG1 . ILE A 1 20  ? 2.240   5.329   6.374   1.00 31.78  ? 20  ILE A CG1 1 
ATOM   152  C CG2 . ILE A 1 20  ? 4.628   4.876   6.937   1.00 33.55  ? 20  ILE A CG2 1 
ATOM   153  C CD1 . ILE A 1 20  ? 2.346   6.803   6.679   1.00 30.01  ? 20  ILE A CD1 1 
ATOM   154  N N   . TYR A 1 21  ? 4.869   1.485   6.683   1.00 35.41  ? 21  TYR A N   1 
ATOM   155  C CA  . TYR A 1 21  ? 5.947   0.615   7.141   1.00 35.82  ? 21  TYR A CA  1 
ATOM   156  C C   . TYR A 1 21  ? 7.274   1.268   6.799   1.00 35.82  ? 21  TYR A C   1 
ATOM   157  O O   . TYR A 1 21  ? 7.335   2.176   5.967   1.00 32.72  ? 21  TYR A O   1 
ATOM   158  C CB  . TYR A 1 21  ? 5.895   -0.727  6.402   1.00 44.10  ? 21  TYR A CB  1 
ATOM   159  C CG  . TYR A 1 21  ? 5.014   -1.789  7.012   1.00 50.14  ? 21  TYR A CG  1 
ATOM   160  C CD1 . TYR A 1 21  ? 5.480   -2.595  8.047   1.00 51.99  ? 21  TYR A CD1 1 
ATOM   161  C CD2 . TYR A 1 21  ? 3.725   -2.011  6.532   1.00 51.60  ? 21  TYR A CD2 1 
ATOM   162  C CE1 . TYR A 1 21  ? 4.688   -3.602  8.585   1.00 54.13  ? 21  TYR A CE1 1 
ATOM   163  C CE2 . TYR A 1 21  ? 2.923   -3.014  7.067   1.00 54.04  ? 21  TYR A CE2 1 
ATOM   164  C CZ  . TYR A 1 21  ? 3.411   -3.804  8.091   1.00 55.61  ? 21  TYR A CZ  1 
ATOM   165  O OH  . TYR A 1 21  ? 2.623   -4.799  8.623   1.00 60.40  ? 21  TYR A OH  1 
ATOM   166  N N   . SER A 1 22  ? 8.340   0.802   7.443   1.00 38.03  ? 22  SER A N   1 
ATOM   167  C CA  . SER A 1 22  ? 9.668   1.302   7.124   1.00 39.48  ? 22  SER A CA  1 
ATOM   168  C C   . SER A 1 22  ? 9.954   0.673   5.756   1.00 37.86  ? 22  SER A C   1 
ATOM   169  O O   . SER A 1 22  ? 9.370   -0.350  5.406   1.00 36.58  ? 22  SER A O   1 
ATOM   170  C CB  . SER A 1 22  ? 10.691  0.815   8.157   1.00 42.10  ? 22  SER A CB  1 
ATOM   171  O OG  . SER A 1 22  ? 10.707  -0.600  8.226   1.00 43.64  ? 22  SER A OG  1 
ATOM   172  N N   . ARG A 1 23  ? 10.841  1.278   4.982   1.00 38.40  ? 23  ARG A N   1 
ATOM   173  C CA  . ARG A 1 23  ? 11.173  0.760   3.660   1.00 40.27  ? 23  ARG A CA  1 
ATOM   174  C C   . ARG A 1 23  ? 11.445  -0.751  3.670   1.00 42.06  ? 23  ARG A C   1 
ATOM   175  O O   . ARG A 1 23  ? 11.062  -1.474  2.742   1.00 41.17  ? 23  ARG A O   1 
ATOM   176  C CB  . ARG A 1 23  ? 12.398  1.499   3.127   1.00 42.95  ? 23  ARG A CB  1 
ATOM   177  C CG  . ARG A 1 23  ? 12.621  1.377   1.636   1.00 48.08  ? 23  ARG A CG  1 
ATOM   178  C CD  . ARG A 1 23  ? 13.810  2.223   1.224   1.00 52.27  ? 23  ARG A CD  1 
ATOM   179  N NE  . ARG A 1 23  ? 13.716  2.683   -0.160  1.00 56.89  ? 23  ARG A NE  1 
ATOM   180  C CZ  . ARG A 1 23  ? 13.808  1.899   -1.229  1.00 57.32  ? 23  ARG A CZ  1 
ATOM   181  N NH1 . ARG A 1 23  ? 13.998  0.594   -1.091  1.00 58.53  ? 23  ARG A NH1 1 
ATOM   182  N NH2 . ARG A 1 23  ? 13.713  2.427   -2.439  1.00 58.35  ? 23  ARG A NH2 1 
ATOM   183  N N   . ALA A 1 24  ? 12.106  -1.228  4.721   1.00 42.98  ? 24  ALA A N   1 
ATOM   184  C CA  . ALA A 1 24  ? 12.439  -2.647  4.832   1.00 44.50  ? 24  ALA A CA  1 
ATOM   185  C C   . ALA A 1 24  ? 11.264  -3.506  5.282   1.00 44.14  ? 24  ALA A C   1 
ATOM   186  O O   . ALA A 1 24  ? 11.298  -4.728  5.156   1.00 44.50  ? 24  ALA A O   1 
ATOM   187  C CB  . ALA A 1 24  ? 13.619  -2.833  5.794   1.00 44.79  ? 24  ALA A CB  1 
ATOM   188  N N   . GLY A 1 25  ? 10.230  -2.868  5.817   1.00 44.63  ? 25  GLY A N   1 
ATOM   189  C CA  . GLY A 1 25  ? 9.069   -3.610  6.275   1.00 44.03  ? 25  GLY A CA  1 
ATOM   190  C C   . GLY A 1 25  ? 9.302   -4.277  7.617   1.00 44.86  ? 25  GLY A C   1 
ATOM   191  O O   . GLY A 1 25  ? 8.632   -5.253  7.962   1.00 44.87  ? 25  GLY A O   1 
ATOM   192  N N   . ASP A 1 26  ? 10.246  -3.746  8.384   1.00 44.33  ? 26  ASP A N   1 
ATOM   193  C CA  . ASP A 1 26  ? 10.564  -4.309  9.690   1.00 45.13  ? 26  ASP A CA  1 
ATOM   194  C C   . ASP A 1 26  ? 9.911   -3.559  10.843  1.00 44.28  ? 26  ASP A C   1 
ATOM   195  O O   . ASP A 1 26  ? 10.150  -3.876  12.005  1.00 46.35  ? 26  ASP A O   1 
ATOM   196  C CB  . ASP A 1 26  ? 12.081  -4.339  9.897   1.00 53.73  ? 26  ASP A CB  1 
ATOM   197  C CG  . ASP A 1 26  ? 12.723  -2.975  9.716   1.00 56.33  ? 26  ASP A CG  1 
ATOM   198  O OD1 . ASP A 1 26  ? 12.206  -1.987  10.279  1.00 57.12  ? 26  ASP A OD1 1 
ATOM   199  O OD2 . ASP A 1 26  ? 13.754  -2.891  9.019   1.00 59.32  ? 26  ASP A OD2 1 
ATOM   200  N N   . ALA A 1 27  ? 9.085   -2.565  10.530  1.00 44.38  ? 27  ALA A N   1 
ATOM   201  C CA  . ALA A 1 27  ? 8.417   -1.800  11.577  1.00 42.57  ? 27  ALA A CA  1 
ATOM   202  C C   . ALA A 1 27  ? 7.230   -1.002  11.048  1.00 41.67  ? 27  ALA A C   1 
ATOM   203  O O   . ALA A 1 27  ? 7.267   -0.479  9.936   1.00 42.77  ? 27  ALA A O   1 
ATOM   204  C CB  . ALA A 1 27  ? 9.414   -0.856  12.248  1.00 36.01  ? 27  ALA A CB  1 
ATOM   205  N N   . VAL A 1 28  ? 6.181   -0.916  11.861  1.00 39.05  ? 28  VAL A N   1 
ATOM   206  C CA  . VAL A 1 28  ? 4.981   -0.172  11.510  1.00 39.32  ? 28  VAL A CA  1 
ATOM   207  C C   . VAL A 1 28  ? 5.075   1.204   12.152  1.00 39.37  ? 28  VAL A C   1 
ATOM   208  O O   . VAL A 1 28  ? 5.190   1.309   13.371  1.00 41.63  ? 28  VAL A O   1 
ATOM   209  C CB  . VAL A 1 28  ? 3.711   -0.869  12.044  1.00 39.14  ? 28  VAL A CB  1 
ATOM   210  C CG1 . VAL A 1 28  ? 2.498   0.020   11.817  1.00 37.83  ? 28  VAL A CG1 1 
ATOM   211  C CG2 . VAL A 1 28  ? 3.525   -2.213  11.362  1.00 36.78  ? 28  VAL A CG2 1 
ATOM   212  N N   . TRP A 1 29  ? 5.024   2.255   11.339  1.00 37.53  ? 29  TRP A N   1 
ATOM   213  C CA  . TRP A 1 29  ? 5.112   3.618   11.852  1.00 37.15  ? 29  TRP A CA  1 
ATOM   214  C C   . TRP A 1 29  ? 3.731   4.230   12.061  1.00 37.95  ? 29  TRP A C   1 
ATOM   215  O O   . TRP A 1 29  ? 3.580   5.190   12.819  1.00 38.11  ? 29  TRP A O   1 
ATOM   216  C CB  . TRP A 1 29  ? 5.916   4.497   10.893  1.00 36.33  ? 29  TRP A CB  1 
ATOM   217  C CG  . TRP A 1 29  ? 7.344   4.063   10.701  1.00 37.60  ? 29  TRP A CG  1 
ATOM   218  C CD1 . TRP A 1 29  ? 7.976   3.008   11.304  1.00 38.26  ? 29  TRP A CD1 1 
ATOM   219  C CD2 . TRP A 1 29  ? 8.321   4.680   9.852   1.00 36.38  ? 29  TRP A CD2 1 
ATOM   220  N NE1 . TRP A 1 29  ? 9.282   2.931   10.883  1.00 36.97  ? 29  TRP A NE1 1 
ATOM   221  C CE2 . TRP A 1 29  ? 9.523   3.944   9.992   1.00 36.91  ? 29  TRP A CE2 1 
ATOM   222  C CE3 . TRP A 1 29  ? 8.300   5.784   8.988   1.00 36.13  ? 29  TRP A CE3 1 
ATOM   223  C CZ2 . TRP A 1 29  ? 10.694  4.277   9.298   1.00 35.28  ? 29  TRP A CZ2 1 
ATOM   224  C CZ3 . TRP A 1 29  ? 9.469   6.117   8.295   1.00 35.66  ? 29  TRP A CZ3 1 
ATOM   225  C CH2 . TRP A 1 29  ? 10.647  5.364   8.458   1.00 35.68  ? 29  TRP A CH2 1 
ATOM   226  N N   . ALA A 1 30  ? 2.730   3.678   11.377  1.00 36.44  ? 30  ALA A N   1 
ATOM   227  C CA  . ALA A 1 30  ? 1.358   4.169   11.485  1.00 34.05  ? 30  ALA A CA  1 
ATOM   228  C C   . ALA A 1 30  ? 0.359   3.198   10.862  1.00 35.50  ? 30  ALA A C   1 
ATOM   229  O O   . ALA A 1 30  ? 0.659   2.529   9.870   1.00 33.54  ? 30  ALA A O   1 
ATOM   230  C CB  . ALA A 1 30  ? 1.236   5.526   10.810  1.00 26.96  ? 30  ALA A CB  1 
ATOM   231  N N   . THR A 1 31  ? -0.832  3.142   11.455  1.00 37.10  ? 31  THR A N   1 
ATOM   232  C CA  . THR A 1 31  ? -1.910  2.283   10.982  1.00 39.73  ? 31  THR A CA  1 
ATOM   233  C C   . THR A 1 31  ? -3.236  2.955   11.300  1.00 39.11  ? 31  THR A C   1 
ATOM   234  O O   . THR A 1 31  ? -3.413  3.505   12.385  1.00 38.96  ? 31  THR A O   1 
ATOM   235  C CB  . THR A 1 31  ? -1.924  0.916   11.697  1.00 50.93  ? 31  THR A CB  1 
ATOM   236  O OG1 . THR A 1 31  ? -0.630  0.316   11.624  1.00 59.77  ? 31  THR A OG1 1 
ATOM   237  C CG2 . THR A 1 31  ? -2.930  -0.013  11.041  1.00 49.91  ? 31  THR A CG2 1 
ATOM   238  N N   . SER A 1 32  ? -4.160  2.915   10.347  1.00 35.67  ? 32  SER A N   1 
ATOM   239  C CA  . SER A 1 32  ? -5.495  3.479   10.534  1.00 36.55  ? 32  SER A CA  1 
ATOM   240  C C   . SER A 1 32  ? -6.482  2.563   9.824   1.00 36.60  ? 32  SER A C   1 
ATOM   241  O O   . SER A 1 32  ? -6.140  1.950   8.815   1.00 36.35  ? 32  SER A O   1 
ATOM   242  C CB  . SER A 1 32  ? -5.581  4.884   9.945   1.00 38.83  ? 32  SER A CB  1 
ATOM   243  O OG  . SER A 1 32  ? -4.723  5.767   10.637  1.00 40.92  ? 32  SER A OG  1 
ATOM   244  N N   . GLY A 1 33  ? -7.694  2.456   10.356  1.00 41.44  ? 33  GLY A N   1 
ATOM   245  C CA  . GLY A 1 33  ? -8.693  1.612   9.728   1.00 42.46  ? 33  GLY A CA  1 
ATOM   246  C C   . GLY A 1 33  ? -8.605  0.157   10.142  1.00 45.39  ? 33  GLY A C   1 
ATOM   247  O O   . GLY A 1 33  ? -9.487  -0.636  9.825   1.00 46.82  ? 33  GLY A O   1 
ATOM   248  N N   . GLY A 1 34  ? -7.532  -0.202  10.835  1.00 46.05  ? 34  GLY A N   1 
ATOM   249  C CA  . GLY A 1 34  ? -7.377  -1.569  11.297  1.00 48.58  ? 34  GLY A CA  1 
ATOM   250  C C   . GLY A 1 34  ? -6.762  -2.554  10.324  1.00 51.29  ? 34  GLY A C   1 
ATOM   251  O O   . GLY A 1 34  ? -7.063  -3.744  10.379  1.00 52.13  ? 34  GLY A O   1 
ATOM   252  N N   . LEU A 1 35  ? -5.901  -2.082  9.431   1.00 59.28  ? 35  LEU A N   1 
ATOM   253  C CA  . LEU A 1 35  ? -5.270  -2.988  8.482   1.00 62.06  ? 35  LEU A CA  1 
ATOM   254  C C   . LEU A 1 35  ? -4.236  -3.840  9.206   1.00 65.36  ? 35  LEU A C   1 
ATOM   255  O O   . LEU A 1 35  ? -3.367  -3.319  9.908   1.00 66.60  ? 35  LEU A O   1 
ATOM   256  C CB  . LEU A 1 35  ? -4.592  -2.210  7.360   1.00 52.45  ? 35  LEU A CB  1 
ATOM   257  C CG  . LEU A 1 35  ? -3.792  -3.066  6.379   1.00 51.40  ? 35  LEU A CG  1 
ATOM   258  C CD1 . LEU A 1 35  ? -4.690  -4.094  5.729   1.00 50.75  ? 35  LEU A CD1 1 
ATOM   259  C CD2 . LEU A 1 35  ? -3.169  -2.168  5.333   1.00 52.92  ? 35  LEU A CD2 1 
ATOM   260  N N   . SER A 1 36  ? -4.335  -5.151  9.036   1.00 75.87  ? 36  SER A N   1 
ATOM   261  C CA  . SER A 1 36  ? -3.406  -6.072  9.679   1.00 79.02  ? 36  SER A CA  1 
ATOM   262  C C   . SER A 1 36  ? -2.979  -7.157  8.697   1.00 80.45  ? 36  SER A C   1 
ATOM   263  O O   . SER A 1 36  ? -3.767  -8.034  8.340   1.00 81.19  ? 36  SER A O   1 
ATOM   264  C CB  . SER A 1 36  ? -4.066  -6.705  10.905  1.00 90.00  ? 36  SER A CB  1 
ATOM   265  O OG  . SER A 1 36  ? -5.301  -7.313  10.561  1.00 92.21  ? 36  SER A OG  1 
ATOM   266  N N   . LEU A 1 37  ? -1.727  -7.093  8.264   1.00 68.66  ? 37  LEU A N   1 
ATOM   267  C CA  . LEU A 1 37  ? -1.206  -8.064  7.314   1.00 70.70  ? 37  LEU A CA  1 
ATOM   268  C C   . LEU A 1 37  ? -0.913  -9.415  7.949   1.00 73.65  ? 37  LEU A C   1 
ATOM   269  O O   . LEU A 1 37  ? -0.782  -9.526  9.167   1.00 73.99  ? 37  LEU A O   1 
ATOM   270  C CB  . LEU A 1 37  ? 0.068   -7.521  6.668   1.00 55.57  ? 37  LEU A CB  1 
ATOM   271  C CG  . LEU A 1 37  ? -0.103  -6.226  5.878   1.00 53.96  ? 37  LEU A CG  1 
ATOM   272  C CD1 . LEU A 1 37  ? 1.236   -5.804  5.293   1.00 52.72  ? 37  LEU A CD1 1 
ATOM   273  C CD2 . LEU A 1 37  ? -1.133  -6.439  4.775   1.00 53.39  ? 37  LEU A CD2 1 
ATOM   274  N N   . GLN A 1 38  ? -0.823  -10.444 7.112   1.00 83.24  ? 38  GLN A N   1 
ATOM   275  C CA  . GLN A 1 38  ? -0.513  -11.790 7.575   1.00 85.11  ? 38  GLN A CA  1 
ATOM   276  C C   . GLN A 1 38  ? 1.001   -11.830 7.773   1.00 85.10  ? 38  GLN A C   1 
ATOM   277  O O   . GLN A 1 38  ? 1.734   -11.067 7.144   1.00 85.46  ? 38  GLN A O   1 
ATOM   278  C CB  . GLN A 1 38  ? -0.925  -12.831 6.530   1.00 88.56  ? 38  GLN A CB  1 
ATOM   279  C CG  . GLN A 1 38  ? -2.411  -12.857 6.198   1.00 91.87  ? 38  GLN A CG  1 
ATOM   280  C CD  . GLN A 1 38  ? -3.258  -13.420 7.320   1.00 93.72  ? 38  GLN A CD  1 
ATOM   281  O OE1 . GLN A 1 38  ? -4.479  -13.526 7.196   1.00 94.75  ? 38  GLN A OE1 1 
ATOM   282  N NE2 . GLN A 1 38  ? -2.615  -13.788 8.423   1.00 95.62  ? 38  GLN A NE2 1 
ATOM   283  N N   . PRO A 1 39  ? 1.487   -12.735 8.633   1.00 97.01  ? 39  PRO A N   1 
ATOM   284  C CA  . PRO A 1 39  ? 2.915   -12.886 8.931   1.00 97.19  ? 39  PRO A CA  1 
ATOM   285  C C   . PRO A 1 39  ? 3.936   -12.655 7.806   1.00 96.35  ? 39  PRO A C   1 
ATOM   286  O O   . PRO A 1 39  ? 4.927   -11.951 8.012   1.00 95.77  ? 39  PRO A O   1 
ATOM   287  C CB  . PRO A 1 39  ? 3.001   -14.300 9.522   1.00 84.65  ? 39  PRO A CB  1 
ATOM   288  C CG  . PRO A 1 39  ? 1.745   -14.979 9.023   1.00 85.16  ? 39  PRO A CG  1 
ATOM   289  C CD  . PRO A 1 39  ? 0.734   -13.885 9.158   1.00 84.81  ? 39  PRO A CD  1 
ATOM   290  N N   . ASN A 1 40  ? 3.710   -13.227 6.628   1.00 67.73  ? 40  ASN A N   1 
ATOM   291  C CA  . ASN A 1 40  ? 4.669   -13.058 5.534   1.00 66.25  ? 40  ASN A CA  1 
ATOM   292  C C   . ASN A 1 40  ? 4.237   -12.138 4.397   1.00 62.93  ? 40  ASN A C   1 
ATOM   293  O O   . ASN A 1 40  ? 4.930   -12.034 3.381   1.00 61.82  ? 40  ASN A O   1 
ATOM   294  C CB  . ASN A 1 40  ? 5.038   -14.423 4.950   1.00 102.33 ? 40  ASN A CB  1 
ATOM   295  C CG  . ASN A 1 40  ? 5.919   -15.235 5.878   1.00 107.20 ? 40  ASN A CG  1 
ATOM   296  O OD1 . ASN A 1 40  ? 6.262   -16.378 5.580   1.00 109.07 ? 40  ASN A OD1 1 
ATOM   297  N ND2 . ASN A 1 40  ? 6.297   -14.646 7.007   1.00 107.81 ? 40  ASN A ND2 1 
ATOM   298  N N   . GLU A 1 41  ? 3.112   -11.454 4.561   1.00 59.93  ? 41  GLU A N   1 
ATOM   299  C CA  . GLU A 1 41  ? 2.624   -10.581 3.506   1.00 54.33  ? 41  GLU A CA  1 
ATOM   300  C C   . GLU A 1 41  ? 3.475   -9.346  3.246   1.00 50.21  ? 41  GLU A C   1 
ATOM   301  O O   . GLU A 1 41  ? 3.752   -9.019  2.090   1.00 49.79  ? 41  GLU A O   1 
ATOM   302  C CB  . GLU A 1 41  ? 1.183   -10.174 3.799   1.00 64.98  ? 41  GLU A CB  1 
ATOM   303  C CG  . GLU A 1 41  ? 0.259   -11.367 3.906   1.00 64.25  ? 41  GLU A CG  1 
ATOM   304  C CD  . GLU A 1 41  ? -1.204  -10.985 3.955   1.00 64.08  ? 41  GLU A CD  1 
ATOM   305  O OE1 . GLU A 1 41  ? -1.571  -10.128 4.787   1.00 62.81  ? 41  GLU A OE1 1 
ATOM   306  O OE2 . GLU A 1 41  ? -1.989  -11.553 3.166   1.00 65.55  ? 41  GLU A OE2 1 
ATOM   307  N N   . ILE A 1 42  ? 3.901   -8.664  4.306   1.00 51.28  ? 42  ILE A N   1 
ATOM   308  C CA  . ILE A 1 42  ? 4.709   -7.462  4.129   1.00 48.10  ? 42  ILE A CA  1 
ATOM   309  C C   . ILE A 1 42  ? 6.018   -7.798  3.430   1.00 47.51  ? 42  ILE A C   1 
ATOM   310  O O   . ILE A 1 42  ? 6.544   -6.995  2.656   1.00 46.85  ? 42  ILE A O   1 
ATOM   311  C CB  . ILE A 1 42  ? 5.019   -6.770  5.475   1.00 52.60  ? 42  ILE A CB  1 
ATOM   312  C CG1 . ILE A 1 42  ? 5.639   -5.399  5.218   1.00 51.13  ? 42  ILE A CG1 1 
ATOM   313  C CG2 . ILE A 1 42  ? 5.979   -7.613  6.297   1.00 51.42  ? 42  ILE A CG2 1 
ATOM   314  C CD1 . ILE A 1 42  ? 4.751   -4.473  4.416   1.00 52.06  ? 42  ILE A CD1 1 
ATOM   315  N N   . GLY A 1 43  ? 6.538   -8.991  3.701   1.00 48.59  ? 43  GLY A N   1 
ATOM   316  C CA  . GLY A 1 43  ? 7.781   -9.411  3.081   1.00 48.41  ? 43  GLY A CA  1 
ATOM   317  C C   . GLY A 1 43  ? 7.642   -9.570  1.577   1.00 48.91  ? 43  GLY A C   1 
ATOM   318  O O   . GLY A 1 43  ? 8.516   -9.149  0.813   1.00 48.54  ? 43  GLY A O   1 
ATOM   319  N N   . GLU A 1 44  ? 6.543   -10.181 1.147   1.00 50.21  ? 44  GLU A N   1 
ATOM   320  C CA  . GLU A 1 44  ? 6.305   -10.377 -0.278  1.00 51.45  ? 44  GLU A CA  1 
ATOM   321  C C   . GLU A 1 44  ? 6.211   -9.031  -0.982  1.00 49.15  ? 44  GLU A C   1 
ATOM   322  O O   . GLU A 1 44  ? 6.754   -8.850  -2.069  1.00 48.19  ? 44  GLU A O   1 
ATOM   323  C CB  . GLU A 1 44  ? 5.016   -11.171 -0.497  1.00 67.45  ? 44  GLU A CB  1 
ATOM   324  C CG  . GLU A 1 44  ? 5.105   -12.624 -0.068  1.00 73.61  ? 44  GLU A CG  1 
ATOM   325  C CD  . GLU A 1 44  ? 6.229   -13.366 -0.769  1.00 78.78  ? 44  GLU A CD  1 
ATOM   326  O OE1 . GLU A 1 44  ? 6.267   -13.355 -2.019  1.00 81.12  ? 44  GLU A OE1 1 
ATOM   327  O OE2 . GLU A 1 44  ? 7.074   -13.963 -0.071  1.00 80.83  ? 44  GLU A OE2 1 
ATOM   328  N N   . ILE A 1 45  ? 5.527   -8.084  -0.351  1.00 43.63  ? 45  ILE A N   1 
ATOM   329  C CA  . ILE A 1 45  ? 5.367   -6.751  -0.923  1.00 41.69  ? 45  ILE A CA  1 
ATOM   330  C C   . ILE A 1 45  ? 6.704   -6.030  -1.028  1.00 40.31  ? 45  ILE A C   1 
ATOM   331  O O   . ILE A 1 45  ? 7.075   -5.554  -2.102  1.00 37.67  ? 45  ILE A O   1 
ATOM   332  C CB  . ILE A 1 45  ? 4.388   -5.906  -0.083  1.00 47.18  ? 45  ILE A CB  1 
ATOM   333  C CG1 . ILE A 1 45  ? 2.982   -6.506  -0.193  1.00 47.10  ? 45  ILE A CG1 1 
ATOM   334  C CG2 . ILE A 1 45  ? 4.403   -4.455  -0.553  1.00 46.94  ? 45  ILE A CG2 1 
ATOM   335  C CD1 . ILE A 1 45  ? 1.945   -5.832  0.679   1.00 48.63  ? 45  ILE A CD1 1 
ATOM   336  N N   . VAL A 1 46  ? 7.428   -5.962  0.086   1.00 44.59  ? 46  VAL A N   1 
ATOM   337  C CA  . VAL A 1 46  ? 8.730   -5.304  0.111   1.00 46.67  ? 46  VAL A CA  1 
ATOM   338  C C   . VAL A 1 46  ? 9.648   -5.884  -0.962  1.00 47.87  ? 46  VAL A C   1 
ATOM   339  O O   . VAL A 1 46  ? 10.286  -5.148  -1.712  1.00 47.05  ? 46  VAL A O   1 
ATOM   340  C CB  . VAL A 1 46  ? 9.401   -5.460  1.492   1.00 50.02  ? 46  VAL A CB  1 
ATOM   341  C CG1 . VAL A 1 46  ? 10.828  -4.938  1.441   1.00 48.96  ? 46  VAL A CG1 1 
ATOM   342  C CG2 . VAL A 1 46  ? 8.600   -4.701  2.545   1.00 48.93  ? 46  VAL A CG2 1 
ATOM   343  N N   . GLN A 1 47  ? 9.707   -7.209  -1.031  1.00 45.37  ? 47  GLN A N   1 
ATOM   344  C CA  . GLN A 1 47  ? 10.543  -7.885  -2.015  1.00 48.41  ? 47  GLN A CA  1 
ATOM   345  C C   . GLN A 1 47  ? 10.023  -7.623  -3.431  1.00 46.22  ? 47  GLN A C   1 
ATOM   346  O O   . GLN A 1 47  ? 10.799  -7.466  -4.379  1.00 44.09  ? 47  GLN A O   1 
ATOM   347  C CB  . GLN A 1 47  ? 10.549  -9.389  -1.738  1.00 83.08  ? 47  GLN A CB  1 
ATOM   348  C CG  . GLN A 1 47  ? 11.479  -10.185 -2.633  1.00 94.27  ? 47  GLN A CG  1 
ATOM   349  C CD  . GLN A 1 47  ? 11.373  -11.679 -2.390  1.00 99.52  ? 47  GLN A CD  1 
ATOM   350  O OE1 . GLN A 1 47  ? 11.506  -12.145 -1.257  1.00 103.07 ? 47  GLN A OE1 1 
ATOM   351  N NE2 . GLN A 1 47  ? 11.135  -12.440 -3.455  1.00 101.90 ? 47  GLN A NE2 1 
ATOM   352  N N   . GLY A 1 48  ? 8.700   -7.572  -3.563  1.00 50.65  ? 48  GLY A N   1 
ATOM   353  C CA  . GLY A 1 48  ? 8.084   -7.344  -4.857  1.00 48.26  ? 48  GLY A CA  1 
ATOM   354  C C   . GLY A 1 48  ? 8.535   -6.091  -5.576  1.00 47.40  ? 48  GLY A C   1 
ATOM   355  O O   . GLY A 1 48  ? 8.631   -6.087  -6.799  1.00 47.79  ? 48  GLY A O   1 
ATOM   356  N N   . PHE A 1 49  ? 8.813   -5.021  -4.838  1.00 44.99  ? 49  PHE A N   1 
ATOM   357  C CA  . PHE A 1 49  ? 9.243   -3.778  -5.473  1.00 45.90  ? 49  PHE A CA  1 
ATOM   358  C C   . PHE A 1 49  ? 10.522  -3.959  -6.289  1.00 47.78  ? 49  PHE A C   1 
ATOM   359  O O   . PHE A 1 49  ? 10.664  -3.384  -7.367  1.00 48.61  ? 49  PHE A O   1 
ATOM   360  C CB  . PHE A 1 49  ? 9.472   -2.685  -4.422  1.00 47.64  ? 49  PHE A CB  1 
ATOM   361  C CG  . PHE A 1 49  ? 8.211   -2.132  -3.824  1.00 43.39  ? 49  PHE A CG  1 
ATOM   362  C CD1 . PHE A 1 49  ? 7.332   -1.372  -4.596  1.00 42.39  ? 49  PHE A CD1 1 
ATOM   363  C CD2 . PHE A 1 49  ? 7.913   -2.347  -2.480  1.00 40.56  ? 49  PHE A CD2 1 
ATOM   364  C CE1 . PHE A 1 49  ? 6.172   -0.827  -4.036  1.00 40.82  ? 49  PHE A CE1 1 
ATOM   365  C CE2 . PHE A 1 49  ? 6.756   -1.808  -1.909  1.00 41.25  ? 49  PHE A CE2 1 
ATOM   366  C CZ  . PHE A 1 49  ? 5.884   -1.043  -2.691  1.00 39.73  ? 49  PHE A CZ  1 
ATOM   367  N N   . ASP A 1 50  ? 11.451  -4.753  -5.767  1.00 54.52  ? 50  ASP A N   1 
ATOM   368  C CA  . ASP A 1 50  ? 12.723  -4.990  -6.445  1.00 57.13  ? 50  ASP A CA  1 
ATOM   369  C C   . ASP A 1 50  ? 12.654  -6.160  -7.416  1.00 58.57  ? 50  ASP A C   1 
ATOM   370  O O   . ASP A 1 50  ? 13.440  -6.240  -8.360  1.00 59.37  ? 50  ASP A O   1 
ATOM   371  C CB  . ASP A 1 50  ? 13.823  -5.240  -5.414  1.00 58.02  ? 50  ASP A CB  1 
ATOM   372  C CG  . ASP A 1 50  ? 13.994  -4.079  -4.457  1.00 59.07  ? 50  ASP A CG  1 
ATOM   373  O OD1 . ASP A 1 50  ? 14.296  -2.957  -4.930  1.00 56.15  ? 50  ASP A OD1 1 
ATOM   374  O OD2 . ASP A 1 50  ? 13.821  -4.292  -3.234  1.00 58.51  ? 50  ASP A OD2 1 
ATOM   375  N N   . ASN A 1 51  ? 11.716  -7.068  -7.179  1.00 48.02  ? 51  ASN A N   1 
ATOM   376  C CA  . ASN A 1 51  ? 11.542  -8.225  -8.047  1.00 48.97  ? 51  ASN A CA  1 
ATOM   377  C C   . ASN A 1 51  ? 10.065  -8.574  -8.190  1.00 47.96  ? 51  ASN A C   1 
ATOM   378  O O   . ASN A 1 51  ? 9.543   -9.426  -7.470  1.00 45.40  ? 51  ASN A O   1 
ATOM   379  C CB  . ASN A 1 51  ? 12.301  -9.426  -7.489  1.00 75.74  ? 51  ASN A CB  1 
ATOM   380  C CG  . ASN A 1 51  ? 12.008  -10.696 -8.254  1.00 79.22  ? 51  ASN A CG  1 
ATOM   381  O OD1 . ASN A 1 51  ? 12.143  -10.742 -9.478  1.00 79.28  ? 51  ASN A OD1 1 
ATOM   382  N ND2 . ASN A 1 51  ? 11.599  -11.737 -7.537  1.00 80.40  ? 51  ASN A ND2 1 
ATOM   383  N N   . PRO A 1 52  ? 9.373   -7.910  -9.129  1.00 57.53  ? 52  PRO A N   1 
ATOM   384  C CA  . PRO A 1 52  ? 7.945   -8.129  -9.389  1.00 59.92  ? 52  PRO A CA  1 
ATOM   385  C C   . PRO A 1 52  ? 7.587   -9.559  -9.794  1.00 61.64  ? 52  PRO A C   1 
ATOM   386  O O   . PRO A 1 52  ? 6.547   -10.084 -9.385  1.00 60.78  ? 52  PRO A O   1 
ATOM   387  C CB  . PRO A 1 52  ? 7.632   -7.106  -10.482 1.00 58.28  ? 52  PRO A CB  1 
ATOM   388  C CG  . PRO A 1 52  ? 8.948   -6.917  -11.167 1.00 57.73  ? 52  PRO A CG  1 
ATOM   389  C CD  . PRO A 1 52  ? 9.911   -6.868  -10.019 1.00 56.98  ? 52  PRO A CD  1 
ATOM   390  N N   . ALA A 1 53  ? 8.445   -10.183 -10.596 1.00 67.48  ? 53  ALA A N   1 
ATOM   391  C CA  . ALA A 1 53  ? 8.210   -11.554 -11.035 1.00 69.78  ? 53  ALA A CA  1 
ATOM   392  C C   . ALA A 1 53  ? 7.850   -12.402 -9.822  1.00 71.08  ? 53  ALA A C   1 
ATOM   393  O O   . ALA A 1 53  ? 6.985   -13.279 -9.893  1.00 70.79  ? 53  ALA A O   1 
ATOM   394  C CB  . ALA A 1 53  ? 9.455   -12.106 -11.712 1.00 72.59  ? 53  ALA A CB  1 
ATOM   395  N N   . GLY A 1 54  ? 8.517   -12.128 -8.706  1.00 69.69  ? 54  GLY A N   1 
ATOM   396  C CA  . GLY A 1 54  ? 8.249   -12.861 -7.485  1.00 71.55  ? 54  GLY A CA  1 
ATOM   397  C C   . GLY A 1 54  ? 6.771   -12.810 -7.157  1.00 72.93  ? 54  GLY A C   1 
ATOM   398  O O   . GLY A 1 54  ? 6.133   -13.850 -6.987  1.00 73.55  ? 54  GLY A O   1 
ATOM   399  N N   . LEU A 1 55  ? 6.225   -11.599 -7.071  1.00 86.45  ? 55  LEU A N   1 
ATOM   400  C CA  . LEU A 1 55  ? 4.807   -11.419 -6.772  1.00 87.52  ? 55  LEU A CA  1 
ATOM   401  C C   . LEU A 1 55  ? 3.942   -12.104 -7.818  1.00 90.54  ? 55  LEU A C   1 
ATOM   402  O O   . LEU A 1 55  ? 3.098   -12.934 -7.485  1.00 91.08  ? 55  LEU A O   1 
ATOM   403  C CB  . LEU A 1 55  ? 4.445   -9.931  -6.726  1.00 56.97  ? 55  LEU A CB  1 
ATOM   404  C CG  . LEU A 1 55  ? 4.617   -9.173  -5.410  1.00 54.15  ? 55  LEU A CG  1 
ATOM   405  C CD1 . LEU A 1 55  ? 4.192   -7.728  -5.610  1.00 53.49  ? 55  LEU A CD1 1 
ATOM   406  C CD2 . LEU A 1 55  ? 3.779   -9.825  -4.324  1.00 52.86  ? 55  LEU A CD2 1 
ATOM   407  N N   . GLN A 1 56  ? 4.161   -11.746 -9.080  1.00 77.30  ? 56  GLN A N   1 
ATOM   408  C CA  . GLN A 1 56  ? 3.410   -12.304 -10.203 1.00 81.96  ? 56  GLN A CA  1 
ATOM   409  C C   . GLN A 1 56  ? 2.966   -13.749 -10.009 1.00 85.30  ? 56  GLN A C   1 
ATOM   410  O O   . GLN A 1 56  ? 1.813   -14.090 -10.278 1.00 86.54  ? 56  GLN A O   1 
ATOM   411  C CB  . GLN A 1 56  ? 4.236   -12.194 -11.488 1.00 87.02  ? 56  GLN A CB  1 
ATOM   412  C CG  . GLN A 1 56  ? 4.077   -10.865 -12.199 1.00 87.40  ? 56  GLN A CG  1 
ATOM   413  C CD  . GLN A 1 56  ? 2.745   -10.754 -12.917 1.00 88.02  ? 56  GLN A CD  1 
ATOM   414  O OE1 . GLN A 1 56  ? 1.736   -11.306 -12.471 1.00 87.74  ? 56  GLN A OE1 1 
ATOM   415  N NE2 . GLN A 1 56  ? 2.731   -10.027 -14.028 1.00 88.08  ? 56  GLN A NE2 1 
ATOM   416  N N   . SER A 1 57  ? 3.881   -14.592 -9.539  1.00 104.66 ? 57  SER A N   1 
ATOM   417  C CA  . SER A 1 57  ? 3.584   -16.003 -9.319  1.00 107.41 ? 57  SER A CA  1 
ATOM   418  C C   . SER A 1 57  ? 2.492   -16.229 -8.270  1.00 107.86 ? 57  SER A C   1 
ATOM   419  O O   . SER A 1 57  ? 1.305   -16.039 -8.546  1.00 109.08 ? 57  SER A O   1 
ATOM   420  C CB  . SER A 1 57  ? 4.860   -16.743 -8.912  1.00 99.49  ? 57  SER A CB  1 
ATOM   421  O OG  . SER A 1 57  ? 5.440   -16.157 -7.762  1.00 103.66 ? 57  SER A OG  1 
ATOM   422  N N   . ASN A 1 58  ? 2.902   -16.643 -7.072  1.00 109.17 ? 58  ASN A N   1 
ATOM   423  C CA  . ASN A 1 58  ? 1.977   -16.910 -5.972  1.00 108.27 ? 58  ASN A CA  1 
ATOM   424  C C   . ASN A 1 58  ? 0.859   -15.875 -5.865  1.00 105.66 ? 58  ASN A C   1 
ATOM   425  O O   . ASN A 1 58  ? -0.275  -16.209 -5.516  1.00 105.85 ? 58  ASN A O   1 
ATOM   426  C CB  . ASN A 1 58  ? 2.743   -16.961 -4.651  1.00 104.20 ? 58  ASN A CB  1 
ATOM   427  C CG  . ASN A 1 58  ? 3.466   -15.662 -4.350  1.00 107.19 ? 58  ASN A CG  1 
ATOM   428  O OD1 . ASN A 1 58  ? 4.294   -15.203 -5.138  1.00 109.63 ? 58  ASN A OD1 1 
ATOM   429  N ND2 . ASN A 1 58  ? 3.157   -15.064 -3.203  1.00 109.75 ? 58  ASN A ND2 1 
ATOM   430  N N   . GLY A 1 59  ? 1.186   -14.622 -6.161  1.00 97.06  ? 59  GLY A N   1 
ATOM   431  C CA  . GLY A 1 59  ? 0.195   -13.565 -6.091  1.00 91.97  ? 59  GLY A CA  1 
ATOM   432  C C   . GLY A 1 59  ? 0.426   -12.612 -4.934  1.00 88.85  ? 59  GLY A C   1 
ATOM   433  O O   . GLY A 1 59  ? 1.302   -12.832 -4.097  1.00 88.41  ? 59  GLY A O   1 
ATOM   434  N N   . LEU A 1 60  ? -0.367  -11.550 -4.891  1.00 64.92  ? 60  LEU A N   1 
ATOM   435  C CA  . LEU A 1 60  ? -0.260  -10.548 -3.841  1.00 60.65  ? 60  LEU A CA  1 
ATOM   436  C C   . LEU A 1 60  ? -1.345  -10.834 -2.813  1.00 58.89  ? 60  LEU A C   1 
ATOM   437  O O   . LEU A 1 60  ? -2.525  -10.870 -3.152  1.00 59.60  ? 60  LEU A O   1 
ATOM   438  C CB  . LEU A 1 60  ? -0.461  -9.157  -4.446  1.00 63.55  ? 60  LEU A CB  1 
ATOM   439  C CG  . LEU A 1 60  ? -0.098  -7.901  -3.651  1.00 61.80  ? 60  LEU A CG  1 
ATOM   440  C CD1 . LEU A 1 60  ? -0.476  -6.687  -4.480  1.00 60.62  ? 60  LEU A CD1 1 
ATOM   441  C CD2 . LEU A 1 60  ? -0.817  -7.869  -2.321  1.00 61.35  ? 60  LEU A CD2 1 
ATOM   442  N N   . HIS A 1 61  ? -0.956  -11.037 -1.559  1.00 55.98  ? 61  HIS A N   1 
ATOM   443  C CA  . HIS A 1 61  ? -1.936  -11.325 -0.523  1.00 54.73  ? 61  HIS A CA  1 
ATOM   444  C C   . HIS A 1 61  ? -1.924  -10.298 0.594   1.00 53.86  ? 61  HIS A C   1 
ATOM   445  O O   . HIS A 1 61  ? -0.871  -9.967  1.139   1.00 53.49  ? 61  HIS A O   1 
ATOM   446  C CB  . HIS A 1 61  ? -1.692  -12.714 0.068   1.00 69.55  ? 61  HIS A CB  1 
ATOM   447  C CG  . HIS A 1 61  ? -1.708  -13.810 -0.949  1.00 70.03  ? 61  HIS A CG  1 
ATOM   448  N ND1 . HIS A 1 61  ? -0.766  -13.907 -1.952  1.00 70.01  ? 61  HIS A ND1 1 
ATOM   449  C CD2 . HIS A 1 61  ? -2.558  -14.848 -1.129  1.00 70.17  ? 61  HIS A CD2 1 
ATOM   450  C CE1 . HIS A 1 61  ? -1.036  -14.958 -2.706  1.00 70.16  ? 61  HIS A CE1 1 
ATOM   451  N NE2 . HIS A 1 61  ? -2.118  -15.545 -2.229  1.00 70.79  ? 61  HIS A NE2 1 
ATOM   452  N N   . ILE A 1 62  ? -3.110  -9.804  0.928   1.00 59.19  ? 62  ILE A N   1 
ATOM   453  C CA  . ILE A 1 62  ? -3.283  -8.819  1.986   1.00 58.10  ? 62  ILE A CA  1 
ATOM   454  C C   . ILE A 1 62  ? -4.389  -9.329  2.895   1.00 59.21  ? 62  ILE A C   1 
ATOM   455  O O   . ILE A 1 62  ? -5.465  -9.689  2.424   1.00 60.10  ? 62  ILE A O   1 
ATOM   456  C CB  . ILE A 1 62  ? -3.718  -7.451  1.420   1.00 52.16  ? 62  ILE A CB  1 
ATOM   457  C CG1 . ILE A 1 62  ? -2.726  -6.983  0.349   1.00 50.50  ? 62  ILE A CG1 1 
ATOM   458  C CG2 . ILE A 1 62  ? -3.823  -6.437  2.550   1.00 50.83  ? 62  ILE A CG2 1 
ATOM   459  C CD1 . ILE A 1 62  ? -1.330  -6.730  0.866   1.00 49.09  ? 62  ILE A CD1 1 
ATOM   460  N N   . GLN A 1 63  ? -4.124  -9.363  4.194   1.00 73.00  ? 63  GLN A N   1 
ATOM   461  C CA  . GLN A 1 63  ? -5.106  -9.842  5.158   1.00 74.80  ? 63  GLN A CA  1 
ATOM   462  C C   . GLN A 1 63  ? -5.739  -11.160 4.706   1.00 75.39  ? 63  GLN A C   1 
ATOM   463  O O   . GLN A 1 63  ? -6.921  -11.406 4.949   1.00 75.66  ? 63  GLN A O   1 
ATOM   464  C CB  . GLN A 1 63  ? -6.194  -8.785  5.377   1.00 73.23  ? 63  GLN A CB  1 
ATOM   465  C CG  . GLN A 1 63  ? -5.675  -7.475  5.969   1.00 76.58  ? 63  GLN A CG  1 
ATOM   466  C CD  . GLN A 1 63  ? -6.789  -6.525  6.388   1.00 78.62  ? 63  GLN A CD  1 
ATOM   467  O OE1 . GLN A 1 63  ? -7.635  -6.143  5.577   1.00 79.91  ? 63  GLN A OE1 1 
ATOM   468  N NE2 . GLN A 1 63  ? -6.790  -6.134  7.660   1.00 79.18  ? 63  GLN A NE2 1 
ATOM   469  N N   . GLY A 1 64  ? -4.946  -11.998 4.043   1.00 68.02  ? 64  GLY A N   1 
ATOM   470  C CA  . GLY A 1 64  ? -5.443  -13.284 3.582   1.00 68.32  ? 64  GLY A CA  1 
ATOM   471  C C   . GLY A 1 64  ? -5.975  -13.283 2.161   1.00 68.61  ? 64  GLY A C   1 
ATOM   472  O O   . GLY A 1 64  ? -5.734  -14.222 1.398   1.00 69.22  ? 64  GLY A O   1 
ATOM   473  N N   . GLN A 1 65  ? -6.705  -12.232 1.803   1.00 68.04  ? 65  GLN A N   1 
ATOM   474  C CA  . GLN A 1 65  ? -7.280  -12.111 0.469   1.00 66.89  ? 65  GLN A CA  1 
ATOM   475  C C   . GLN A 1 65  ? -6.210  -11.952 -0.602  1.00 65.57  ? 65  GLN A C   1 
ATOM   476  O O   . GLN A 1 65  ? -5.245  -11.211 -0.423  1.00 66.56  ? 65  GLN A O   1 
ATOM   477  C CB  . GLN A 1 65  ? -8.227  -10.908 0.413   1.00 71.58  ? 65  GLN A CB  1 
ATOM   478  C CG  . GLN A 1 65  ? -8.722  -10.551 -0.985  1.00 72.51  ? 65  GLN A CG  1 
ATOM   479  C CD  . GLN A 1 65  ? -9.596  -11.628 -1.596  1.00 74.74  ? 65  GLN A CD  1 
ATOM   480  O OE1 . GLN A 1 65  ? -10.620 -12.011 -1.025  1.00 75.72  ? 65  GLN A OE1 1 
ATOM   481  N NE2 . GLN A 1 65  ? -9.203  -12.119 -2.767  1.00 73.58  ? 65  GLN A NE2 1 
ATOM   482  N N   . LYS A 1 66  ? -6.383  -12.656 -1.713  1.00 60.92  ? 66  LYS A N   1 
ATOM   483  C CA  . LYS A 1 66  ? -5.440  -12.555 -2.811  1.00 59.39  ? 66  LYS A CA  1 
ATOM   484  C C   . LYS A 1 66  ? -5.894  -11.435 -3.746  1.00 57.90  ? 66  LYS A C   1 
ATOM   485  O O   . LYS A 1 66  ? -7.092  -11.215 -3.930  1.00 58.43  ? 66  LYS A O   1 
ATOM   486  C CB  . LYS A 1 66  ? -5.365  -13.868 -3.591  1.00 64.83  ? 66  LYS A CB  1 
ATOM   487  C CG  . LYS A 1 66  ? -4.474  -13.770 -4.820  1.00 67.71  ? 66  LYS A CG  1 
ATOM   488  C CD  . LYS A 1 66  ? -4.373  -15.078 -5.581  1.00 69.17  ? 66  LYS A CD  1 
ATOM   489  C CE  . LYS A 1 66  ? -3.452  -14.916 -6.782  1.00 71.39  ? 66  LYS A CE  1 
ATOM   490  N NZ  . LYS A 1 66  ? -3.274  -16.178 -7.555  1.00 73.90  ? 66  LYS A NZ  1 
ATOM   491  N N   . PHE A 1 67  ? -4.935  -10.725 -4.328  1.00 53.80  ? 67  PHE A N   1 
ATOM   492  C CA  . PHE A 1 67  ? -5.252  -9.642  -5.244  1.00 51.25  ? 67  PHE A CA  1 
ATOM   493  C C   . PHE A 1 67  ? -4.478  -9.816  -6.541  1.00 52.52  ? 67  PHE A C   1 
ATOM   494  O O   . PHE A 1 67  ? -3.301  -10.171 -6.524  1.00 54.12  ? 67  PHE A O   1 
ATOM   495  C CB  . PHE A 1 67  ? -4.889  -8.281  -4.635  1.00 46.53  ? 67  PHE A CB  1 
ATOM   496  C CG  . PHE A 1 67  ? -5.773  -7.861  -3.496  1.00 42.67  ? 67  PHE A CG  1 
ATOM   497  C CD1 . PHE A 1 67  ? -5.650  -8.447  -2.245  1.00 41.49  ? 67  PHE A CD1 1 
ATOM   498  C CD2 . PHE A 1 67  ? -6.726  -6.864  -3.675  1.00 41.92  ? 67  PHE A CD2 1 
ATOM   499  C CE1 . PHE A 1 67  ? -6.467  -8.047  -1.182  1.00 40.12  ? 67  PHE A CE1 1 
ATOM   500  C CE2 . PHE A 1 67  ? -7.547  -6.458  -2.624  1.00 40.95  ? 67  PHE A CE2 1 
ATOM   501  C CZ  . PHE A 1 67  ? -7.416  -7.052  -1.374  1.00 39.12  ? 67  PHE A CZ  1 
ATOM   502  N N   . MET A 1 68  ? -5.142  -9.567  -7.663  1.00 54.11  ? 68  MET A N   1 
ATOM   503  C CA  . MET A 1 68  ? -4.499  -9.660  -8.963  1.00 54.85  ? 68  MET A CA  1 
ATOM   504  C C   . MET A 1 68  ? -3.420  -8.595  -8.988  1.00 54.15  ? 68  MET A C   1 
ATOM   505  O O   . MET A 1 68  ? -3.620  -7.492  -8.480  1.00 54.42  ? 68  MET A O   1 
ATOM   506  C CB  . MET A 1 68  ? -5.495  -9.367  -10.084 1.00 73.09  ? 68  MET A CB  1 
ATOM   507  C CG  . MET A 1 68  ? -4.842  -9.208  -11.452 1.00 77.38  ? 68  MET A CG  1 
ATOM   508  S SD  . MET A 1 68  ? -5.813  -8.208  -12.601 1.00 87.17  ? 68  MET A SD  1 
ATOM   509  C CE  . MET A 1 68  ? -7.069  -9.382  -13.085 1.00 82.67  ? 68  MET A CE  1 
ATOM   510  N N   . LEU A 1 69  ? -2.279  -8.912  -9.586  1.00 54.78  ? 69  LEU A N   1 
ATOM   511  C CA  . LEU A 1 69  ? -1.200  -7.946  -9.664  1.00 55.11  ? 69  LEU A CA  1 
ATOM   512  C C   . LEU A 1 69  ? -1.386  -7.095  -10.907 1.00 55.50  ? 69  LEU A C   1 
ATOM   513  O O   . LEU A 1 69  ? -0.963  -7.469  -11.994 1.00 57.79  ? 69  LEU A O   1 
ATOM   514  C CB  . LEU A 1 69  ? 0.152   -8.655  -9.724  1.00 48.93  ? 69  LEU A CB  1 
ATOM   515  C CG  . LEU A 1 69  ? 1.346   -7.706  -9.733  1.00 48.05  ? 69  LEU A CG  1 
ATOM   516  C CD1 . LEU A 1 69  ? 1.432   -6.994  -8.392  1.00 47.24  ? 69  LEU A CD1 1 
ATOM   517  C CD2 . LEU A 1 69  ? 2.618   -8.489  -10.011 1.00 49.10  ? 69  LEU A CD2 1 
ATOM   518  N N   . LEU A 1 70  ? -2.023  -5.946  -10.740 1.00 55.60  ? 70  LEU A N   1 
ATOM   519  C CA  . LEU A 1 70  ? -2.273  -5.045  -11.851 1.00 55.08  ? 70  LEU A CA  1 
ATOM   520  C C   . LEU A 1 70  ? -1.002  -4.302  -12.248 1.00 55.34  ? 70  LEU A C   1 
ATOM   521  O O   . LEU A 1 70  ? -0.783  -4.018  -13.422 1.00 55.60  ? 70  LEU A O   1 
ATOM   522  C CB  . LEU A 1 70  ? -3.369  -4.046  -11.460 1.00 59.00  ? 70  LEU A CB  1 
ATOM   523  C CG  . LEU A 1 70  ? -3.949  -3.053  -12.477 1.00 60.58  ? 70  LEU A CG  1 
ATOM   524  C CD1 . LEU A 1 70  ? -2.945  -1.966  -12.800 1.00 59.03  ? 70  LEU A CD1 1 
ATOM   525  C CD2 . LEU A 1 70  ? -4.369  -3.801  -13.732 1.00 59.85  ? 70  LEU A CD2 1 
ATOM   526  N N   . ARG A 1 71  ? -0.158  -3.995  -11.269 1.00 51.53  ? 71  ARG A N   1 
ATOM   527  C CA  . ARG A 1 71  ? 1.070   -3.258  -11.545 1.00 49.99  ? 71  ARG A CA  1 
ATOM   528  C C   . ARG A 1 71  ? 2.172   -3.507  -10.524 1.00 48.57  ? 71  ARG A C   1 
ATOM   529  O O   . ARG A 1 71  ? 1.903   -3.748  -9.347  1.00 49.01  ? 71  ARG A O   1 
ATOM   530  C CB  . ARG A 1 71  ? 0.757   -1.765  -11.600 1.00 50.48  ? 71  ARG A CB  1 
ATOM   531  C CG  . ARG A 1 71  ? 1.970   -0.860  -11.646 1.00 54.86  ? 71  ARG A CG  1 
ATOM   532  C CD  . ARG A 1 71  ? 1.526   0.570   -11.863 1.00 58.69  ? 71  ARG A CD  1 
ATOM   533  N NE  . ARG A 1 71  ? 2.640   1.504   -11.922 1.00 61.80  ? 71  ARG A NE  1 
ATOM   534  C CZ  . ARG A 1 71  ? 2.530   2.760   -12.338 1.00 64.56  ? 71  ARG A CZ  1 
ATOM   535  N NH1 . ARG A 1 71  ? 1.350   3.224   -12.735 1.00 64.43  ? 71  ARG A NH1 1 
ATOM   536  N NH2 . ARG A 1 71  ? 3.595   3.553   -12.358 1.00 64.54  ? 71  ARG A NH2 1 
ATOM   537  N N   . ALA A 1 72  ? 3.419   -3.436  -10.979 1.00 47.49  ? 72  ALA A N   1 
ATOM   538  C CA  . ALA A 1 72  ? 4.550   -3.657  -10.094 1.00 45.88  ? 72  ALA A CA  1 
ATOM   539  C C   . ALA A 1 72  ? 5.851   -3.145  -10.676 1.00 46.16  ? 72  ALA A C   1 
ATOM   540  O O   . ALA A 1 72  ? 6.335   -3.658  -11.678 1.00 48.43  ? 72  ALA A O   1 
ATOM   541  C CB  . ALA A 1 72  ? 4.677   -5.134  -9.778  1.00 34.57  ? 72  ALA A CB  1 
ATOM   542  N N   . ASP A 1 73  ? 6.404   -2.115  -10.048 1.00 42.58  ? 73  ASP A N   1 
ATOM   543  C CA  . ASP A 1 73  ? 7.678   -1.552  -10.459 1.00 43.51  ? 73  ASP A CA  1 
ATOM   544  C C   . ASP A 1 73  ? 8.439   -1.117  -9.209  1.00 44.29  ? 73  ASP A C   1 
ATOM   545  O O   . ASP A 1 73  ? 8.013   -1.396  -8.088  1.00 42.16  ? 73  ASP A O   1 
ATOM   546  C CB  . ASP A 1 73  ? 7.496   -0.370  -11.417 1.00 47.13  ? 73  ASP A CB  1 
ATOM   547  C CG  . ASP A 1 73  ? 6.622   0.725   -10.849 1.00 47.33  ? 73  ASP A CG  1 
ATOM   548  O OD1 . ASP A 1 73  ? 6.825   1.126   -9.684  1.00 46.19  ? 73  ASP A OD1 1 
ATOM   549  O OD2 . ASP A 1 73  ? 5.735   1.196   -11.586 1.00 49.36  ? 73  ASP A OD2 1 
ATOM   550  N N   . ASP A 1 74  ? 9.557   -0.429  -9.406  1.00 48.00  ? 74  ASP A N   1 
ATOM   551  C CA  . ASP A 1 74  ? 10.394  0.010   -8.300  1.00 49.75  ? 74  ASP A CA  1 
ATOM   552  C C   . ASP A 1 74  ? 9.706   0.841   -7.217  1.00 48.81  ? 74  ASP A C   1 
ATOM   553  O O   . ASP A 1 74  ? 10.159  0.847   -6.071  1.00 48.42  ? 74  ASP A O   1 
ATOM   554  C CB  . ASP A 1 74  ? 11.591  0.789   -8.842  1.00 78.99  ? 74  ASP A CB  1 
ATOM   555  C CG  . ASP A 1 74  ? 11.174  2.002   -9.638  1.00 85.31  ? 74  ASP A CG  1 
ATOM   556  O OD1 . ASP A 1 74  ? 10.456  1.831   -10.648 1.00 88.63  ? 74  ASP A OD1 1 
ATOM   557  O OD2 . ASP A 1 74  ? 11.558  3.129   -9.256  1.00 87.81  ? 74  ASP A OD2 1 
ATOM   558  N N   . ARG A 1 75  ? 8.622   1.538   -7.556  1.00 46.95  ? 75  ARG A N   1 
ATOM   559  C CA  . ARG A 1 75  ? 7.951   2.366   -6.558  1.00 45.77  ? 75  ARG A CA  1 
ATOM   560  C C   . ARG A 1 75  ? 6.483   2.046   -6.303  1.00 44.21  ? 75  ARG A C   1 
ATOM   561  O O   . ARG A 1 75  ? 5.963   2.355   -5.231  1.00 44.88  ? 75  ARG A O   1 
ATOM   562  C CB  . ARG A 1 75  ? 8.072   3.849   -6.932  1.00 48.99  ? 75  ARG A CB  1 
ATOM   563  C CG  . ARG A 1 75  ? 6.967   4.350   -7.839  1.00 51.42  ? 75  ARG A CG  1 
ATOM   564  C CD  . ARG A 1 75  ? 6.048   5.352   -7.132  1.00 51.37  ? 75  ARG A CD  1 
ATOM   565  N NE  . ARG A 1 75  ? 6.657   6.677   -7.049  1.00 51.11  ? 75  ARG A NE  1 
ATOM   566  C CZ  . ARG A 1 75  ? 6.015   7.785   -6.683  1.00 49.42  ? 75  ARG A CZ  1 
ATOM   567  N NH1 . ARG A 1 75  ? 4.734   7.746   -6.355  1.00 46.84  ? 75  ARG A NH1 1 
ATOM   568  N NH2 . ARG A 1 75  ? 6.658   8.945   -6.658  1.00 49.08  ? 75  ARG A NH2 1 
ATOM   569  N N   . SER A 1 76  ? 5.814   1.425   -7.268  1.00 45.45  ? 76  SER A N   1 
ATOM   570  C CA  . SER A 1 76  ? 4.398   1.126   -7.102  1.00 43.90  ? 76  SER A CA  1 
ATOM   571  C C   . SER A 1 76  ? 3.984   -0.307  -7.357  1.00 43.34  ? 76  SER A C   1 
ATOM   572  O O   . SER A 1 76  ? 4.489   -0.961  -8.262  1.00 44.74  ? 76  SER A O   1 
ATOM   573  C CB  . SER A 1 76  ? 3.566   2.031   -8.015  1.00 38.50  ? 76  SER A CB  1 
ATOM   574  O OG  . SER A 1 76  ? 3.836   3.395   -7.761  1.00 39.09  ? 76  SER A OG  1 
ATOM   575  N N   . ILE A 1 77  ? 3.036   -0.769  -6.549  1.00 38.27  ? 77  ILE A N   1 
ATOM   576  C CA  . ILE A 1 77  ? 2.466   -2.103  -6.663  1.00 37.58  ? 77  ILE A CA  1 
ATOM   577  C C   . ILE A 1 77  ? 0.957   -1.942  -6.468  1.00 36.84  ? 77  ILE A C   1 
ATOM   578  O O   . ILE A 1 77  ? 0.506   -1.535  -5.396  1.00 36.85  ? 77  ILE A O   1 
ATOM   579  C CB  . ILE A 1 77  ? 3.022   -3.053  -5.581  1.00 38.77  ? 77  ILE A CB  1 
ATOM   580  C CG1 . ILE A 1 77  ? 4.500   -3.333  -5.850  1.00 40.48  ? 77  ILE A CG1 1 
ATOM   581  C CG2 . ILE A 1 77  ? 2.243   -4.354  -5.572  1.00 37.06  ? 77  ILE A CG2 1 
ATOM   582  C CD1 . ILE A 1 77  ? 5.147   -4.248  -4.817  1.00 41.20  ? 77  ILE A CD1 1 
ATOM   583  N N   . TYR A 1 78  ? 0.179   -2.239  -7.508  1.00 39.36  ? 78  TYR A N   1 
ATOM   584  C CA  . TYR A 1 78  ? -1.274  -2.113  -7.426  1.00 37.80  ? 78  TYR A CA  1 
ATOM   585  C C   . TYR A 1 78  ? -1.960  -3.472  -7.399  1.00 38.22  ? 78  TYR A C   1 
ATOM   586  O O   . TYR A 1 78  ? -1.731  -4.307  -8.267  1.00 37.62  ? 78  TYR A O   1 
ATOM   587  C CB  . TYR A 1 78  ? -1.819  -1.311  -8.614  1.00 34.87  ? 78  TYR A CB  1 
ATOM   588  C CG  . TYR A 1 78  ? -1.306  0.104   -8.741  1.00 32.67  ? 78  TYR A CG  1 
ATOM   589  C CD1 . TYR A 1 78  ? -0.742  0.771   -7.654  1.00 31.77  ? 78  TYR A CD1 1 
ATOM   590  C CD2 . TYR A 1 78  ? -1.431  0.798   -9.944  1.00 31.30  ? 78  TYR A CD2 1 
ATOM   591  C CE1 . TYR A 1 78  ? -0.314  2.104   -7.765  1.00 31.77  ? 78  TYR A CE1 1 
ATOM   592  C CE2 . TYR A 1 78  ? -1.009  2.127   -10.065 1.00 31.37  ? 78  TYR A CE2 1 
ATOM   593  C CZ  . TYR A 1 78  ? -0.455  2.771   -8.972  1.00 32.62  ? 78  TYR A CZ  1 
ATOM   594  O OH  . TYR A 1 78  ? -0.055  4.087   -9.086  1.00 33.45  ? 78  TYR A OH  1 
ATOM   595  N N   . GLY A 1 79  ? -2.808  -3.679  -6.398  1.00 38.50  ? 79  GLY A N   1 
ATOM   596  C CA  . GLY A 1 79  ? -3.531  -4.931  -6.265  1.00 39.86  ? 79  GLY A CA  1 
ATOM   597  C C   . GLY A 1 79  ? -4.980  -4.742  -6.675  1.00 41.57  ? 79  GLY A C   1 
ATOM   598  O O   . GLY A 1 79  ? -5.554  -3.661  -6.497  1.00 41.26  ? 79  GLY A O   1 
ATOM   599  N N   . ARG A 1 80  ? -5.589  -5.798  -7.201  1.00 45.58  ? 80  ARG A N   1 
ATOM   600  C CA  . ARG A 1 80  ? -6.961  -5.704  -7.670  1.00 47.23  ? 80  ARG A CA  1 
ATOM   601  C C   . ARG A 1 80  ? -7.808  -6.937  -7.404  1.00 48.25  ? 80  ARG A C   1 
ATOM   602  O O   . ARG A 1 80  ? -7.369  -8.059  -7.631  1.00 49.37  ? 80  ARG A O   1 
ATOM   603  C CB  . ARG A 1 80  ? -6.946  -5.431  -9.175  1.00 41.48  ? 80  ARG A CB  1 
ATOM   604  C CG  . ARG A 1 80  ? -7.719  -4.211  -9.619  1.00 42.94  ? 80  ARG A CG  1 
ATOM   605  C CD  . ARG A 1 80  ? -7.265  -2.985  -8.881  1.00 44.03  ? 80  ARG A CD  1 
ATOM   606  N NE  . ARG A 1 80  ? -7.097  -1.836  -9.759  1.00 43.84  ? 80  ARG A NE  1 
ATOM   607  C CZ  . ARG A 1 80  ? -6.346  -0.788  -9.444  1.00 42.86  ? 80  ARG A CZ  1 
ATOM   608  N NH1 . ARG A 1 80  ? -5.710  -0.762  -8.277  1.00 40.44  ? 80  ARG A NH1 1 
ATOM   609  N NH2 . ARG A 1 80  ? -6.217  0.219   -10.292 1.00 41.80  ? 80  ARG A NH2 1 
ATOM   610  N N   . HIS A 1 81  ? -9.021  -6.716  -6.906  1.00 44.36  ? 81  HIS A N   1 
ATOM   611  C CA  . HIS A 1 81  ? -9.980  -7.794  -6.666  1.00 43.11  ? 81  HIS A CA  1 
ATOM   612  C C   . HIS A 1 81  ? -11.334 -7.228  -7.068  1.00 42.10  ? 81  HIS A C   1 
ATOM   613  O O   . HIS A 1 81  ? -12.118 -6.782  -6.223  1.00 40.27  ? 81  HIS A O   1 
ATOM   614  C CB  . HIS A 1 81  ? -10.030 -8.216  -5.203  1.00 47.13  ? 81  HIS A CB  1 
ATOM   615  C CG  . HIS A 1 81  ? -10.969 -9.355  -4.953  1.00 49.30  ? 81  HIS A CG  1 
ATOM   616  N ND1 . HIS A 1 81  ? -11.821 -9.399  -3.870  1.00 50.98  ? 81  HIS A ND1 1 
ATOM   617  C CD2 . HIS A 1 81  ? -11.198 -10.490 -5.656  1.00 50.20  ? 81  HIS A CD2 1 
ATOM   618  C CE1 . HIS A 1 81  ? -12.535 -10.509 -3.918  1.00 51.20  ? 81  HIS A CE1 1 
ATOM   619  N NE2 . HIS A 1 81  ? -12.176 -11.190 -4.992  1.00 51.70  ? 81  HIS A NE2 1 
ATOM   620  N N   . ASP A 1 82  ? -11.594 -7.245  -8.371  1.00 40.56  ? 82  ASP A N   1 
ATOM   621  C CA  . ASP A 1 82  ? -12.822 -6.701  -8.925  1.00 38.13  ? 82  ASP A CA  1 
ATOM   622  C C   . ASP A 1 82  ? -12.883 -5.226  -8.561  1.00 36.69  ? 82  ASP A C   1 
ATOM   623  O O   . ASP A 1 82  ? -11.938 -4.483  -8.829  1.00 36.10  ? 82  ASP A O   1 
ATOM   624  C CB  . ASP A 1 82  ? -14.058 -7.441  -8.396  1.00 40.36  ? 82  ASP A CB  1 
ATOM   625  C CG  . ASP A 1 82  ? -14.155 -8.866  -8.925  1.00 43.58  ? 82  ASP A CG  1 
ATOM   626  O OD1 . ASP A 1 82  ? -13.520 -9.160  -9.962  1.00 43.99  ? 82  ASP A OD1 1 
ATOM   627  O OD2 . ASP A 1 82  ? -14.873 -9.691  -8.316  1.00 44.97  ? 82  ASP A OD2 1 
ATOM   628  N N   . ALA A 1 83  ? -13.977 -4.805  -7.935  1.00 36.40  ? 83  ALA A N   1 
ATOM   629  C CA  . ALA A 1 83  ? -14.148 -3.406  -7.577  1.00 36.30  ? 83  ALA A CA  1 
ATOM   630  C C   . ALA A 1 83  ? -13.278 -2.922  -6.420  1.00 36.64  ? 83  ALA A C   1 
ATOM   631  O O   . ALA A 1 83  ? -13.162 -1.725  -6.205  1.00 36.26  ? 83  ALA A O   1 
ATOM   632  C CB  . ALA A 1 83  ? -15.615 -3.123  -7.279  1.00 32.92  ? 83  ALA A CB  1 
ATOM   633  N N   . GLU A 1 84  ? -12.668 -3.823  -5.664  1.00 37.09  ? 84  GLU A N   1 
ATOM   634  C CA  . GLU A 1 84  ? -11.825 -3.360  -4.568  1.00 39.54  ? 84  GLU A CA  1 
ATOM   635  C C   . GLU A 1 84  ? -10.355 -3.572  -4.903  1.00 38.56  ? 84  GLU A C   1 
ATOM   636  O O   . GLU A 1 84  ? -10.029 -4.243  -5.884  1.00 37.08  ? 84  GLU A O   1 
ATOM   637  C CB  . GLU A 1 84  ? -12.191 -4.064  -3.257  1.00 49.34  ? 84  GLU A CB  1 
ATOM   638  C CG  . GLU A 1 84  ? -11.762 -5.505  -3.150  1.00 53.74  ? 84  GLU A CG  1 
ATOM   639  C CD  . GLU A 1 84  ? -12.140 -6.095  -1.807  1.00 59.26  ? 84  GLU A CD  1 
ATOM   640  O OE1 . GLU A 1 84  ? -13.352 -6.233  -1.541  1.00 61.48  ? 84  GLU A OE1 1 
ATOM   641  O OE2 . GLU A 1 84  ? -11.231 -6.410  -1.010  1.00 62.03  ? 84  GLU A OE2 1 
ATOM   642  N N   . GLY A 1 85  ? -9.469  -2.989  -4.099  1.00 41.04  ? 85  GLY A N   1 
ATOM   643  C CA  . GLY A 1 85  ? -8.051  -3.131  -4.364  1.00 41.29  ? 85  GLY A CA  1 
ATOM   644  C C   . GLY A 1 85  ? -7.109  -2.622  -3.289  1.00 41.94  ? 85  GLY A C   1 
ATOM   645  O O   . GLY A 1 85  ? -7.512  -2.257  -2.179  1.00 42.17  ? 85  GLY A O   1 
ATOM   646  N N   . VAL A 1 86  ? -5.831  -2.590  -3.636  1.00 35.83  ? 86  VAL A N   1 
ATOM   647  C CA  . VAL A 1 86  ? -4.809  -2.155  -2.711  1.00 35.99  ? 86  VAL A CA  1 
ATOM   648  C C   . VAL A 1 86  ? -3.728  -1.375  -3.454  1.00 34.49  ? 86  VAL A C   1 
ATOM   649  O O   . VAL A 1 86  ? -3.393  -1.690  -4.598  1.00 33.29  ? 86  VAL A O   1 
ATOM   650  C CB  . VAL A 1 86  ? -4.201  -3.379  -1.988  1.00 47.14  ? 86  VAL A CB  1 
ATOM   651  C CG1 . VAL A 1 86  ? -3.659  -4.363  -3.003  1.00 48.79  ? 86  VAL A CG1 1 
ATOM   652  C CG2 . VAL A 1 86  ? -3.112  -2.941  -1.045  1.00 52.13  ? 86  VAL A CG2 1 
ATOM   653  N N   . VAL A 1 87  ? -3.198  -0.346  -2.804  1.00 36.89  ? 87  VAL A N   1 
ATOM   654  C CA  . VAL A 1 87  ? -2.159  0.485   -3.400  1.00 37.65  ? 87  VAL A CA  1 
ATOM   655  C C   . VAL A 1 87  ? -0.931  0.461   -2.490  1.00 38.70  ? 87  VAL A C   1 
ATOM   656  O O   . VAL A 1 87  ? -1.011  0.810   -1.309  1.00 39.56  ? 87  VAL A O   1 
ATOM   657  C CB  . VAL A 1 87  ? -2.643  1.943   -3.566  1.00 38.61  ? 87  VAL A CB  1 
ATOM   658  C CG1 . VAL A 1 87  ? -1.624  2.756   -4.340  1.00 39.07  ? 87  VAL A CG1 1 
ATOM   659  C CG2 . VAL A 1 87  ? -3.981  1.962   -4.282  1.00 40.27  ? 87  VAL A CG2 1 
ATOM   660  N N   . CYS A 1 88  ? 0.197   0.029   -3.046  1.00 37.07  ? 88  CYS A N   1 
ATOM   661  C CA  . CYS A 1 88  ? 1.446   -0.050  -2.301  1.00 35.92  ? 88  CYS A CA  1 
ATOM   662  C C   . CYS A 1 88  ? 2.471   0.832   -2.979  1.00 35.22  ? 88  CYS A C   1 
ATOM   663  O O   . CYS A 1 88  ? 2.783   0.645   -4.152  1.00 34.38  ? 88  CYS A O   1 
ATOM   664  C CB  . CYS A 1 88  ? 1.954   -1.488  -2.270  1.00 40.89  ? 88  CYS A CB  1 
ATOM   665  S SG  . CYS A 1 88  ? 0.730   -2.677  -1.701  1.00 45.38  ? 88  CYS A SG  1 
ATOM   666  N N   . VAL A 1 89  ? 2.993   1.800   -2.240  1.00 35.60  ? 89  VAL A N   1 
ATOM   667  C CA  . VAL A 1 89  ? 3.982   2.701   -2.796  1.00 36.78  ? 89  VAL A CA  1 
ATOM   668  C C   . VAL A 1 89  ? 5.207   2.743   -1.887  1.00 37.69  ? 89  VAL A C   1 
ATOM   669  O O   . VAL A 1 89  ? 5.088   2.688   -0.661  1.00 38.22  ? 89  VAL A O   1 
ATOM   670  C CB  . VAL A 1 89  ? 3.400   4.119   -2.953  1.00 39.65  ? 89  VAL A CB  1 
ATOM   671  C CG1 . VAL A 1 89  ? 4.346   4.978   -3.765  1.00 40.88  ? 89  VAL A CG1 1 
ATOM   672  C CG2 . VAL A 1 89  ? 2.041   4.046   -3.640  1.00 39.78  ? 89  VAL A CG2 1 
ATOM   673  N N   . ARG A 1 90  ? 6.385   2.822   -2.495  1.00 34.94  ? 90  ARG A N   1 
ATOM   674  C CA  . ARG A 1 90  ? 7.617   2.880   -1.730  1.00 35.27  ? 90  ARG A CA  1 
ATOM   675  C C   . ARG A 1 90  ? 8.279   4.240   -1.915  1.00 34.94  ? 90  ARG A C   1 
ATOM   676  O O   . ARG A 1 90  ? 8.411   4.728   -3.031  1.00 35.62  ? 90  ARG A O   1 
ATOM   677  C CB  . ARG A 1 90  ? 8.575   1.765   -2.166  1.00 35.39  ? 90  ARG A CB  1 
ATOM   678  C CG  . ARG A 1 90  ? 9.845   1.704   -1.323  1.00 38.08  ? 90  ARG A CG  1 
ATOM   679  C CD  . ARG A 1 90  ? 10.663  0.438   -1.587  1.00 37.73  ? 90  ARG A CD  1 
ATOM   680  N NE  . ARG A 1 90  ? 11.159  0.367   -2.958  1.00 39.10  ? 90  ARG A NE  1 
ATOM   681  C CZ  . ARG A 1 90  ? 11.983  -0.578  -3.402  1.00 41.57  ? 90  ARG A CZ  1 
ATOM   682  N NH1 . ARG A 1 90  ? 12.406  -1.530  -2.578  1.00 39.39  ? 90  ARG A NH1 1 
ATOM   683  N NH2 . ARG A 1 90  ? 12.382  -0.578  -4.670  1.00 40.50  ? 90  ARG A NH2 1 
ATOM   684  N N   . THR A 1 91  ? 8.679   4.846   -0.806  1.00 35.09  ? 91  THR A N   1 
ATOM   685  C CA  . THR A 1 91  ? 9.334   6.143   -0.820  1.00 34.96  ? 91  THR A CA  1 
ATOM   686  C C   . THR A 1 91  ? 10.802  5.940   -0.424  1.00 36.64  ? 91  THR A C   1 
ATOM   687  O O   . THR A 1 91  ? 11.306  4.820   -0.479  1.00 36.86  ? 91  THR A O   1 
ATOM   688  C CB  . THR A 1 91  ? 8.644   7.096   0.174   1.00 33.86  ? 91  THR A CB  1 
ATOM   689  O OG1 . THR A 1 91  ? 8.771   6.576   1.505   1.00 32.76  ? 91  THR A OG1 1 
ATOM   690  C CG2 . THR A 1 91  ? 7.160   7.216   -0.165  1.00 29.45  ? 91  THR A CG2 1 
ATOM   691  N N   . LYS A 1 92  ? 11.486  7.008   -0.024  1.00 39.48  ? 92  LYS A N   1 
ATOM   692  C CA  . LYS A 1 92  ? 12.889  6.897   0.370   1.00 41.85  ? 92  LYS A CA  1 
ATOM   693  C C   . LYS A 1 92  ? 13.065  6.058   1.630   1.00 42.31  ? 92  LYS A C   1 
ATOM   694  O O   . LYS A 1 92  ? 14.031  5.305   1.757   1.00 42.01  ? 92  LYS A O   1 
ATOM   695  C CB  . LYS A 1 92  ? 13.486  8.277   0.648   1.00 46.89  ? 92  LYS A CB  1 
ATOM   696  C CG  . LYS A 1 92  ? 13.579  9.196   -0.543  1.00 52.49  ? 92  LYS A CG  1 
ATOM   697  C CD  . LYS A 1 92  ? 14.725  8.816   -1.447  1.00 56.98  ? 92  LYS A CD  1 
ATOM   698  C CE  . LYS A 1 92  ? 14.929  9.883   -2.506  1.00 61.08  ? 92  LYS A CE  1 
ATOM   699  N NZ  . LYS A 1 92  ? 15.043  11.234  -1.881  1.00 63.31  ? 92  LYS A NZ  1 
ATOM   700  N N   . GLN A 1 93  ? 12.129  6.188   2.562   1.00 36.31  ? 93  GLN A N   1 
ATOM   701  C CA  . GLN A 1 93  ? 12.243  5.473   3.821   1.00 35.11  ? 93  GLN A CA  1 
ATOM   702  C C   . GLN A 1 93  ? 11.026  4.648   4.209   1.00 35.48  ? 93  GLN A C   1 
ATOM   703  O O   . GLN A 1 93  ? 11.052  3.953   5.227   1.00 36.24  ? 93  GLN A O   1 
ATOM   704  C CB  . GLN A 1 93  ? 12.536  6.478   4.939   1.00 36.01  ? 93  GLN A CB  1 
ATOM   705  C CG  . GLN A 1 93  ? 13.727  7.398   4.666   1.00 35.36  ? 93  GLN A CG  1 
ATOM   706  C CD  . GLN A 1 93  ? 14.138  8.183   5.895   1.00 36.97  ? 93  GLN A CD  1 
ATOM   707  O OE1 . GLN A 1 93  ? 14.299  7.616   6.972   1.00 37.24  ? 93  GLN A OE1 1 
ATOM   708  N NE2 . GLN A 1 93  ? 14.314  9.491   5.742   1.00 36.55  ? 93  GLN A NE2 1 
ATOM   709  N N   . THR A 1 94  ? 9.968   4.697   3.408   1.00 37.31  ? 94  THR A N   1 
ATOM   710  C CA  . THR A 1 94  ? 8.759   3.966   3.770   1.00 36.13  ? 94  THR A CA  1 
ATOM   711  C C   . THR A 1 94  ? 8.123   3.133   2.679   1.00 36.50  ? 94  THR A C   1 
ATOM   712  O O   . THR A 1 94  ? 8.487   3.198   1.508   1.00 37.74  ? 94  THR A O   1 
ATOM   713  C CB  . THR A 1 94  ? 7.639   4.922   4.233   1.00 37.00  ? 94  THR A CB  1 
ATOM   714  O OG1 . THR A 1 94  ? 6.922   5.395   3.079   1.00 35.02  ? 94  THR A OG1 1 
ATOM   715  C CG2 . THR A 1 94  ? 8.213   6.122   4.976   1.00 34.99  ? 94  THR A CG2 1 
ATOM   716  N N   . VAL A 1 95  ? 7.145   2.350   3.110   1.00 35.33  ? 95  VAL A N   1 
ATOM   717  C CA  . VAL A 1 95  ? 6.337   1.531   2.235   1.00 34.77  ? 95  VAL A CA  1 
ATOM   718  C C   . VAL A 1 95  ? 4.931   1.812   2.751   1.00 35.97  ? 95  VAL A C   1 
ATOM   719  O O   . VAL A 1 95  ? 4.613   1.548   3.920   1.00 33.93  ? 95  VAL A O   1 
ATOM   720  C CB  . VAL A 1 95  ? 6.645   0.038   2.363   1.00 39.68  ? 95  VAL A CB  1 
ATOM   721  C CG1 . VAL A 1 95  ? 5.606   -0.761  1.595   1.00 37.61  ? 95  VAL A CG1 1 
ATOM   722  C CG2 . VAL A 1 95  ? 8.024   -0.249  1.799   1.00 40.80  ? 95  VAL A CG2 1 
ATOM   723  N N   . ILE A 1 96  ? 4.111   2.396   1.885   1.00 37.53  ? 96  ILE A N   1 
ATOM   724  C CA  . ILE A 1 96  ? 2.742   2.739   2.237   1.00 36.82  ? 96  ILE A CA  1 
ATOM   725  C C   . ILE A 1 96  ? 1.796   1.733   1.601   1.00 37.44  ? 96  ILE A C   1 
ATOM   726  O O   . ILE A 1 96  ? 1.892   1.447   0.406   1.00 38.42  ? 96  ILE A O   1 
ATOM   727  C CB  . ILE A 1 96  ? 2.395   4.146   1.730   1.00 33.05  ? 96  ILE A CB  1 
ATOM   728  C CG1 . ILE A 1 96  ? 3.420   5.147   2.267   1.00 31.10  ? 96  ILE A CG1 1 
ATOM   729  C CG2 . ILE A 1 96  ? 0.993   4.536   2.184   1.00 31.17  ? 96  ILE A CG2 1 
ATOM   730  C CD1 . ILE A 1 96  ? 3.455   6.448   1.503   1.00 30.05  ? 96  ILE A CD1 1 
ATOM   731  N N   . ILE A 1 97  ? 0.896   1.184   2.407   1.00 35.43  ? 97  ILE A N   1 
ATOM   732  C CA  . ILE A 1 97  ? -0.068  0.215   1.909   1.00 37.08  ? 97  ILE A CA  1 
ATOM   733  C C   . ILE A 1 97  ? -1.472  0.680   2.265   1.00 37.24  ? 97  ILE A C   1 
ATOM   734  O O   . ILE A 1 97  ? -1.803  0.860   3.442   1.00 38.30  ? 97  ILE A O   1 
ATOM   735  C CB  . ILE A 1 97  ? 0.193   -1.177  2.503   1.00 39.36  ? 97  ILE A CB  1 
ATOM   736  C CG1 . ILE A 1 97  ? 1.570   -1.670  2.052   1.00 39.95  ? 97  ILE A CG1 1 
ATOM   737  C CG2 . ILE A 1 97  ? -0.877  -2.149  2.051   1.00 38.75  ? 97  ILE A CG2 1 
ATOM   738  C CD1 . ILE A 1 97  ? 1.981   -2.985  2.662   1.00 43.26  ? 97  ILE A CD1 1 
ATOM   739  N N   . ALA A 1 98  ? -2.293  0.886   1.240   1.00 36.69  ? 98  ALA A N   1 
ATOM   740  C CA  . ALA A 1 98  ? -3.661  1.348   1.446   1.00 36.26  ? 98  ALA A CA  1 
ATOM   741  C C   . ALA A 1 98  ? -4.663  0.471   0.720   1.00 36.94  ? 98  ALA A C   1 
ATOM   742  O O   . ALA A 1 98  ? -4.385  -0.068  -0.354  1.00 37.78  ? 98  ALA A O   1 
ATOM   743  C CB  . ALA A 1 98  ? -3.803  2.787   0.974   1.00 24.24  ? 98  ALA A CB  1 
ATOM   744  N N   . HIS A 1 99  ? -5.839  0.341   1.316   1.00 40.23  ? 99  HIS A N   1 
ATOM   745  C CA  . HIS A 1 99  ? -6.904  -0.460  0.745   1.00 39.84  ? 99  HIS A CA  1 
ATOM   746  C C   . HIS A 1 99  ? -8.128  0.415   0.505   1.00 38.91  ? 99  HIS A C   1 
ATOM   747  O O   . HIS A 1 99  ? -8.473  1.255   1.339   1.00 39.82  ? 99  HIS A O   1 
ATOM   748  C CB  . HIS A 1 99  ? -7.240  -1.613  1.696   1.00 38.08  ? 99  HIS A CB  1 
ATOM   749  C CG  . HIS A 1 99  ? -8.443  -2.406  1.293   1.00 41.51  ? 99  HIS A CG  1 
ATOM   750  N ND1 . HIS A 1 99  ? -9.722  -2.072  1.687   1.00 43.84  ? 99  HIS A ND1 1 
ATOM   751  C CD2 . HIS A 1 99  ? -8.564  -3.517  0.529   1.00 41.75  ? 99  HIS A CD2 1 
ATOM   752  C CE1 . HIS A 1 99  ? -10.578 -2.945  1.186   1.00 42.24  ? 99  HIS A CE1 1 
ATOM   753  N NE2 . HIS A 1 99  ? -9.901  -3.831  0.479   1.00 42.55  ? 99  HIS A NE2 1 
ATOM   754  N N   . TYR A 1 100 ? -8.754  0.248   -0.656  1.00 32.19  ? 100 TYR A N   1 
ATOM   755  C CA  . TYR A 1 100 ? -9.960  1.001   -0.978  1.00 32.94  ? 100 TYR A CA  1 
ATOM   756  C C   . TYR A 1 100 ? -11.103 0.002   -1.138  1.00 33.35  ? 100 TYR A C   1 
ATOM   757  O O   . TYR A 1 100 ? -10.919 -1.076  -1.706  1.00 30.90  ? 100 TYR A O   1 
ATOM   758  C CB  . TYR A 1 100 ? -9.768  1.830   -2.254  1.00 32.94  ? 100 TYR A CB  1 
ATOM   759  C CG  . TYR A 1 100 ? -9.533  1.041   -3.529  1.00 33.39  ? 100 TYR A CG  1 
ATOM   760  C CD1 . TYR A 1 100 ? -10.601 0.503   -4.257  1.00 35.07  ? 100 TYR A CD1 1 
ATOM   761  C CD2 . TYR A 1 100 ? -8.244  0.866   -4.027  1.00 32.11  ? 100 TYR A CD2 1 
ATOM   762  C CE1 . TYR A 1 100 ? -10.382 -0.187  -5.452  1.00 32.89  ? 100 TYR A CE1 1 
ATOM   763  C CE2 . TYR A 1 100 ? -8.012  0.184   -5.210  1.00 33.22  ? 100 TYR A CE2 1 
ATOM   764  C CZ  . TYR A 1 100 ? -9.080  -0.340  -5.919  1.00 35.88  ? 100 TYR A CZ  1 
ATOM   765  O OH  . TYR A 1 100 ? -8.835  -1.005  -7.095  1.00 37.91  ? 100 TYR A OH  1 
ATOM   766  N N   . PRO A 1 101 ? -12.292 0.333   -0.605  1.00 35.27  ? 101 PRO A N   1 
ATOM   767  C CA  . PRO A 1 101 ? -13.477 -0.529  -0.680  1.00 37.16  ? 101 PRO A CA  1 
ATOM   768  C C   . PRO A 1 101 ? -14.148 -0.497  -2.062  1.00 37.99  ? 101 PRO A C   1 
ATOM   769  O O   . PRO A 1 101 ? -13.875 0.385   -2.875  1.00 37.31  ? 101 PRO A O   1 
ATOM   770  C CB  . PRO A 1 101 ? -14.375 0.036   0.421   1.00 33.22  ? 101 PRO A CB  1 
ATOM   771  C CG  . PRO A 1 101 ? -14.102 1.503   0.327   1.00 32.41  ? 101 PRO A CG  1 
ATOM   772  C CD  . PRO A 1 101 ? -12.581 1.551   0.178   1.00 33.65  ? 101 PRO A CD  1 
ATOM   773  N N   . PRO A 1 102 ? -15.044 -1.459  -2.332  1.00 33.46  ? 102 PRO A N   1 
ATOM   774  C CA  . PRO A 1 102 ? -15.775 -1.585  -3.598  1.00 34.51  ? 102 PRO A CA  1 
ATOM   775  C C   . PRO A 1 102 ? -16.428 -0.309  -4.136  1.00 33.93  ? 102 PRO A C   1 
ATOM   776  O O   . PRO A 1 102 ? -16.293 0.005   -5.311  1.00 33.79  ? 102 PRO A O   1 
ATOM   777  C CB  . PRO A 1 102 ? -16.805 -2.669  -3.288  1.00 39.92  ? 102 PRO A CB  1 
ATOM   778  C CG  . PRO A 1 102 ? -16.065 -3.556  -2.338  1.00 40.98  ? 102 PRO A CG  1 
ATOM   779  C CD  . PRO A 1 102 ? -15.422 -2.547  -1.407  1.00 41.15  ? 102 PRO A CD  1 
ATOM   780  N N   . THR A 1 103 ? -17.132 0.425   -3.280  1.00 35.12  ? 103 THR A N   1 
ATOM   781  C CA  . THR A 1 103 ? -17.810 1.644   -3.719  1.00 36.49  ? 103 THR A CA  1 
ATOM   782  C C   . THR A 1 103 ? -16.896 2.800   -4.113  1.00 37.00  ? 103 THR A C   1 
ATOM   783  O O   . THR A 1 103 ? -17.366 3.805   -4.646  1.00 38.68  ? 103 THR A O   1 
ATOM   784  C CB  . THR A 1 103 ? -18.780 2.157   -2.645  1.00 43.04  ? 103 THR A CB  1 
ATOM   785  O OG1 . THR A 1 103 ? -18.057 2.425   -1.435  1.00 46.62  ? 103 THR A OG1 1 
ATOM   786  C CG2 . THR A 1 103 ? -19.857 1.117   -2.371  1.00 44.26  ? 103 THR A CG2 1 
ATOM   787  N N   . VAL A 1 104 ? -15.600 2.674   -3.851  1.00 34.76  ? 104 VAL A N   1 
ATOM   788  C CA  . VAL A 1 104 ? -14.668 3.744   -4.200  1.00 33.49  ? 104 VAL A CA  1 
ATOM   789  C C   . VAL A 1 104 ? -13.993 3.437   -5.525  1.00 33.82  ? 104 VAL A C   1 
ATOM   790  O O   . VAL A 1 104 ? -13.600 2.304   -5.775  1.00 33.84  ? 104 VAL A O   1 
ATOM   791  C CB  . VAL A 1 104 ? -13.573 3.923   -3.107  1.00 39.02  ? 104 VAL A CB  1 
ATOM   792  C CG1 . VAL A 1 104 ? -12.521 4.927   -3.569  1.00 37.25  ? 104 VAL A CG1 1 
ATOM   793  C CG2 . VAL A 1 104 ? -14.213 4.399   -1.809  1.00 38.91  ? 104 VAL A CG2 1 
ATOM   794  N N   . GLN A 1 105 ? -13.860 4.444   -6.376  1.00 34.01  ? 105 GLN A N   1 
ATOM   795  C CA  . GLN A 1 105 ? -13.210 4.251   -7.666  1.00 34.53  ? 105 GLN A CA  1 
ATOM   796  C C   . GLN A 1 105 ? -11.706 4.089   -7.454  1.00 34.41  ? 105 GLN A C   1 
ATOM   797  O O   . GLN A 1 105 ? -11.061 4.932   -6.820  1.00 32.86  ? 105 GLN A O   1 
ATOM   798  C CB  . GLN A 1 105 ? -13.487 5.450   -8.573  1.00 37.22  ? 105 GLN A CB  1 
ATOM   799  C CG  . GLN A 1 105 ? -14.960 5.623   -8.918  1.00 42.92  ? 105 GLN A CG  1 
ATOM   800  C CD  . GLN A 1 105 ? -15.257 6.975   -9.539  1.00 45.20  ? 105 GLN A CD  1 
ATOM   801  O OE1 . GLN A 1 105 ? -15.139 8.006   -8.883  1.00 47.04  ? 105 GLN A OE1 1 
ATOM   802  N NE2 . GLN A 1 105 ? -15.639 6.975   -10.813 1.00 47.41  ? 105 GLN A NE2 1 
ATOM   803  N N   . ALA A 1 106 ? -11.154 3.004   -7.986  1.00 34.68  ? 106 ALA A N   1 
ATOM   804  C CA  . ALA A 1 106 ? -9.730  2.715   -7.847  1.00 35.06  ? 106 ALA A CA  1 
ATOM   805  C C   . ALA A 1 106 ? -8.842  3.927   -8.108  1.00 34.91  ? 106 ALA A C   1 
ATOM   806  O O   . ALA A 1 106 ? -7.917  4.206   -7.348  1.00 33.85  ? 106 ALA A O   1 
ATOM   807  C CB  . ALA A 1 106 ? -9.337  1.577   -8.785  1.00 36.86  ? 106 ALA A CB  1 
ATOM   808  N N   . GLY A 1 107 ? -9.139  4.654   -9.177  1.00 33.94  ? 107 GLY A N   1 
ATOM   809  C CA  . GLY A 1 107 ? -8.330  5.805   -9.535  1.00 35.42  ? 107 GLY A CA  1 
ATOM   810  C C   . GLY A 1 107 ? -8.222  6.911   -8.508  1.00 37.49  ? 107 GLY A C   1 
ATOM   811  O O   . GLY A 1 107 ? -7.167  7.535   -8.378  1.00 37.33  ? 107 GLY A O   1 
ATOM   812  N N   . GLU A 1 108 ? -9.305  7.173   -7.782  1.00 38.81  ? 108 GLU A N   1 
ATOM   813  C CA  . GLU A 1 108 ? -9.286  8.233   -6.782  1.00 40.83  ? 108 GLU A CA  1 
ATOM   814  C C   . GLU A 1 108 ? -8.446  7.851   -5.578  1.00 39.10  ? 108 GLU A C   1 
ATOM   815  O O   . GLU A 1 108 ? -7.707  8.681   -5.049  1.00 38.09  ? 108 GLU A O   1 
ATOM   816  C CB  . GLU A 1 108 ? -10.707 8.582   -6.348  1.00 65.11  ? 108 GLU A CB  1 
ATOM   817  C CG  . GLU A 1 108 ? -11.477 9.329   -7.415  1.00 76.66  ? 108 GLU A CG  1 
ATOM   818  C CD  . GLU A 1 108 ? -12.896 9.645   -7.001  1.00 84.52  ? 108 GLU A CD  1 
ATOM   819  O OE1 . GLU A 1 108 ? -13.620 10.274  -7.803  1.00 90.22  ? 108 GLU A OE1 1 
ATOM   820  O OE2 . GLU A 1 108 ? -13.291 9.265   -5.879  1.00 88.73  ? 108 GLU A OE2 1 
ATOM   821  N N   . ALA A 1 109 ? -8.555  6.599   -5.145  1.00 37.51  ? 109 ALA A N   1 
ATOM   822  C CA  . ALA A 1 109 ? -7.771  6.142   -4.008  1.00 37.77  ? 109 ALA A CA  1 
ATOM   823  C C   . ALA A 1 109 ? -6.292  6.176   -4.392  1.00 37.52  ? 109 ALA A C   1 
ATOM   824  O O   . ALA A 1 109 ? -5.449  6.632   -3.621  1.00 37.18  ? 109 ALA A O   1 
ATOM   825  C CB  . ALA A 1 109 ? -8.181  4.730   -3.615  1.00 36.28  ? 109 ALA A CB  1 
ATOM   826  N N   . THR A 1 110 ? -5.986  5.708   -5.597  1.00 34.40  ? 110 THR A N   1 
ATOM   827  C CA  . THR A 1 110 ? -4.611  5.684   -6.073  1.00 33.89  ? 110 THR A CA  1 
ATOM   828  C C   . THR A 1 110 ? -3.983  7.073   -6.141  1.00 34.77  ? 110 THR A C   1 
ATOM   829  O O   . THR A 1 110 ? -2.819  7.254   -5.773  1.00 33.11  ? 110 THR A O   1 
ATOM   830  C CB  . THR A 1 110 ? -4.520  5.041   -7.466  1.00 39.04  ? 110 THR A CB  1 
ATOM   831  O OG1 . THR A 1 110 ? -5.095  3.731   -7.418  1.00 37.34  ? 110 THR A OG1 1 
ATOM   832  C CG2 . THR A 1 110 ? -3.063  4.933   -7.909  1.00 40.81  ? 110 THR A CG2 1 
ATOM   833  N N   . LYS A 1 111 ? -4.747  8.052   -6.613  1.00 35.46  ? 111 LYS A N   1 
ATOM   834  C CA  . LYS A 1 111 ? -4.236  9.417   -6.720  1.00 36.65  ? 111 LYS A CA  1 
ATOM   835  C C   . LYS A 1 111 ? -3.816  9.969   -5.352  1.00 36.93  ? 111 LYS A C   1 
ATOM   836  O O   . LYS A 1 111 ? -2.734  10.541  -5.198  1.00 35.09  ? 111 LYS A O   1 
ATOM   837  C CB  . LYS A 1 111 ? -5.307  10.318  -7.331  1.00 44.28  ? 111 LYS A CB  1 
ATOM   838  C CG  . LYS A 1 111 ? -4.889  11.764  -7.570  1.00 48.66  ? 111 LYS A CG  1 
ATOM   839  C CD  . LYS A 1 111 ? -5.991  12.502  -8.333  1.00 51.70  ? 111 LYS A CD  1 
ATOM   840  C CE  . LYS A 1 111 ? -5.615  13.937  -8.663  1.00 54.43  ? 111 LYS A CE  1 
ATOM   841  N NZ  . LYS A 1 111 ? -5.446  14.778  -7.443  1.00 58.90  ? 111 LYS A NZ  1 
ATOM   842  N N   . ILE A 1 112 ? -4.685  9.789   -4.365  1.00 33.90  ? 112 ILE A N   1 
ATOM   843  C CA  . ILE A 1 112 ? -4.439  10.273  -3.017  1.00 33.85  ? 112 ILE A CA  1 
ATOM   844  C C   . ILE A 1 112 ? -3.178  9.675   -2.392  1.00 31.61  ? 112 ILE A C   1 
ATOM   845  O O   . ILE A 1 112 ? -2.391  10.386  -1.762  1.00 30.71  ? 112 ILE A O   1 
ATOM   846  C CB  . ILE A 1 112 ? -5.685  9.996   -2.121  1.00 44.28  ? 112 ILE A CB  1 
ATOM   847  C CG1 . ILE A 1 112 ? -6.552  11.252  -2.050  1.00 48.21  ? 112 ILE A CG1 1 
ATOM   848  C CG2 . ILE A 1 112 ? -5.283  9.592   -0.732  1.00 44.41  ? 112 ILE A CG2 1 
ATOM   849  C CD1 . ILE A 1 112 ? -7.061  11.721  -3.382  1.00 51.16  ? 112 ILE A CD1 1 
ATOM   850  N N   . VAL A 1 113 ? -2.985  8.375   -2.571  1.00 34.24  ? 113 VAL A N   1 
ATOM   851  C CA  . VAL A 1 113 ? -1.821  7.703   -2.024  1.00 33.08  ? 113 VAL A CA  1 
ATOM   852  C C   . VAL A 1 113 ? -0.535  8.073   -2.768  1.00 34.75  ? 113 VAL A C   1 
ATOM   853  O O   . VAL A 1 113 ? 0.499   8.326   -2.140  1.00 35.47  ? 113 VAL A O   1 
ATOM   854  C CB  . VAL A 1 113 ? -2.010  6.171   -2.050  1.00 30.79  ? 113 VAL A CB  1 
ATOM   855  C CG1 . VAL A 1 113 ? -0.757  5.479   -1.533  1.00 29.54  ? 113 VAL A CG1 1 
ATOM   856  C CG2 . VAL A 1 113 ? -3.204  5.790   -1.194  1.00 28.79  ? 113 VAL A CG2 1 
ATOM   857  N N   . GLU A 1 114 ? -0.591  8.111   -4.097  1.00 33.14  ? 114 GLU A N   1 
ATOM   858  C CA  . GLU A 1 114 ? 0.590   8.463   -4.877  1.00 31.96  ? 114 GLU A CA  1 
ATOM   859  C C   . GLU A 1 114 ? 1.013   9.894   -4.576  1.00 32.95  ? 114 GLU A C   1 
ATOM   860  O O   . GLU A 1 114 ? 2.200   10.211  -4.619  1.00 35.29  ? 114 GLU A O   1 
ATOM   861  C CB  . GLU A 1 114 ? 0.330   8.297   -6.381  1.00 33.35  ? 114 GLU A CB  1 
ATOM   862  C CG  . GLU A 1 114 ? 0.206   6.840   -6.851  1.00 35.85  ? 114 GLU A CG  1 
ATOM   863  C CD  . GLU A 1 114 ? 1.541   6.082   -6.851  1.00 40.10  ? 114 GLU A CD  1 
ATOM   864  O OE1 . GLU A 1 114 ? 2.572   6.671   -6.460  1.00 40.15  ? 114 GLU A OE1 1 
ATOM   865  O OE2 . GLU A 1 114 ? 1.562   4.890   -7.245  1.00 39.86  ? 114 GLU A OE2 1 
ATOM   866  N N   . GLN A 1 115 ? 0.057   10.764  -4.253  1.00 30.03  ? 115 GLN A N   1 
ATOM   867  C CA  . GLN A 1 115 ? 0.418   12.144  -3.941  1.00 29.19  ? 115 GLN A CA  1 
ATOM   868  C C   . GLN A 1 115 ? 1.112   12.209  -2.583  1.00 29.13  ? 115 GLN A C   1 
ATOM   869  O O   . GLN A 1 115 ? 1.968   13.057  -2.363  1.00 28.09  ? 115 GLN A O   1 
ATOM   870  C CB  . GLN A 1 115 ? -0.810  13.058  -3.972  1.00 27.37  ? 115 GLN A CB  1 
ATOM   871  C CG  . GLN A 1 115 ? -1.408  13.212  -5.380  1.00 30.94  ? 115 GLN A CG  1 
ATOM   872  C CD  . GLN A 1 115 ? -2.675  14.063  -5.408  1.00 34.13  ? 115 GLN A CD  1 
ATOM   873  O OE1 . GLN A 1 115 ? -3.485  14.028  -4.480  1.00 36.13  ? 115 GLN A OE1 1 
ATOM   874  N NE2 . GLN A 1 115 ? -2.855  14.818  -6.483  1.00 36.06  ? 115 GLN A NE2 1 
ATOM   875  N N   . LEU A 1 116 ? 0.759   11.310  -1.671  1.00 29.87  ? 116 LEU A N   1 
ATOM   876  C CA  . LEU A 1 116 ? 1.424   11.298  -0.372  1.00 31.84  ? 116 LEU A CA  1 
ATOM   877  C C   . LEU A 1 116 ? 2.884   10.885  -0.644  1.00 31.64  ? 116 LEU A C   1 
ATOM   878  O O   . LEU A 1 116 ? 3.823   11.482  -0.118  1.00 31.57  ? 116 LEU A O   1 
ATOM   879  C CB  . LEU A 1 116 ? 0.775   10.273  0.567   1.00 29.24  ? 116 LEU A CB  1 
ATOM   880  C CG  . LEU A 1 116 ? 0.947   10.401  2.091   1.00 33.02  ? 116 LEU A CG  1 
ATOM   881  C CD1 . LEU A 1 116 ? 1.073   9.011   2.684   1.00 28.96  ? 116 LEU A CD1 1 
ATOM   882  C CD2 . LEU A 1 116 ? 2.152   11.246  2.460   1.00 27.90  ? 116 LEU A CD2 1 
ATOM   883  N N   . ALA A 1 117 ? 3.058   9.857   -1.474  1.00 30.68  ? 117 ALA A N   1 
ATOM   884  C CA  . ALA A 1 117 ? 4.384   9.357   -1.817  1.00 30.81  ? 117 ALA A CA  1 
ATOM   885  C C   . ALA A 1 117 ? 5.230   10.451  -2.455  1.00 32.50  ? 117 ALA A C   1 
ATOM   886  O O   . ALA A 1 117 ? 6.387   10.639  -2.079  1.00 32.38  ? 117 ALA A O   1 
ATOM   887  C CB  . ALA A 1 117 ? 4.272   8.167   -2.766  1.00 23.10  ? 117 ALA A CB  1 
ATOM   888  N N   . ASP A 1 118 ? 4.660   11.175  -3.418  1.00 32.48  ? 118 ASP A N   1 
ATOM   889  C CA  . ASP A 1 118 ? 5.402   12.251  -4.064  1.00 34.05  ? 118 ASP A CA  1 
ATOM   890  C C   . ASP A 1 118 ? 5.861   13.291  -3.056  1.00 34.15  ? 118 ASP A C   1 
ATOM   891  O O   . ASP A 1 118 ? 7.004   13.748  -3.103  1.00 34.38  ? 118 ASP A O   1 
ATOM   892  C CB  . ASP A 1 118 ? 4.560   12.936  -5.142  1.00 38.92  ? 118 ASP A CB  1 
ATOM   893  C CG  . ASP A 1 118 ? 4.452   12.110  -6.405  1.00 42.85  ? 118 ASP A CG  1 
ATOM   894  O OD1 . ASP A 1 118 ? 5.374   11.304  -6.660  1.00 43.12  ? 118 ASP A OD1 1 
ATOM   895  O OD2 . ASP A 1 118 ? 3.458   12.275  -7.148  1.00 45.79  ? 118 ASP A OD2 1 
ATOM   896  N N   . TYR A 1 119 ? 4.973   13.678  -2.148  1.00 30.05  ? 119 TYR A N   1 
ATOM   897  C CA  . TYR A 1 119 ? 5.352   14.658  -1.148  1.00 30.28  ? 119 TYR A CA  1 
ATOM   898  C C   . TYR A 1 119 ? 6.504   14.142  -0.282  1.00 29.47  ? 119 TYR A C   1 
ATOM   899  O O   . TYR A 1 119 ? 7.528   14.804  -0.136  1.00 29.93  ? 119 TYR A O   1 
ATOM   900  C CB  . TYR A 1 119 ? 4.176   15.009  -0.233  1.00 29.85  ? 119 TYR A CB  1 
ATOM   901  C CG  . TYR A 1 119 ? 4.640   15.814  0.957   1.00 27.80  ? 119 TYR A CG  1 
ATOM   902  C CD1 . TYR A 1 119 ? 5.175   17.090  0.787   1.00 27.00  ? 119 TYR A CD1 1 
ATOM   903  C CD2 . TYR A 1 119 ? 4.663   15.252  2.235   1.00 27.37  ? 119 TYR A CD2 1 
ATOM   904  C CE1 . TYR A 1 119 ? 5.737   17.788  1.860   1.00 28.18  ? 119 TYR A CE1 1 
ATOM   905  C CE2 . TYR A 1 119 ? 5.225   15.945  3.322   1.00 29.66  ? 119 TYR A CE2 1 
ATOM   906  C CZ  . TYR A 1 119 ? 5.761   17.209  3.120   1.00 29.90  ? 119 TYR A CZ  1 
ATOM   907  O OH  . TYR A 1 119 ? 6.337   17.885  4.175   1.00 32.26  ? 119 TYR A OH  1 
ATOM   908  N N   . LEU A 1 120 ? 6.326   12.962  0.303   1.00 29.84  ? 120 LEU A N   1 
ATOM   909  C CA  . LEU A 1 120 ? 7.350   12.375  1.167   1.00 30.05  ? 120 LEU A CA  1 
ATOM   910  C C   . LEU A 1 120 ? 8.715   12.298  0.486   1.00 30.16  ? 120 LEU A C   1 
ATOM   911  O O   . LEU A 1 120 ? 9.719   12.763  1.027   1.00 28.97  ? 120 LEU A O   1 
ATOM   912  C CB  . LEU A 1 120 ? 6.907   10.980  1.639   1.00 28.44  ? 120 LEU A CB  1 
ATOM   913  C CG  . LEU A 1 120 ? 5.713   10.999  2.607   1.00 27.34  ? 120 LEU A CG  1 
ATOM   914  C CD1 . LEU A 1 120 ? 5.322   9.586   3.011   1.00 27.32  ? 120 LEU A CD1 1 
ATOM   915  C CD2 . LEU A 1 120 ? 6.089   11.814  3.839   1.00 26.19  ? 120 LEU A CD2 1 
ATOM   916  N N   . ILE A 1 121 ? 8.748   11.720  -0.710  1.00 33.09  ? 121 ILE A N   1 
ATOM   917  C CA  . ILE A 1 121 ? 9.991   11.591  -1.458  1.00 33.03  ? 121 ILE A CA  1 
ATOM   918  C C   . ILE A 1 121 ? 10.681  12.941  -1.659  1.00 33.52  ? 121 ILE A C   1 
ATOM   919  O O   . ILE A 1 121 ? 11.874  13.081  -1.405  1.00 34.38  ? 121 ILE A O   1 
ATOM   920  C CB  . ILE A 1 121 ? 9.731   10.967  -2.828  1.00 30.76  ? 121 ILE A CB  1 
ATOM   921  C CG1 . ILE A 1 121 ? 9.269   9.521   -2.650  1.00 30.17  ? 121 ILE A CG1 1 
ATOM   922  C CG2 . ILE A 1 121 ? 10.990  11.062  -3.694  1.00 31.45  ? 121 ILE A CG2 1 
ATOM   923  C CD1 . ILE A 1 121 ? 8.806   8.870   -3.940  1.00 31.44  ? 121 ILE A CD1 1 
ATOM   924  N N   . GLY A 1 122 ? 9.921   13.934  -2.113  1.00 28.66  ? 122 GLY A N   1 
ATOM   925  C CA  . GLY A 1 122 ? 10.484  15.249  -2.341  1.00 27.24  ? 122 GLY A CA  1 
ATOM   926  C C   . GLY A 1 122 ? 11.000  15.869  -1.062  1.00 29.06  ? 122 GLY A C   1 
ATOM   927  O O   . GLY A 1 122 ? 11.728  16.866  -1.077  1.00 28.84  ? 122 GLY A O   1 
ATOM   928  N N   . VAL A 1 123 ? 10.636  15.284  0.068   1.00 31.67  ? 123 VAL A N   1 
ATOM   929  C CA  . VAL A 1 123 ? 11.095  15.843  1.319   1.00 30.78  ? 123 VAL A CA  1 
ATOM   930  C C   . VAL A 1 123 ? 12.033  14.881  2.083   1.00 30.98  ? 123 VAL A C   1 
ATOM   931  O O   . VAL A 1 123 ? 12.234  14.998  3.292   1.00 31.92  ? 123 VAL A O   1 
ATOM   932  C CB  . VAL A 1 123 ? 9.863   16.324  2.128   1.00 35.43  ? 123 VAL A CB  1 
ATOM   933  C CG1 . VAL A 1 123 ? 9.353   15.249  3.070   1.00 34.38  ? 123 VAL A CG1 1 
ATOM   934  C CG2 . VAL A 1 123 ? 10.196  17.610  2.822   1.00 35.44  ? 123 VAL A CG2 1 
ATOM   935  N N   . GLN A 1 124 ? 12.625  13.951  1.330   1.00 30.45  ? 124 GLN A N   1 
ATOM   936  C CA  . GLN A 1 124 ? 13.595  12.962  1.821   1.00 31.82  ? 124 GLN A CA  1 
ATOM   937  C C   . GLN A 1 124 ? 13.074  11.739  2.580   1.00 31.99  ? 124 GLN A C   1 
ATOM   938  O O   . GLN A 1 124 ? 13.867  10.990  3.151   1.00 32.57  ? 124 GLN A O   1 
ATOM   939  C CB  . GLN A 1 124 ? 14.666  13.638  2.695   1.00 36.29  ? 124 GLN A CB  1 
ATOM   940  C CG  . GLN A 1 124 ? 15.285  14.911  2.123   1.00 38.80  ? 124 GLN A CG  1 
ATOM   941  C CD  . GLN A 1 124 ? 16.419  15.445  2.999   1.00 42.70  ? 124 GLN A CD  1 
ATOM   942  O OE1 . GLN A 1 124 ? 17.564  15.004  2.884   1.00 45.15  ? 124 GLN A OE1 1 
ATOM   943  N NE2 . GLN A 1 124 ? 16.097  16.381  3.890   1.00 41.07  ? 124 GLN A NE2 1 
ATOM   944  N N   . TYR A 1 125 ? 11.766  11.516  2.590   1.00 30.01  ? 125 TYR A N   1 
ATOM   945  C CA  . TYR A 1 125 ? 11.218  10.363  3.301   1.00 30.68  ? 125 TYR A CA  1 
ATOM   946  C C   . TYR A 1 125 ? 10.630  9.316   2.370   1.00 32.29  ? 125 TYR A C   1 
ATOM   947  O O   . TYR A 1 125 ? 10.061  8.335   2.893   1.00 32.50  ? 125 TYR A O   1 
ATOM   948  C CB  . TYR A 1 125 ? 10.153  10.818  4.294   1.00 32.41  ? 125 TYR A CB  1 
ATOM   949  C CG  . TYR A 1 125 ? 10.713  11.569  5.478   1.00 32.66  ? 125 TYR A CG  1 
ATOM   950  C CD1 . TYR A 1 125 ? 11.157  10.890  6.611   1.00 34.02  ? 125 TYR A CD1 1 
ATOM   951  C CD2 . TYR A 1 125 ? 10.799  12.961  5.467   1.00 34.32  ? 125 TYR A CD2 1 
ATOM   952  C CE1 . TYR A 1 125 ? 11.669  11.580  7.712   1.00 35.24  ? 125 TYR A CE1 1 
ATOM   953  C CE2 . TYR A 1 125 ? 11.311  13.660  6.556   1.00 37.10  ? 125 TYR A CE2 1 
ATOM   954  C CZ  . TYR A 1 125 ? 11.742  12.960  7.676   1.00 37.27  ? 125 TYR A CZ  1 
ATOM   955  O OH  . TYR A 1 125 ? 12.236  13.645  8.761   1.00 42.11  ? 125 TYR A OH  1 
ATOM   956  O OXT . TYR A 1 125 ? 10.753  9.478   1.135   1.00 33.80  ? 125 TYR A OXT 1 
HETATM 957  C C1  . GOL B 2 .   ? 7.576   13.183  8.091   1.00 45.08  ? 301 GOL A C1  1 
HETATM 958  O O1  . GOL B 2 .   ? 6.622   13.976  7.078   1.00 44.71  ? 301 GOL A O1  1 
HETATM 959  C C2  . GOL B 2 .   ? 8.062   13.697  9.281   1.00 45.03  ? 301 GOL A C2  1 
HETATM 960  O O2  . GOL B 2 .   ? 8.865   14.743  9.069   1.00 45.83  ? 301 GOL A O2  1 
HETATM 961  C C3  . GOL B 2 .   ? 7.622   13.076  10.205  1.00 45.14  ? 301 GOL A C3  1 
HETATM 962  O O3  . GOL B 2 .   ? 6.825   12.022  11.018  1.00 47.10  ? 301 GOL A O3  1 
HETATM 963  O O   . HOH C 3 .   ? -14.160 0.141   -6.180  1.00 27.98  ? 201 HOH A O   1 
HETATM 964  O O   . HOH C 3 .   ? -10.175 -5.358  -10.886 1.00 32.82  ? 202 HOH A O   1 
HETATM 965  O O   . HOH C 3 .   ? -10.936 -1.970  -8.554  1.00 33.49  ? 203 HOH A O   1 
HETATM 966  O O   . HOH C 3 .   ? -11.142 4.189   -11.317 1.00 42.53  ? 204 HOH A O   1 
HETATM 967  O O   . HOH C 3 .   ? -8.745  13.708  5.576   1.00 34.74  ? 205 HOH A O   1 
HETATM 968  O O   . HOH C 3 .   ? -9.367  -7.935  -10.731 1.00 49.98  ? 206 HOH A O   1 
HETATM 969  O O   . HOH C 3 .   ? -4.041  1.398   -7.926  1.00 44.91  ? 207 HOH A O   1 
HETATM 970  O O   . HOH C 3 .   ? 13.038  0.408   10.966  1.00 45.33  ? 208 HOH A O   1 
HETATM 971  O O   . HOH C 3 .   ? 10.213  9.503   12.530  1.00 46.62  ? 209 HOH A O   1 
HETATM 972  O O   . HOH C 3 .   ? 12.531  16.740  7.986   1.00 52.82  ? 210 HOH A O   1 
HETATM 973  O O   . HOH C 3 .   ? -5.380  0.659   12.510  1.00 41.17  ? 211 HOH A O   1 
HETATM 974  O O   . HOH C 3 .   ? 16.637  10.236  2.793   1.00 48.90  ? 212 HOH A O   1 
HETATM 975  O O   . HOH C 3 .   ? 12.185  -1.951  0.317   1.00 61.56  ? 214 HOH A O   1 
HETATM 976  O O   . HOH C 3 .   ? -8.154  3.729   12.943  1.00 56.84  ? 215 HOH A O   1 
HETATM 977  O O   . HOH C 3 .   ? -8.003  -0.049  -12.238 1.00 49.93  ? 217 HOH A O   1 
HETATM 978  O O   . HOH C 3 .   ? -13.638 13.622  7.020   1.00 55.54  ? 218 HOH A O   1 
HETATM 979  O O   . HOH C 3 .   ? 9.284   8.252   -7.751  1.00 53.55  ? 219 HOH A O   1 
HETATM 980  O O   . HOH C 3 .   ? 1.496   -10.158 0.191   1.00 55.43  ? 220 HOH A O   1 
HETATM 981  O O   . HOH C 3 .   ? -17.640 0.000   -0.129  1.00 54.14  ? 221 HOH A O   1 
HETATM 982  O O   . HOH C 3 .   ? 1.144   11.675  -8.217  1.00 71.46  ? 222 HOH A O   1 
HETATM 983  O O   . HOH C 3 .   ? -5.418  16.715  -5.154  1.00 58.20  ? 223 HOH A O   1 
HETATM 984  O O   . HOH C 3 .   ? -5.142  8.376   15.571  1.00 55.47  ? 224 HOH A O   1 
HETATM 985  O O   . HOH C 3 .   ? -12.119 3.289   7.502   1.00 63.58  ? 225 HOH A O   1 
HETATM 986  O O   . HOH C 3 .   ? 9.071   -13.130 5.569   1.00 64.31  ? 226 HOH A O   1 
HETATM 987  O O   . HOH C 3 .   ? -14.700 -0.001  4.301   1.00 56.63  ? 227 HOH A O   1 
HETATM 988  O O   . HOH C 3 .   ? 10.572  5.459   -4.504  1.00 55.63  ? 228 HOH A O   1 
HETATM 989  O O   . HOH C 3 .   ? -9.300  9.697   10.341  1.00 47.22  ? 229 HOH A O   1 
HETATM 990  O O   . HOH C 3 .   ? -16.667 -9.191  -6.174  1.00 68.21  ? 230 HOH A O   1 
HETATM 991  O O   . HOH C 3 .   ? -12.652 5.568   5.490   1.00 54.68  ? 231 HOH A O   1 
HETATM 992  O O   . HOH C 3 .   ? -5.294  7.995   -10.348 1.00 56.24  ? 232 HOH A O   1 
HETATM 993  O O   . HOH C 3 .   ? 18.917  12.524  2.456   1.00 74.67  ? 233 HOH A O   1 
HETATM 994  O O   . HOH C 3 .   ? 13.521  3.418   6.691   1.00 46.17  ? 234 HOH A O   1 
HETATM 995  O O   . HOH C 3 .   ? -0.543  -2.719  11.384  1.00 57.43  ? 235 HOH A O   1 
HETATM 996  O O   . HOH C 3 .   ? 0.378   -4.549  9.890   1.00 56.93  ? 236 HOH A O   1 
HETATM 997  O O   . HOH C 3 .   ? 7.274   -11.226 -3.563  1.00 56.93  ? 237 HOH A O   1 
HETATM 998  O O   . HOH C 3 .   ? -0.821  6.035   -10.734 1.00 52.21  ? 238 HOH A O   1 
HETATM 999  O O   . HOH C 3 .   ? -17.766 5.636   -1.768  1.00 57.72  ? 239 HOH A O   1 
HETATM 1000 O O   . HOH C 3 .   ? 13.567  -8.384  -4.508  1.00 70.00  ? 240 HOH A O   1 
HETATM 1001 O O   . HOH C 3 .   ? 14.038  0.742   6.387   1.00 57.10  ? 241 HOH A O   1 
HETATM 1002 O O   . HOH C 3 .   ? -13.727 3.980   3.144   1.00 56.81  ? 242 HOH A O   1 
HETATM 1003 O O   . HOH C 3 .   ? 5.776   -16.342 -3.050  1.00 66.12  ? 243 HOH A O   1 
HETATM 1004 O O   . HOH C 3 .   ? 4.721   6.321   14.856  1.00 63.22  ? 244 HOH A O   1 
HETATM 1005 O O   . HOH C 3 .   ? 4.375   -3.042  -14.014 1.00 65.07  ? 245 HOH A O   1 
HETATM 1006 O O   . HOH C 3 .   ? -12.815 13.044  0.666   1.00 64.65  ? 247 HOH A O   1 
HETATM 1007 O O   . HOH C 3 .   ? 19.374  17.233  3.094   1.00 60.53  ? 248 HOH A O   1 
HETATM 1008 O O   . HOH C 3 .   ? 10.838  -0.781  -12.274 1.00 71.84  ? 249 HOH A O   1 
HETATM 1009 O O   . HOH C 3 .   ? -12.673 0.425   -8.421  1.00 42.95  ? 251 HOH A O   1 
HETATM 1010 O O   . HOH C 3 .   ? 7.675   17.136  -1.782  1.00 35.83  ? 252 HOH A O   1 
HETATM 1011 O O   . HOH C 3 .   ? -8.713  11.389  -5.683  1.00 65.95  ? 253 HOH A O   1 
HETATM 1012 O O   . HOH C 3 .   ? -13.158 2.859   -10.923 1.00 52.65  ? 254 HOH A O   1 
HETATM 1013 O O   . HOH C 3 .   ? 10.304  11.724  11.424  1.00 58.34  ? 255 HOH A O   1 
HETATM 1014 O O   . HOH C 3 .   ? -10.718 -1.281  -10.984 1.00 46.31  ? 256 HOH A O   1 
HETATM 1015 O O   . HOH C 3 .   ? -2.142  8.518   -9.664  1.00 43.21  ? 257 HOH A O   1 
HETATM 1016 O O   . HOH C 3 .   ? -14.992 6.926   -5.764  1.00 48.71  ? 258 HOH A O   1 
HETATM 1017 O O   . HOH C 3 .   ? 8.101   15.001  12.686  1.00 77.32  ? 260 HOH A O   1 
HETATM 1018 O O   . HOH C 3 .   ? 6.848   -2.118  14.529  1.00 62.33  ? 261 HOH A O   1 
HETATM 1019 O O   . HOH C 3 .   ? 5.057   3.725   -10.150 1.00 65.22  ? 262 HOH A O   1 
HETATM 1020 O O   . HOH C 3 .   ? 19.685  19.660  4.287   1.00 66.26  ? 263 HOH A O   1 
HETATM 1021 O O   . HOH C 3 .   ? -12.338 8.353   9.230   1.00 68.41  ? 264 HOH A O   1 
HETATM 1022 O O   . HOH C 3 .   ? 14.213  18.228  9.224   1.00 70.76  ? 265 HOH A O   1 
HETATM 1023 O O   . HOH C 3 .   ? -7.498  3.090   -12.133 1.00 60.90  ? 266 HOH A O   1 
HETATM 1024 O O   . HOH C 3 .   ? -1.468  -11.523 -11.002 1.00 67.72  ? 267 HOH A O   1 
HETATM 1025 O O   . HOH C 3 .   ? 15.141  -1.122  0.546   1.00 67.87  ? 268 HOH A O   1 
HETATM 1026 O O   . HOH C 3 .   ? -11.788 0.189   8.404   1.00 62.49  ? 269 HOH A O   1 
HETATM 1027 O O   . HOH C 3 .   ? -16.311 5.298   1.099   1.00 55.66  ? 270 HOH A O   1 
HETATM 1028 O O   . HOH C 3 .   ? -14.183 8.241   6.566   1.00 65.66  ? 271 HOH A O   1 
HETATM 1029 O O   . HOH C 3 .   ? 13.010  -9.373  -0.071  1.00 83.76  ? 272 HOH A O   1 
HETATM 1030 O O   . HOH C 3 .   ? 16.383  -4.927  -8.908  1.00 64.07  ? 273 HOH A O   1 
HETATM 1031 O O   . HOH C 3 .   ? -15.990 -7.130  -2.029  1.00 75.05  ? 274 HOH A O   1 
HETATM 1032 O O   . HOH C 3 .   ? -8.969  -14.774 0.653   1.00 72.73  ? 275 HOH A O   1 
HETATM 1033 O O   . HOH C 3 .   ? 7.331   -6.142  10.389  1.00 69.34  ? 276 HOH A O   1 
HETATM 1034 O O   . HOH C 3 .   ? -4.179  5.704   16.554  1.00 68.30  ? 277 HOH A O   1 
HETATM 1035 O O   . HOH C 3 .   ? -8.988  10.870  13.029  1.00 66.85  ? 278 HOH A O   1 
HETATM 1036 O O   . HOH C 3 .   ? 15.273  -5.193  8.634   1.00 61.36  ? 280 HOH A O   1 
HETATM 1037 O O   . HOH C 3 .   ? -3.732  11.670  13.957  1.00 63.25  ? 281 HOH A O   1 
HETATM 1038 O O   . HOH C 3 .   ? -13.756 -12.469 -7.864  1.00 59.93  ? 282 HOH A O   1 
HETATM 1039 O O   . HOH C 3 .   ? -15.971 2.948   3.892   1.00 77.19  ? 284 HOH A O   1 
HETATM 1040 O O   . HOH C 3 .   ? -15.413 10.813  -9.560  1.00 71.34  ? 285 HOH A O   1 
HETATM 1041 O O   . HOH C 3 .   ? -8.063  15.476  -5.073  1.00 66.97  ? 286 HOH A O   1 
HETATM 1042 O O   . HOH C 3 .   ? 16.047  -1.097  -3.842  1.00 66.80  ? 287 HOH A O   1 
HETATM 1043 O O   . HOH C 3 .   ? 10.684  14.339  11.117  1.00 66.80  ? 288 HOH A O   1 
# 
loop_
_pdbx_poly_seq_scheme.asym_id 
_pdbx_poly_seq_scheme.entity_id 
_pdbx_poly_seq_scheme.seq_id 
_pdbx_poly_seq_scheme.mon_id 
_pdbx_poly_seq_scheme.ndb_seq_num 
_pdbx_poly_seq_scheme.pdb_seq_num 
_pdbx_poly_seq_scheme.auth_seq_num 
_pdbx_poly_seq_scheme.pdb_mon_id 
_pdbx_poly_seq_scheme.auth_mon_id 
_pdbx_poly_seq_scheme.pdb_strand_id 
_pdbx_poly_seq_scheme.pdb_ins_code 
_pdbx_poly_seq_scheme.hetero 
A 1 1   SER 1   1   1   SER SER A . n 
A 1 2   TRP 2   2   2   TRP TRP A . n 
A 1 3   GLN 3   3   3   GLN GLN A . n 
A 1 4   ALA 4   4   4   ALA ALA A . n 
A 1 5   TYR 5   5   5   TYR TYR A . n 
A 1 6   THR 6   6   6   THR THR A . n 
A 1 7   ASP 7   7   7   ASP ASP A . n 
A 1 8   ASN 8   8   8   ASN ASN A . n 
A 1 9   LEU 9   9   9   LEU LEU A . n 
A 1 10  ILE 10  10  10  ILE ILE A . n 
A 1 11  GLY 11  11  11  GLY GLY A . n 
A 1 12  THR 12  12  12  THR THR A . n 
A 1 13  GLY 13  13  13  GLY GLY A . n 
A 1 14  LYS 14  14  14  LYS LYS A . n 
A 1 15  VAL 15  15  15  VAL VAL A . n 
A 1 16  ASP 16  16  16  ASP ASP A . n 
A 1 17  LYS 17  17  17  LYS LYS A . n 
A 1 18  ALA 18  18  18  ALA ALA A . n 
A 1 19  VAL 19  19  19  VAL VAL A . n 
A 1 20  ILE 20  20  20  ILE ILE A . n 
A 1 21  TYR 21  21  21  TYR TYR A . n 
A 1 22  SER 22  22  22  SER SER A . n 
A 1 23  ARG 23  23  23  ARG ARG A . n 
A 1 24  ALA 24  24  24  ALA ALA A . n 
A 1 25  GLY 25  25  25  GLY GLY A . n 
A 1 26  ASP 26  26  26  ASP ASP A . n 
A 1 27  ALA 27  27  27  ALA ALA A . n 
A 1 28  VAL 28  28  28  VAL VAL A . n 
A 1 29  TRP 29  29  29  TRP TRP A . n 
A 1 30  ALA 30  30  30  ALA ALA A . n 
A 1 31  THR 31  31  31  THR THR A . n 
A 1 32  SER 32  32  32  SER SER A . n 
A 1 33  GLY 33  33  33  GLY GLY A . n 
A 1 34  GLY 34  34  34  GLY GLY A . n 
A 1 35  LEU 35  35  35  LEU LEU A . n 
A 1 36  SER 36  36  36  SER SER A . n 
A 1 37  LEU 37  37  37  LEU LEU A . n 
A 1 38  GLN 38  38  38  GLN GLN A . n 
A 1 39  PRO 39  39  39  PRO PRO A . n 
A 1 40  ASN 40  40  40  ASN ASN A . n 
A 1 41  GLU 41  41  41  GLU GLU A . n 
A 1 42  ILE 42  42  42  ILE ILE A . n 
A 1 43  GLY 43  43  43  GLY GLY A . n 
A 1 44  GLU 44  44  44  GLU GLU A . n 
A 1 45  ILE 45  45  45  ILE ILE A . n 
A 1 46  VAL 46  46  46  VAL VAL A . n 
A 1 47  GLN 47  47  47  GLN GLN A . n 
A 1 48  GLY 48  48  48  GLY GLY A . n 
A 1 49  PHE 49  49  49  PHE PHE A . n 
A 1 50  ASP 50  50  50  ASP ASP A . n 
A 1 51  ASN 51  51  51  ASN ASN A . n 
A 1 52  PRO 52  52  52  PRO PRO A . n 
A 1 53  ALA 53  53  53  ALA ALA A . n 
A 1 54  GLY 54  54  54  GLY GLY A . n 
A 1 55  LEU 55  55  55  LEU LEU A . n 
A 1 56  GLN 56  56  56  GLN GLN A . n 
A 1 57  SER 57  57  57  SER SER A . n 
A 1 58  ASN 58  58  58  ASN ASN A . n 
A 1 59  GLY 59  59  59  GLY GLY A . n 
A 1 60  LEU 60  60  60  LEU LEU A . n 
A 1 61  HIS 61  61  61  HIS HIS A . n 
A 1 62  ILE 62  62  62  ILE ILE A . n 
A 1 63  GLN 63  63  63  GLN GLN A . n 
A 1 64  GLY 64  64  64  GLY GLY A . n 
A 1 65  GLN 65  65  65  GLN GLN A . n 
A 1 66  LYS 66  66  66  LYS LYS A . n 
A 1 67  PHE 67  67  67  PHE PHE A . n 
A 1 68  MET 68  68  68  MET MET A . n 
A 1 69  LEU 69  69  69  LEU LEU A . n 
A 1 70  LEU 70  70  70  LEU LEU A . n 
A 1 71  ARG 71  71  71  ARG ARG A . n 
A 1 72  ALA 72  72  72  ALA ALA A . n 
A 1 73  ASP 73  73  73  ASP ASP A . n 
A 1 74  ASP 74  74  74  ASP ASP A . n 
A 1 75  ARG 75  75  75  ARG ARG A . n 
A 1 76  SER 76  76  76  SER SER A . n 
A 1 77  ILE 77  77  77  ILE ILE A . n 
A 1 78  TYR 78  78  78  TYR TYR A . n 
A 1 79  GLY 79  79  79  GLY GLY A . n 
A 1 80  ARG 80  80  80  ARG ARG A . n 
A 1 81  HIS 81  81  81  HIS HIS A . n 
A 1 82  ASP 82  82  82  ASP ASP A . n 
A 1 83  ALA 83  83  83  ALA ALA A . n 
A 1 84  GLU 84  84  84  GLU GLU A . n 
A 1 85  GLY 85  85  85  GLY GLY A . n 
A 1 86  VAL 86  86  86  VAL VAL A . n 
A 1 87  VAL 87  87  87  VAL VAL A . n 
A 1 88  CYS 88  88  88  CYS CYS A . n 
A 1 89  VAL 89  89  89  VAL VAL A . n 
A 1 90  ARG 90  90  90  ARG ARG A . n 
A 1 91  THR 91  91  91  THR THR A . n 
A 1 92  LYS 92  92  92  LYS LYS A . n 
A 1 93  GLN 93  93  93  GLN GLN A . n 
A 1 94  THR 94  94  94  THR THR A . n 
A 1 95  VAL 95  95  95  VAL VAL A . n 
A 1 96  ILE 96  96  96  ILE ILE A . n 
A 1 97  ILE 97  97  97  ILE ILE A . n 
A 1 98  ALA 98  98  98  ALA ALA A . n 
A 1 99  HIS 99  99  99  HIS HIS A . n 
A 1 100 TYR 100 100 100 TYR TYR A . n 
A 1 101 PRO 101 101 101 PRO PRO A . n 
A 1 102 PRO 102 102 102 PRO PRO A . n 
A 1 103 THR 103 103 103 THR THR A . n 
A 1 104 VAL 104 104 104 VAL VAL A . n 
A 1 105 GLN 105 105 105 GLN GLN A . n 
A 1 106 ALA 106 106 106 ALA ALA A . n 
A 1 107 GLY 107 107 107 GLY GLY A . n 
A 1 108 GLU 108 108 108 GLU GLU A . n 
A 1 109 ALA 109 109 109 ALA ALA A . n 
A 1 110 THR 110 110 110 THR THR A . n 
A 1 111 LYS 111 111 111 LYS LYS A . n 
A 1 112 ILE 112 112 112 ILE ILE A . n 
A 1 113 VAL 113 113 113 VAL VAL A . n 
A 1 114 GLU 114 114 114 GLU GLU A . n 
A 1 115 GLN 115 115 115 GLN GLN A . n 
A 1 116 LEU 116 116 116 LEU LEU A . n 
A 1 117 ALA 117 117 117 ALA ALA A . n 
A 1 118 ASP 118 118 118 ASP ASP A . n 
A 1 119 TYR 119 119 119 TYR TYR A . n 
A 1 120 LEU 120 120 120 LEU LEU A . n 
A 1 121 ILE 121 121 121 ILE ILE A . n 
A 1 122 GLY 122 122 122 GLY GLY A . n 
A 1 123 VAL 123 123 123 VAL VAL A . n 
A 1 124 GLN 124 124 124 GLN GLN A . n 
A 1 125 TYR 125 125 125 TYR TYR A . n 
# 
loop_
_pdbx_nonpoly_scheme.asym_id 
_pdbx_nonpoly_scheme.entity_id 
_pdbx_nonpoly_scheme.mon_id 
_pdbx_nonpoly_scheme.ndb_seq_num 
_pdbx_nonpoly_scheme.pdb_seq_num 
_pdbx_nonpoly_scheme.auth_seq_num 
_pdbx_nonpoly_scheme.pdb_mon_id 
_pdbx_nonpoly_scheme.auth_mon_id 
_pdbx_nonpoly_scheme.pdb_strand_id 
_pdbx_nonpoly_scheme.pdb_ins_code 
B 2 GOL 1  301 301 GOL GOL A . 
C 3 HOH 1  201 201 HOH TIP A . 
C 3 HOH 2  202 202 HOH TIP A . 
C 3 HOH 3  203 203 HOH TIP A . 
C 3 HOH 4  204 204 HOH TIP A . 
C 3 HOH 5  205 205 HOH TIP A . 
C 3 HOH 6  206 206 HOH TIP A . 
C 3 HOH 7  207 207 HOH TIP A . 
C 3 HOH 8  208 208 HOH TIP A . 
C 3 HOH 9  209 209 HOH TIP A . 
C 3 HOH 10 210 210 HOH TIP A . 
C 3 HOH 11 211 211 HOH TIP A . 
C 3 HOH 12 212 212 HOH TIP A . 
C 3 HOH 13 214 214 HOH TIP A . 
C 3 HOH 14 215 215 HOH TIP A . 
C 3 HOH 15 217 217 HOH TIP A . 
C 3 HOH 16 218 218 HOH TIP A . 
C 3 HOH 17 219 219 HOH TIP A . 
C 3 HOH 18 220 220 HOH TIP A . 
C 3 HOH 19 221 221 HOH TIP A . 
C 3 HOH 20 222 222 HOH TIP A . 
C 3 HOH 21 223 223 HOH TIP A . 
C 3 HOH 22 224 224 HOH TIP A . 
C 3 HOH 23 225 225 HOH TIP A . 
C 3 HOH 24 226 226 HOH TIP A . 
C 3 HOH 25 227 227 HOH TIP A . 
C 3 HOH 26 228 228 HOH TIP A . 
C 3 HOH 27 229 229 HOH TIP A . 
C 3 HOH 28 230 230 HOH TIP A . 
C 3 HOH 29 231 231 HOH TIP A . 
C 3 HOH 30 232 232 HOH TIP A . 
C 3 HOH 31 233 233 HOH TIP A . 
C 3 HOH 32 234 234 HOH TIP A . 
C 3 HOH 33 235 235 HOH TIP A . 
C 3 HOH 34 236 236 HOH TIP A . 
C 3 HOH 35 237 237 HOH TIP A . 
C 3 HOH 36 238 238 HOH TIP A . 
C 3 HOH 37 239 239 HOH TIP A . 
C 3 HOH 38 240 240 HOH TIP A . 
C 3 HOH 39 241 241 HOH TIP A . 
C 3 HOH 40 242 242 HOH TIP A . 
C 3 HOH 41 243 243 HOH TIP A . 
C 3 HOH 42 244 244 HOH TIP A . 
C 3 HOH 43 245 245 HOH TIP A . 
C 3 HOH 44 247 247 HOH TIP A . 
C 3 HOH 45 248 248 HOH TIP A . 
C 3 HOH 46 249 249 HOH TIP A . 
C 3 HOH 47 251 251 HOH TIP A . 
C 3 HOH 48 252 252 HOH TIP A . 
C 3 HOH 49 253 253 HOH TIP A . 
C 3 HOH 50 254 254 HOH TIP A . 
C 3 HOH 51 255 255 HOH TIP A . 
C 3 HOH 52 256 256 HOH TIP A . 
C 3 HOH 53 257 257 HOH TIP A . 
C 3 HOH 54 258 258 HOH TIP A . 
C 3 HOH 55 260 260 HOH TIP A . 
C 3 HOH 56 261 261 HOH TIP A . 
C 3 HOH 57 262 262 HOH TIP A . 
C 3 HOH 58 263 263 HOH TIP A . 
C 3 HOH 59 264 264 HOH TIP A . 
C 3 HOH 60 265 265 HOH TIP A . 
C 3 HOH 61 266 266 HOH TIP A . 
C 3 HOH 62 267 267 HOH TIP A . 
C 3 HOH 63 268 268 HOH TIP A . 
C 3 HOH 64 269 269 HOH TIP A . 
C 3 HOH 65 270 270 HOH TIP A . 
C 3 HOH 66 271 271 HOH TIP A . 
C 3 HOH 67 272 272 HOH TIP A . 
C 3 HOH 68 273 273 HOH TIP A . 
C 3 HOH 69 274 274 HOH TIP A . 
C 3 HOH 70 275 275 HOH TIP A . 
C 3 HOH 71 276 276 HOH TIP A . 
C 3 HOH 72 277 277 HOH TIP A . 
C 3 HOH 73 278 278 HOH TIP A . 
C 3 HOH 74 280 280 HOH TIP A . 
C 3 HOH 75 281 281 HOH TIP A . 
C 3 HOH 76 282 282 HOH TIP A . 
C 3 HOH 77 284 284 HOH TIP A . 
C 3 HOH 78 285 285 HOH TIP A . 
C 3 HOH 79 286 286 HOH TIP A . 
C 3 HOH 80 287 287 HOH TIP A . 
C 3 HOH 81 288 288 HOH TIP A . 
# 
_pdbx_struct_assembly.id                   1 
_pdbx_struct_assembly.details              author_defined_assembly 
_pdbx_struct_assembly.method_details       ? 
_pdbx_struct_assembly.oligomeric_details   monomeric 
_pdbx_struct_assembly.oligomeric_count     1 
# 
_pdbx_struct_assembly_gen.assembly_id       1 
_pdbx_struct_assembly_gen.oper_expression   1 
_pdbx_struct_assembly_gen.asym_id_list      A,B,C 
# 
_pdbx_struct_oper_list.id                   1 
_pdbx_struct_oper_list.type                 'identity operation' 
_pdbx_struct_oper_list.name                 1_555 
_pdbx_struct_oper_list.symmetry_operation   x,y,z 
_pdbx_struct_oper_list.matrix[1][1]         1.0000000000 
_pdbx_struct_oper_list.matrix[1][2]         0.0000000000 
_pdbx_struct_oper_list.matrix[1][3]         0.0000000000 
_pdbx_struct_oper_list.vector[1]            0.0000000000 
_pdbx_struct_oper_list.matrix[2][1]         0.0000000000 
_pdbx_struct_oper_list.matrix[2][2]         1.0000000000 
_pdbx_struct_oper_list.matrix[2][3]         0.0000000000 
_pdbx_struct_oper_list.vector[2]            0.0000000000 
_pdbx_struct_oper_list.matrix[3][1]         0.0000000000 
_pdbx_struct_oper_list.matrix[3][2]         0.0000000000 
_pdbx_struct_oper_list.matrix[3][3]         1.0000000000 
_pdbx_struct_oper_list.vector[3]            0.0000000000 
# 
loop_
_pdbx_audit_revision_history.ordinal 
_pdbx_audit_revision_history.data_content_type 
_pdbx_audit_revision_history.major_revision 
_pdbx_audit_revision_history.minor_revision 
_pdbx_audit_revision_history.revision_date 
1 'Structure model' 1 0 2001-10-03 
2 'Structure model' 1 1 2008-04-27 
3 'Structure model' 1 2 2011-07-13 
4 'Structure model' 1 3 2023-08-16 
# 
_pdbx_audit_revision_details.ordinal             1 
_pdbx_audit_revision_details.revision_ordinal    1 
_pdbx_audit_revision_details.data_content_type   'Structure model' 
_pdbx_audit_revision_details.provider            repository 
_pdbx_audit_revision_details.type                'Initial release' 
_pdbx_audit_revision_details.description         ? 
_pdbx_audit_revision_details.details             ? 
# 
loop_
_pdbx_audit_revision_group.ordinal 
_pdbx_audit_revision_group.revision_ordinal 
_pdbx_audit_revision_group.data_content_type 
_pdbx_audit_revision_group.group 
1 2 'Structure model' 'Version format compliance' 
2 3 'Structure model' 'Non-polymer description'   
3 3 'Structure model' 'Version format compliance' 
4 4 'Structure model' 'Data collection'           
5 4 'Structure model' 'Database references'       
6 4 'Structure model' 'Derived calculations'      
7 4 'Structure model' 'Refinement description'    
# 
loop_
_pdbx_audit_revision_category.ordinal 
_pdbx_audit_revision_category.revision_ordinal 
_pdbx_audit_revision_category.data_content_type 
_pdbx_audit_revision_category.category 
1 4 'Structure model' chem_comp_atom                
2 4 'Structure model' chem_comp_bond                
3 4 'Structure model' database_2                    
4 4 'Structure model' pdbx_initial_refinement_model 
5 4 'Structure model' struct_site                   
# 
loop_
_pdbx_audit_revision_item.ordinal 
_pdbx_audit_revision_item.revision_ordinal 
_pdbx_audit_revision_item.data_content_type 
_pdbx_audit_revision_item.item 
1 4 'Structure model' '_database_2.pdbx_DOI'                
2 4 'Structure model' '_database_2.pdbx_database_accession' 
3 4 'Structure model' '_struct_site.pdbx_auth_asym_id'      
4 4 'Structure model' '_struct_site.pdbx_auth_comp_id'      
5 4 'Structure model' '_struct_site.pdbx_auth_seq_id'       
# 
loop_
_software.name 
_software.classification 
_software.version 
_software.citation_id 
_software.pdbx_ordinal 
EPMR      phasing          .   ? 1 
CNS       refinement       1.0 ? 2 
DENZO     'data reduction' .   ? 3 
SCALEPACK 'data scaling'   .   ? 4 
# 
_pdbx_validate_close_contact.id               1 
_pdbx_validate_close_contact.PDB_model_num    1 
_pdbx_validate_close_contact.auth_atom_id_1   O 
_pdbx_validate_close_contact.auth_asym_id_1   A 
_pdbx_validate_close_contact.auth_comp_id_1   ALA 
_pdbx_validate_close_contact.auth_seq_id_1    83 
_pdbx_validate_close_contact.PDB_ins_code_1   ? 
_pdbx_validate_close_contact.label_alt_id_1   ? 
_pdbx_validate_close_contact.auth_atom_id_2   O 
_pdbx_validate_close_contact.auth_asym_id_2   A 
_pdbx_validate_close_contact.auth_comp_id_2   HOH 
_pdbx_validate_close_contact.auth_seq_id_2    201 
_pdbx_validate_close_contact.PDB_ins_code_2   ? 
_pdbx_validate_close_contact.label_alt_id_2   ? 
_pdbx_validate_close_contact.dist             2.12 
# 
loop_
_pdbx_validate_torsion.id 
_pdbx_validate_torsion.PDB_model_num 
_pdbx_validate_torsion.auth_comp_id 
_pdbx_validate_torsion.auth_asym_id 
_pdbx_validate_torsion.auth_seq_id 
_pdbx_validate_torsion.PDB_ins_code 
_pdbx_validate_torsion.label_alt_id 
_pdbx_validate_torsion.phi 
_pdbx_validate_torsion.psi 
1 1 SER A 57 ? ? -62.52  -104.04 
2 1 ALA A 72 ? ? -163.25 113.15  
3 1 ASP A 82 ? ? 59.92   -125.77 
4 1 THR A 91 ? ? -110.28 -162.17 
# 
loop_
_chem_comp_atom.comp_id 
_chem_comp_atom.atom_id 
_chem_comp_atom.type_symbol 
_chem_comp_atom.pdbx_aromatic_flag 
_chem_comp_atom.pdbx_stereo_config 
_chem_comp_atom.pdbx_ordinal 
ALA N    N N N 1   
ALA CA   C N S 2   
ALA C    C N N 3   
ALA O    O N N 4   
ALA CB   C N N 5   
ALA OXT  O N N 6   
ALA H    H N N 7   
ALA H2   H N N 8   
ALA HA   H N N 9   
ALA HB1  H N N 10  
ALA HB2  H N N 11  
ALA HB3  H N N 12  
ALA HXT  H N N 13  
ARG N    N N N 14  
ARG CA   C N S 15  
ARG C    C N N 16  
ARG O    O N N 17  
ARG CB   C N N 18  
ARG CG   C N N 19  
ARG CD   C N N 20  
ARG NE   N N N 21  
ARG CZ   C N N 22  
ARG NH1  N N N 23  
ARG NH2  N N N 24  
ARG OXT  O N N 25  
ARG H    H N N 26  
ARG H2   H N N 27  
ARG HA   H N N 28  
ARG HB2  H N N 29  
ARG HB3  H N N 30  
ARG HG2  H N N 31  
ARG HG3  H N N 32  
ARG HD2  H N N 33  
ARG HD3  H N N 34  
ARG HE   H N N 35  
ARG HH11 H N N 36  
ARG HH12 H N N 37  
ARG HH21 H N N 38  
ARG HH22 H N N 39  
ARG HXT  H N N 40  
ASN N    N N N 41  
ASN CA   C N S 42  
ASN C    C N N 43  
ASN O    O N N 44  
ASN CB   C N N 45  
ASN CG   C N N 46  
ASN OD1  O N N 47  
ASN ND2  N N N 48  
ASN OXT  O N N 49  
ASN H    H N N 50  
ASN H2   H N N 51  
ASN HA   H N N 52  
ASN HB2  H N N 53  
ASN HB3  H N N 54  
ASN HD21 H N N 55  
ASN HD22 H N N 56  
ASN HXT  H N N 57  
ASP N    N N N 58  
ASP CA   C N S 59  
ASP C    C N N 60  
ASP O    O N N 61  
ASP CB   C N N 62  
ASP CG   C N N 63  
ASP OD1  O N N 64  
ASP OD2  O N N 65  
ASP OXT  O N N 66  
ASP H    H N N 67  
ASP H2   H N N 68  
ASP HA   H N N 69  
ASP HB2  H N N 70  
ASP HB3  H N N 71  
ASP HD2  H N N 72  
ASP HXT  H N N 73  
CYS N    N N N 74  
CYS CA   C N R 75  
CYS C    C N N 76  
CYS O    O N N 77  
CYS CB   C N N 78  
CYS SG   S N N 79  
CYS OXT  O N N 80  
CYS H    H N N 81  
CYS H2   H N N 82  
CYS HA   H N N 83  
CYS HB2  H N N 84  
CYS HB3  H N N 85  
CYS HG   H N N 86  
CYS HXT  H N N 87  
GLN N    N N N 88  
GLN CA   C N S 89  
GLN C    C N N 90  
GLN O    O N N 91  
GLN CB   C N N 92  
GLN CG   C N N 93  
GLN CD   C N N 94  
GLN OE1  O N N 95  
GLN NE2  N N N 96  
GLN OXT  O N N 97  
GLN H    H N N 98  
GLN H2   H N N 99  
GLN HA   H N N 100 
GLN HB2  H N N 101 
GLN HB3  H N N 102 
GLN HG2  H N N 103 
GLN HG3  H N N 104 
GLN HE21 H N N 105 
GLN HE22 H N N 106 
GLN HXT  H N N 107 
GLU N    N N N 108 
GLU CA   C N S 109 
GLU C    C N N 110 
GLU O    O N N 111 
GLU CB   C N N 112 
GLU CG   C N N 113 
GLU CD   C N N 114 
GLU OE1  O N N 115 
GLU OE2  O N N 116 
GLU OXT  O N N 117 
GLU H    H N N 118 
GLU H2   H N N 119 
GLU HA   H N N 120 
GLU HB2  H N N 121 
GLU HB3  H N N 122 
GLU HG2  H N N 123 
GLU HG3  H N N 124 
GLU HE2  H N N 125 
GLU HXT  H N N 126 
GLY N    N N N 127 
GLY CA   C N N 128 
GLY C    C N N 129 
GLY O    O N N 130 
GLY OXT  O N N 131 
GLY H    H N N 132 
GLY H2   H N N 133 
GLY HA2  H N N 134 
GLY HA3  H N N 135 
GLY HXT  H N N 136 
GOL C1   C N N 137 
GOL O1   O N N 138 
GOL C2   C N N 139 
GOL O2   O N N 140 
GOL C3   C N N 141 
GOL O3   O N N 142 
GOL H11  H N N 143 
GOL H12  H N N 144 
GOL HO1  H N N 145 
GOL H2   H N N 146 
GOL HO2  H N N 147 
GOL H31  H N N 148 
GOL H32  H N N 149 
GOL HO3  H N N 150 
HIS N    N N N 151 
HIS CA   C N S 152 
HIS C    C N N 153 
HIS O    O N N 154 
HIS CB   C N N 155 
HIS CG   C Y N 156 
HIS ND1  N Y N 157 
HIS CD2  C Y N 158 
HIS CE1  C Y N 159 
HIS NE2  N Y N 160 
HIS OXT  O N N 161 
HIS H    H N N 162 
HIS H2   H N N 163 
HIS HA   H N N 164 
HIS HB2  H N N 165 
HIS HB3  H N N 166 
HIS HD1  H N N 167 
HIS HD2  H N N 168 
HIS HE1  H N N 169 
HIS HE2  H N N 170 
HIS HXT  H N N 171 
HOH O    O N N 172 
HOH H1   H N N 173 
HOH H2   H N N 174 
ILE N    N N N 175 
ILE CA   C N S 176 
ILE C    C N N 177 
ILE O    O N N 178 
ILE CB   C N S 179 
ILE CG1  C N N 180 
ILE CG2  C N N 181 
ILE CD1  C N N 182 
ILE OXT  O N N 183 
ILE H    H N N 184 
ILE H2   H N N 185 
ILE HA   H N N 186 
ILE HB   H N N 187 
ILE HG12 H N N 188 
ILE HG13 H N N 189 
ILE HG21 H N N 190 
ILE HG22 H N N 191 
ILE HG23 H N N 192 
ILE HD11 H N N 193 
ILE HD12 H N N 194 
ILE HD13 H N N 195 
ILE HXT  H N N 196 
LEU N    N N N 197 
LEU CA   C N S 198 
LEU C    C N N 199 
LEU O    O N N 200 
LEU CB   C N N 201 
LEU CG   C N N 202 
LEU CD1  C N N 203 
LEU CD2  C N N 204 
LEU OXT  O N N 205 
LEU H    H N N 206 
LEU H2   H N N 207 
LEU HA   H N N 208 
LEU HB2  H N N 209 
LEU HB3  H N N 210 
LEU HG   H N N 211 
LEU HD11 H N N 212 
LEU HD12 H N N 213 
LEU HD13 H N N 214 
LEU HD21 H N N 215 
LEU HD22 H N N 216 
LEU HD23 H N N 217 
LEU HXT  H N N 218 
LYS N    N N N 219 
LYS CA   C N S 220 
LYS C    C N N 221 
LYS O    O N N 222 
LYS CB   C N N 223 
LYS CG   C N N 224 
LYS CD   C N N 225 
LYS CE   C N N 226 
LYS NZ   N N N 227 
LYS OXT  O N N 228 
LYS H    H N N 229 
LYS H2   H N N 230 
LYS HA   H N N 231 
LYS HB2  H N N 232 
LYS HB3  H N N 233 
LYS HG2  H N N 234 
LYS HG3  H N N 235 
LYS HD2  H N N 236 
LYS HD3  H N N 237 
LYS HE2  H N N 238 
LYS HE3  H N N 239 
LYS HZ1  H N N 240 
LYS HZ2  H N N 241 
LYS HZ3  H N N 242 
LYS HXT  H N N 243 
MET N    N N N 244 
MET CA   C N S 245 
MET C    C N N 246 
MET O    O N N 247 
MET CB   C N N 248 
MET CG   C N N 249 
MET SD   S N N 250 
MET CE   C N N 251 
MET OXT  O N N 252 
MET H    H N N 253 
MET H2   H N N 254 
MET HA   H N N 255 
MET HB2  H N N 256 
MET HB3  H N N 257 
MET HG2  H N N 258 
MET HG3  H N N 259 
MET HE1  H N N 260 
MET HE2  H N N 261 
MET HE3  H N N 262 
MET HXT  H N N 263 
PHE N    N N N 264 
PHE CA   C N S 265 
PHE C    C N N 266 
PHE O    O N N 267 
PHE CB   C N N 268 
PHE CG   C Y N 269 
PHE CD1  C Y N 270 
PHE CD2  C Y N 271 
PHE CE1  C Y N 272 
PHE CE2  C Y N 273 
PHE CZ   C Y N 274 
PHE OXT  O N N 275 
PHE H    H N N 276 
PHE H2   H N N 277 
PHE HA   H N N 278 
PHE HB2  H N N 279 
PHE HB3  H N N 280 
PHE HD1  H N N 281 
PHE HD2  H N N 282 
PHE HE1  H N N 283 
PHE HE2  H N N 284 
PHE HZ   H N N 285 
PHE HXT  H N N 286 
PRO N    N N N 287 
PRO CA   C N S 288 
PRO C    C N N 289 
PRO O    O N N 290 
PRO CB   C N N 291 
PRO CG   C N N 292 
PRO CD   C N N 293 
PRO OXT  O N N 294 
PRO H    H N N 295 
PRO HA   H N N 296 
PRO HB2  H N N 297 
PRO HB3  H N N 298 
PRO HG2  H N N 299 
PRO HG3  H N N 300 
PRO HD2  H N N 301 
PRO HD3  H N N 302 
PRO HXT  H N N 303 
SER N    N N N 304 
SER CA   C N S 305 
SER C    C N N 306 
SER O    O N N 307 
SER CB   C N N 308 
SER OG   O N N 309 
SER OXT  O N N 310 
SER H    H N N 311 
SER H2   H N N 312 
SER HA   H N N 313 
SER HB2  H N N 314 
SER HB3  H N N 315 
SER HG   H N N 316 
SER HXT  H N N 317 
THR N    N N N 318 
THR CA   C N S 319 
THR C    C N N 320 
THR O    O N N 321 
THR CB   C N R 322 
THR OG1  O N N 323 
THR CG2  C N N 324 
THR OXT  O N N 325 
THR H    H N N 326 
THR H2   H N N 327 
THR HA   H N N 328 
THR HB   H N N 329 
THR HG1  H N N 330 
THR HG21 H N N 331 
THR HG22 H N N 332 
THR HG23 H N N 333 
THR HXT  H N N 334 
TRP N    N N N 335 
TRP CA   C N S 336 
TRP C    C N N 337 
TRP O    O N N 338 
TRP CB   C N N 339 
TRP CG   C Y N 340 
TRP CD1  C Y N 341 
TRP CD2  C Y N 342 
TRP NE1  N Y N 343 
TRP CE2  C Y N 344 
TRP CE3  C Y N 345 
TRP CZ2  C Y N 346 
TRP CZ3  C Y N 347 
TRP CH2  C Y N 348 
TRP OXT  O N N 349 
TRP H    H N N 350 
TRP H2   H N N 351 
TRP HA   H N N 352 
TRP HB2  H N N 353 
TRP HB3  H N N 354 
TRP HD1  H N N 355 
TRP HE1  H N N 356 
TRP HE3  H N N 357 
TRP HZ2  H N N 358 
TRP HZ3  H N N 359 
TRP HH2  H N N 360 
TRP HXT  H N N 361 
TYR N    N N N 362 
TYR CA   C N S 363 
TYR C    C N N 364 
TYR O    O N N 365 
TYR CB   C N N 366 
TYR CG   C Y N 367 
TYR CD1  C Y N 368 
TYR CD2  C Y N 369 
TYR CE1  C Y N 370 
TYR CE2  C Y N 371 
TYR CZ   C Y N 372 
TYR OH   O N N 373 
TYR OXT  O N N 374 
TYR H    H N N 375 
TYR H2   H N N 376 
TYR HA   H N N 377 
TYR HB2  H N N 378 
TYR HB3  H N N 379 
TYR HD1  H N N 380 
TYR HD2  H N N 381 
TYR HE1  H N N 382 
TYR HE2  H N N 383 
TYR HH   H N N 384 
TYR HXT  H N N 385 
VAL N    N N N 386 
VAL CA   C N S 387 
VAL C    C N N 388 
VAL O    O N N 389 
VAL CB   C N N 390 
VAL CG1  C N N 391 
VAL CG2  C N N 392 
VAL OXT  O N N 393 
VAL H    H N N 394 
VAL H2   H N N 395 
VAL HA   H N N 396 
VAL HB   H N N 397 
VAL HG11 H N N 398 
VAL HG12 H N N 399 
VAL HG13 H N N 400 
VAL HG21 H N N 401 
VAL HG22 H N N 402 
VAL HG23 H N N 403 
VAL HXT  H N N 404 
# 
loop_
_chem_comp_bond.comp_id 
_chem_comp_bond.atom_id_1 
_chem_comp_bond.atom_id_2 
_chem_comp_bond.value_order 
_chem_comp_bond.pdbx_aromatic_flag 
_chem_comp_bond.pdbx_stereo_config 
_chem_comp_bond.pdbx_ordinal 
ALA N   CA   sing N N 1   
ALA N   H    sing N N 2   
ALA N   H2   sing N N 3   
ALA CA  C    sing N N 4   
ALA CA  CB   sing N N 5   
ALA CA  HA   sing N N 6   
ALA C   O    doub N N 7   
ALA C   OXT  sing N N 8   
ALA CB  HB1  sing N N 9   
ALA CB  HB2  sing N N 10  
ALA CB  HB3  sing N N 11  
ALA OXT HXT  sing N N 12  
ARG N   CA   sing N N 13  
ARG N   H    sing N N 14  
ARG N   H2   sing N N 15  
ARG CA  C    sing N N 16  
ARG CA  CB   sing N N 17  
ARG CA  HA   sing N N 18  
ARG C   O    doub N N 19  
ARG C   OXT  sing N N 20  
ARG CB  CG   sing N N 21  
ARG CB  HB2  sing N N 22  
ARG CB  HB3  sing N N 23  
ARG CG  CD   sing N N 24  
ARG CG  HG2  sing N N 25  
ARG CG  HG3  sing N N 26  
ARG CD  NE   sing N N 27  
ARG CD  HD2  sing N N 28  
ARG CD  HD3  sing N N 29  
ARG NE  CZ   sing N N 30  
ARG NE  HE   sing N N 31  
ARG CZ  NH1  sing N N 32  
ARG CZ  NH2  doub N N 33  
ARG NH1 HH11 sing N N 34  
ARG NH1 HH12 sing N N 35  
ARG NH2 HH21 sing N N 36  
ARG NH2 HH22 sing N N 37  
ARG OXT HXT  sing N N 38  
ASN N   CA   sing N N 39  
ASN N   H    sing N N 40  
ASN N   H2   sing N N 41  
ASN CA  C    sing N N 42  
ASN CA  CB   sing N N 43  
ASN CA  HA   sing N N 44  
ASN C   O    doub N N 45  
ASN C   OXT  sing N N 46  
ASN CB  CG   sing N N 47  
ASN CB  HB2  sing N N 48  
ASN CB  HB3  sing N N 49  
ASN CG  OD1  doub N N 50  
ASN CG  ND2  sing N N 51  
ASN ND2 HD21 sing N N 52  
ASN ND2 HD22 sing N N 53  
ASN OXT HXT  sing N N 54  
ASP N   CA   sing N N 55  
ASP N   H    sing N N 56  
ASP N   H2   sing N N 57  
ASP CA  C    sing N N 58  
ASP CA  CB   sing N N 59  
ASP CA  HA   sing N N 60  
ASP C   O    doub N N 61  
ASP C   OXT  sing N N 62  
ASP CB  CG   sing N N 63  
ASP CB  HB2  sing N N 64  
ASP CB  HB3  sing N N 65  
ASP CG  OD1  doub N N 66  
ASP CG  OD2  sing N N 67  
ASP OD2 HD2  sing N N 68  
ASP OXT HXT  sing N N 69  
CYS N   CA   sing N N 70  
CYS N   H    sing N N 71  
CYS N   H2   sing N N 72  
CYS CA  C    sing N N 73  
CYS CA  CB   sing N N 74  
CYS CA  HA   sing N N 75  
CYS C   O    doub N N 76  
CYS C   OXT  sing N N 77  
CYS CB  SG   sing N N 78  
CYS CB  HB2  sing N N 79  
CYS CB  HB3  sing N N 80  
CYS SG  HG   sing N N 81  
CYS OXT HXT  sing N N 82  
GLN N   CA   sing N N 83  
GLN N   H    sing N N 84  
GLN N   H2   sing N N 85  
GLN CA  C    sing N N 86  
GLN CA  CB   sing N N 87  
GLN CA  HA   sing N N 88  
GLN C   O    doub N N 89  
GLN C   OXT  sing N N 90  
GLN CB  CG   sing N N 91  
GLN CB  HB2  sing N N 92  
GLN CB  HB3  sing N N 93  
GLN CG  CD   sing N N 94  
GLN CG  HG2  sing N N 95  
GLN CG  HG3  sing N N 96  
GLN CD  OE1  doub N N 97  
GLN CD  NE2  sing N N 98  
GLN NE2 HE21 sing N N 99  
GLN NE2 HE22 sing N N 100 
GLN OXT HXT  sing N N 101 
GLU N   CA   sing N N 102 
GLU N   H    sing N N 103 
GLU N   H2   sing N N 104 
GLU CA  C    sing N N 105 
GLU CA  CB   sing N N 106 
GLU CA  HA   sing N N 107 
GLU C   O    doub N N 108 
GLU C   OXT  sing N N 109 
GLU CB  CG   sing N N 110 
GLU CB  HB2  sing N N 111 
GLU CB  HB3  sing N N 112 
GLU CG  CD   sing N N 113 
GLU CG  HG2  sing N N 114 
GLU CG  HG3  sing N N 115 
GLU CD  OE1  doub N N 116 
GLU CD  OE2  sing N N 117 
GLU OE2 HE2  sing N N 118 
GLU OXT HXT  sing N N 119 
GLY N   CA   sing N N 120 
GLY N   H    sing N N 121 
GLY N   H2   sing N N 122 
GLY CA  C    sing N N 123 
GLY CA  HA2  sing N N 124 
GLY CA  HA3  sing N N 125 
GLY C   O    doub N N 126 
GLY C   OXT  sing N N 127 
GLY OXT HXT  sing N N 128 
GOL C1  O1   sing N N 129 
GOL C1  C2   sing N N 130 
GOL C1  H11  sing N N 131 
GOL C1  H12  sing N N 132 
GOL O1  HO1  sing N N 133 
GOL C2  O2   sing N N 134 
GOL C2  C3   sing N N 135 
GOL C2  H2   sing N N 136 
GOL O2  HO2  sing N N 137 
GOL C3  O3   sing N N 138 
GOL C3  H31  sing N N 139 
GOL C3  H32  sing N N 140 
GOL O3  HO3  sing N N 141 
HIS N   CA   sing N N 142 
HIS N   H    sing N N 143 
HIS N   H2   sing N N 144 
HIS CA  C    sing N N 145 
HIS CA  CB   sing N N 146 
HIS CA  HA   sing N N 147 
HIS C   O    doub N N 148 
HIS C   OXT  sing N N 149 
HIS CB  CG   sing N N 150 
HIS CB  HB2  sing N N 151 
HIS CB  HB3  sing N N 152 
HIS CG  ND1  sing Y N 153 
HIS CG  CD2  doub Y N 154 
HIS ND1 CE1  doub Y N 155 
HIS ND1 HD1  sing N N 156 
HIS CD2 NE2  sing Y N 157 
HIS CD2 HD2  sing N N 158 
HIS CE1 NE2  sing Y N 159 
HIS CE1 HE1  sing N N 160 
HIS NE2 HE2  sing N N 161 
HIS OXT HXT  sing N N 162 
HOH O   H1   sing N N 163 
HOH O   H2   sing N N 164 
ILE N   CA   sing N N 165 
ILE N   H    sing N N 166 
ILE N   H2   sing N N 167 
ILE CA  C    sing N N 168 
ILE CA  CB   sing N N 169 
ILE CA  HA   sing N N 170 
ILE C   O    doub N N 171 
ILE C   OXT  sing N N 172 
ILE CB  CG1  sing N N 173 
ILE CB  CG2  sing N N 174 
ILE CB  HB   sing N N 175 
ILE CG1 CD1  sing N N 176 
ILE CG1 HG12 sing N N 177 
ILE CG1 HG13 sing N N 178 
ILE CG2 HG21 sing N N 179 
ILE CG2 HG22 sing N N 180 
ILE CG2 HG23 sing N N 181 
ILE CD1 HD11 sing N N 182 
ILE CD1 HD12 sing N N 183 
ILE CD1 HD13 sing N N 184 
ILE OXT HXT  sing N N 185 
LEU N   CA   sing N N 186 
LEU N   H    sing N N 187 
LEU N   H2   sing N N 188 
LEU CA  C    sing N N 189 
LEU CA  CB   sing N N 190 
LEU CA  HA   sing N N 191 
LEU C   O    doub N N 192 
LEU C   OXT  sing N N 193 
LEU CB  CG   sing N N 194 
LEU CB  HB2  sing N N 195 
LEU CB  HB3  sing N N 196 
LEU CG  CD1  sing N N 197 
LEU CG  CD2  sing N N 198 
LEU CG  HG   sing N N 199 
LEU CD1 HD11 sing N N 200 
LEU CD1 HD12 sing N N 201 
LEU CD1 HD13 sing N N 202 
LEU CD2 HD21 sing N N 203 
LEU CD2 HD22 sing N N 204 
LEU CD2 HD23 sing N N 205 
LEU OXT HXT  sing N N 206 
LYS N   CA   sing N N 207 
LYS N   H    sing N N 208 
LYS N   H2   sing N N 209 
LYS CA  C    sing N N 210 
LYS CA  CB   sing N N 211 
LYS CA  HA   sing N N 212 
LYS C   O    doub N N 213 
LYS C   OXT  sing N N 214 
LYS CB  CG   sing N N 215 
LYS CB  HB2  sing N N 216 
LYS CB  HB3  sing N N 217 
LYS CG  CD   sing N N 218 
LYS CG  HG2  sing N N 219 
LYS CG  HG3  sing N N 220 
LYS CD  CE   sing N N 221 
LYS CD  HD2  sing N N 222 
LYS CD  HD3  sing N N 223 
LYS CE  NZ   sing N N 224 
LYS CE  HE2  sing N N 225 
LYS CE  HE3  sing N N 226 
LYS NZ  HZ1  sing N N 227 
LYS NZ  HZ2  sing N N 228 
LYS NZ  HZ3  sing N N 229 
LYS OXT HXT  sing N N 230 
MET N   CA   sing N N 231 
MET N   H    sing N N 232 
MET N   H2   sing N N 233 
MET CA  C    sing N N 234 
MET CA  CB   sing N N 235 
MET CA  HA   sing N N 236 
MET C   O    doub N N 237 
MET C   OXT  sing N N 238 
MET CB  CG   sing N N 239 
MET CB  HB2  sing N N 240 
MET CB  HB3  sing N N 241 
MET CG  SD   sing N N 242 
MET CG  HG2  sing N N 243 
MET CG  HG3  sing N N 244 
MET SD  CE   sing N N 245 
MET CE  HE1  sing N N 246 
MET CE  HE2  sing N N 247 
MET CE  HE3  sing N N 248 
MET OXT HXT  sing N N 249 
PHE N   CA   sing N N 250 
PHE N   H    sing N N 251 
PHE N   H2   sing N N 252 
PHE CA  C    sing N N 253 
PHE CA  CB   sing N N 254 
PHE CA  HA   sing N N 255 
PHE C   O    doub N N 256 
PHE C   OXT  sing N N 257 
PHE CB  CG   sing N N 258 
PHE CB  HB2  sing N N 259 
PHE CB  HB3  sing N N 260 
PHE CG  CD1  doub Y N 261 
PHE CG  CD2  sing Y N 262 
PHE CD1 CE1  sing Y N 263 
PHE CD1 HD1  sing N N 264 
PHE CD2 CE2  doub Y N 265 
PHE CD2 HD2  sing N N 266 
PHE CE1 CZ   doub Y N 267 
PHE CE1 HE1  sing N N 268 
PHE CE2 CZ   sing Y N 269 
PHE CE2 HE2  sing N N 270 
PHE CZ  HZ   sing N N 271 
PHE OXT HXT  sing N N 272 
PRO N   CA   sing N N 273 
PRO N   CD   sing N N 274 
PRO N   H    sing N N 275 
PRO CA  C    sing N N 276 
PRO CA  CB   sing N N 277 
PRO CA  HA   sing N N 278 
PRO C   O    doub N N 279 
PRO C   OXT  sing N N 280 
PRO CB  CG   sing N N 281 
PRO CB  HB2  sing N N 282 
PRO CB  HB3  sing N N 283 
PRO CG  CD   sing N N 284 
PRO CG  HG2  sing N N 285 
PRO CG  HG3  sing N N 286 
PRO CD  HD2  sing N N 287 
PRO CD  HD3  sing N N 288 
PRO OXT HXT  sing N N 289 
SER N   CA   sing N N 290 
SER N   H    sing N N 291 
SER N   H2   sing N N 292 
SER CA  C    sing N N 293 
SER CA  CB   sing N N 294 
SER CA  HA   sing N N 295 
SER C   O    doub N N 296 
SER C   OXT  sing N N 297 
SER CB  OG   sing N N 298 
SER CB  HB2  sing N N 299 
SER CB  HB3  sing N N 300 
SER OG  HG   sing N N 301 
SER OXT HXT  sing N N 302 
THR N   CA   sing N N 303 
THR N   H    sing N N 304 
THR N   H2   sing N N 305 
THR CA  C    sing N N 306 
THR CA  CB   sing N N 307 
THR CA  HA   sing N N 308 
THR C   O    doub N N 309 
THR C   OXT  sing N N 310 
THR CB  OG1  sing N N 311 
THR CB  CG2  sing N N 312 
THR CB  HB   sing N N 313 
THR OG1 HG1  sing N N 314 
THR CG2 HG21 sing N N 315 
THR CG2 HG22 sing N N 316 
THR CG2 HG23 sing N N 317 
THR OXT HXT  sing N N 318 
TRP N   CA   sing N N 319 
TRP N   H    sing N N 320 
TRP N   H2   sing N N 321 
TRP CA  C    sing N N 322 
TRP CA  CB   sing N N 323 
TRP CA  HA   sing N N 324 
TRP C   O    doub N N 325 
TRP C   OXT  sing N N 326 
TRP CB  CG   sing N N 327 
TRP CB  HB2  sing N N 328 
TRP CB  HB3  sing N N 329 
TRP CG  CD1  doub Y N 330 
TRP CG  CD2  sing Y N 331 
TRP CD1 NE1  sing Y N 332 
TRP CD1 HD1  sing N N 333 
TRP CD2 CE2  doub Y N 334 
TRP CD2 CE3  sing Y N 335 
TRP NE1 CE2  sing Y N 336 
TRP NE1 HE1  sing N N 337 
TRP CE2 CZ2  sing Y N 338 
TRP CE3 CZ3  doub Y N 339 
TRP CE3 HE3  sing N N 340 
TRP CZ2 CH2  doub Y N 341 
TRP CZ2 HZ2  sing N N 342 
TRP CZ3 CH2  sing Y N 343 
TRP CZ3 HZ3  sing N N 344 
TRP CH2 HH2  sing N N 345 
TRP OXT HXT  sing N N 346 
TYR N   CA   sing N N 347 
TYR N   H    sing N N 348 
TYR N   H2   sing N N 349 
TYR CA  C    sing N N 350 
TYR CA  CB   sing N N 351 
TYR CA  HA   sing N N 352 
TYR C   O    doub N N 353 
TYR C   OXT  sing N N 354 
TYR CB  CG   sing N N 355 
TYR CB  HB2  sing N N 356 
TYR CB  HB3  sing N N 357 
TYR CG  CD1  doub Y N 358 
TYR CG  CD2  sing Y N 359 
TYR CD1 CE1  sing Y N 360 
TYR CD1 HD1  sing N N 361 
TYR CD2 CE2  doub Y N 362 
TYR CD2 HD2  sing N N 363 
TYR CE1 CZ   doub Y N 364 
TYR CE1 HE1  sing N N 365 
TYR CE2 CZ   sing Y N 366 
TYR CE2 HE2  sing N N 367 
TYR CZ  OH   sing N N 368 
TYR OH  HH   sing N N 369 
TYR OXT HXT  sing N N 370 
VAL N   CA   sing N N 371 
VAL N   H    sing N N 372 
VAL N   H2   sing N N 373 
VAL CA  C    sing N N 374 
VAL CA  CB   sing N N 375 
VAL CA  HA   sing N N 376 
VAL C   O    doub N N 377 
VAL C   OXT  sing N N 378 
VAL CB  CG1  sing N N 379 
VAL CB  CG2  sing N N 380 
VAL CB  HB   sing N N 381 
VAL CG1 HG11 sing N N 382 
VAL CG1 HG12 sing N N 383 
VAL CG1 HG13 sing N N 384 
VAL CG2 HG21 sing N N 385 
VAL CG2 HG22 sing N N 386 
VAL CG2 HG23 sing N N 387 
VAL OXT HXT  sing N N 388 
# 
loop_
_pdbx_entity_nonpoly.entity_id 
_pdbx_entity_nonpoly.name 
_pdbx_entity_nonpoly.comp_id 
2 GLYCEROL GOL 
3 water    HOH 
# 
_pdbx_initial_refinement_model.id               1 
_pdbx_initial_refinement_model.entity_id_list   ? 
_pdbx_initial_refinement_model.type             'experimental model' 
_pdbx_initial_refinement_model.source_name      PDB 
_pdbx_initial_refinement_model.accession_code   1YPR 
_pdbx_initial_refinement_model.details          'PDB ENTRY 1YPR' 
# 
